data_6YUP
#
_entry.id   6YUP
#
_cell.length_a   1.00
_cell.length_b   1.00
_cell.length_c   1.00
_cell.angle_alpha   90.00
_cell.angle_beta   90.00
_cell.angle_gamma   90.00
#
_symmetry.space_group_name_H-M   'P 1'
#
loop_
_entity.id
_entity.type
_entity.pdbx_description
1 polymer 'Neutral and basic amino acid transport protein rBAT'
2 polymer 'b(0,+)-type amino acid transporter 1'
3 non-polymer 2-acetamido-2-deoxy-beta-D-glucopyranose
4 non-polymer 'CALCIUM ION'
#
loop_
_entity_poly.entity_id
_entity_poly.type
_entity_poly.pdbx_seq_one_letter_code
_entity_poly.pdbx_strand_id
1 'polypeptide(L)'
;MAEDKSKRDSIEMSMKGCQTNNGFVHNEDILEQTPDPGSSTDNLKHSTRGILGSQEPDFKGVQPYAGMPKEVLFQFSGQA
RYRIPREILFWLTVASVLVLIAATIAIIALSPKCLDWWQEGPMYQIYPRSFKDSNKDGNGDLKGIQDKLDYITALNIKTV
WITSFYKSSLKDFRYGVEDFREVDPIFGTMEDFENLVAAIHDKGLKLIIDFIPNHTSDKHIWFQLSRTRTGKYTDYYIWH
DCTHENGKTIPPNNWLSVYGNSSWHFDEVRNQCYFHQFMKEQPDLNFRNPDVQEEIKEILRFWLTKGVDGFSLDAVKFLL
EAKHLRDEIQVNKTQIPDTVTQYSELYHDFTTTQVGMHDIVRSFRQTMDQYSTEPGRYRFMGTEAYAESIDRTVMYYGLP
FIQEADFPFNNYLSMLDTVSGNSVYEVITSWMENMPEGKWPNWMIGGPDSSRLTSRLGNQYVNVMNMLLFTLPGTPITYY
GEEIGMGNIVAANLNESYDINTLRSKSPMQWDNSSNAGFSEASNTWLPTNSDYHTVNVDVQKTQPRSALKLYQDLSLLHA
NELLLNRGWFCHLRNDSHYVVYTRELDGIDRIFIVVLNFGESTLLNLHNMISGLPAKMRIRLSTNSADKGSKVDTSGIFL
DKGEGLIFEHNTKNLLHRQTAFRDRCFVSNRACYSSVLNILYTSC
;
A,C
2 'polypeptide(L)'
;MGDTGLRKRREDEKSIQSQEPKTTSLQKELGLISGISIIVGTIIGSGIFVSPKSVLSNTEAVGPCLIIWAACGVLATLGA
LCFAELGTMITKSGGEYPYLMEAYGPIPAYLFSWASLIVIKPTSFAIICLSFSEYVCAPFYVGCKPPQIVVKCLAAAAIL
FISTVNSLSVRLGSYVQNIFTAAKLVIVAIIIISGLVLLAQGNTKNFDNSFEGAQLSVGAISLAFYNGLWAYDGWNQLNY
ITEELRNPYRNLPLAIIIGIPLVTACYILMNVSYFTVMTATELLQSQAVAVTFGDRVLYPASWIVPLFVAFSTIGAANGT
CFTAGRLIYVAGREGHMLKVLSYISVRRLTPAPAIIFYGIIATIYIIPGDINSLVNYFSFAAWLFYGLTILGLIVMRFTR
KELERPIKVPVVIPVLMTLISVFLVLAPIISKPTWEYLYCVLFILSGLLFYFLFVHYKFGWAQKISKPITMHLQMLMEVV
PPEEDPE
;
D,E
#
loop_
_chem_comp.id
_chem_comp.type
_chem_comp.name
_chem_comp.formula
CA non-polymer 'CALCIUM ION' 'Ca 2'
NAG D-saccharide, beta linking 2-acetamido-2-deoxy-beta-D-glucopyranose 'C8 H15 N O6'
#
# COMPACT_ATOMS: atom_id res chain seq x y z
N LEU A 92 36.12 25.66 -1.56
CA LEU A 92 36.25 24.26 -1.96
C LEU A 92 35.53 23.37 -0.96
N THR A 93 35.62 23.71 0.31
CA THR A 93 34.96 22.93 1.36
C THR A 93 33.45 23.02 1.23
N VAL A 94 32.93 24.16 0.78
CA VAL A 94 31.49 24.34 0.66
C VAL A 94 30.94 23.44 -0.44
N ALA A 95 31.78 23.04 -1.40
CA ALA A 95 31.36 22.07 -2.40
C ALA A 95 31.59 20.64 -1.91
N SER A 96 32.60 20.44 -1.05
CA SER A 96 32.91 19.11 -0.58
C SER A 96 31.91 18.62 0.45
N VAL A 97 31.20 19.54 1.12
CA VAL A 97 30.27 19.12 2.16
C VAL A 97 29.01 18.53 1.54
N LEU A 98 28.55 19.10 0.42
CA LEU A 98 27.36 18.55 -0.24
C LEU A 98 27.71 17.31 -1.05
N VAL A 99 28.95 17.23 -1.55
CA VAL A 99 29.35 16.03 -2.28
C VAL A 99 29.38 14.82 -1.34
N LEU A 100 29.50 15.07 -0.04
CA LEU A 100 29.37 13.98 0.92
C LEU A 100 27.90 13.63 1.17
N ILE A 101 27.05 14.64 1.34
CA ILE A 101 25.63 14.38 1.53
C ILE A 101 25.03 13.71 0.31
N ALA A 102 25.50 14.09 -0.89
CA ALA A 102 25.04 13.42 -2.09
C ALA A 102 25.53 11.98 -2.14
N ALA A 103 26.69 11.72 -1.53
CA ALA A 103 27.19 10.34 -1.48
C ALA A 103 26.41 9.49 -0.50
N THR A 104 26.06 10.06 0.66
CA THR A 104 25.29 9.31 1.65
C THR A 104 23.87 9.03 1.15
N ILE A 105 23.22 10.03 0.56
CA ILE A 105 21.87 9.83 0.05
C ILE A 105 21.87 8.86 -1.13
N ALA A 106 23.01 8.70 -1.81
CA ALA A 106 23.12 7.71 -2.86
C ALA A 106 23.29 6.31 -2.29
N ILE A 107 24.03 6.18 -1.19
CA ILE A 107 24.21 4.87 -0.57
C ILE A 107 22.89 4.38 0.03
N ILE A 108 22.15 5.27 0.68
CA ILE A 108 20.86 4.89 1.24
C ILE A 108 19.86 4.52 0.14
N ALA A 109 19.93 5.19 -1.01
CA ALA A 109 19.01 4.90 -2.09
C ALA A 109 19.41 3.66 -2.89
N LEU A 110 20.70 3.30 -2.90
CA LEU A 110 21.18 2.15 -3.64
C LEU A 110 21.36 0.92 -2.76
N SER A 111 21.20 1.04 -1.45
CA SER A 111 21.35 -0.11 -0.57
C SER A 111 20.11 -0.99 -0.67
N PRO A 112 20.25 -2.28 -0.97
CA PRO A 112 19.09 -3.16 -1.05
C PRO A 112 18.52 -3.44 0.33
N LYS A 113 17.32 -4.02 0.33
CA LYS A 113 16.68 -4.38 1.60
C LYS A 113 17.43 -5.54 2.24
N CYS A 114 17.71 -5.42 3.54
CA CYS A 114 18.43 -6.46 4.25
C CYS A 114 17.58 -7.72 4.33
N LEU A 115 18.27 -8.87 4.28
CA LEU A 115 17.57 -10.15 4.35
C LEU A 115 16.94 -10.35 5.71
N ASP A 116 15.69 -10.80 5.71
CA ASP A 116 14.98 -11.05 6.95
C ASP A 116 15.57 -12.26 7.68
N TRP A 117 15.08 -12.49 8.90
CA TRP A 117 15.60 -13.59 9.70
C TRP A 117 15.25 -14.95 9.10
N TRP A 118 14.16 -15.02 8.33
CA TRP A 118 13.77 -16.27 7.70
C TRP A 118 14.46 -16.52 6.37
N GLN A 119 15.18 -15.52 5.84
CA GLN A 119 15.92 -15.70 4.59
C GLN A 119 17.35 -16.14 4.82
N GLU A 120 18.01 -15.59 5.84
CA GLU A 120 19.38 -15.94 6.19
C GLU A 120 19.37 -16.80 7.45
N GLY A 121 20.22 -17.83 7.46
CA GLY A 121 20.31 -18.74 8.57
C GLY A 121 19.43 -19.96 8.39
N PRO A 122 19.99 -21.14 8.64
CA PRO A 122 19.22 -22.37 8.47
C PRO A 122 18.23 -22.59 9.60
N MET A 123 17.27 -23.48 9.33
CA MET A 123 16.29 -23.91 10.32
C MET A 123 16.58 -25.33 10.76
N TYR A 124 16.25 -25.63 12.02
CA TYR A 124 16.50 -26.94 12.61
C TYR A 124 15.19 -27.42 13.24
N GLN A 125 14.35 -28.06 12.43
CA GLN A 125 13.06 -28.53 12.91
C GLN A 125 13.23 -29.54 14.03
N ILE A 126 12.53 -29.32 15.14
CA ILE A 126 12.68 -30.12 16.36
C ILE A 126 11.35 -30.75 16.70
N TYR A 127 11.36 -32.04 16.97
CA TYR A 127 10.18 -32.73 17.49
C TYR A 127 10.13 -32.56 19.01
N PRO A 128 9.07 -31.96 19.55
CA PRO A 128 9.07 -31.64 21.00
C PRO A 128 9.03 -32.85 21.91
N ARG A 129 8.61 -34.02 21.41
CA ARG A 129 8.49 -35.19 22.25
C ARG A 129 9.70 -36.11 22.19
N SER A 130 10.59 -35.92 21.23
CA SER A 130 11.75 -36.80 21.04
C SER A 130 13.03 -35.99 20.90
N PHE A 131 13.16 -34.91 21.66
CA PHE A 131 14.36 -34.08 21.63
C PHE A 131 15.12 -34.13 22.95
N LYS A 132 14.47 -33.81 24.06
CA LYS A 132 15.13 -33.81 25.37
C LYS A 132 14.07 -33.78 26.45
N ASP A 133 14.27 -34.60 27.49
CA ASP A 133 13.36 -34.69 28.62
C ASP A 133 14.05 -34.15 29.87
N SER A 134 13.29 -33.39 30.67
CA SER A 134 13.83 -32.77 31.87
C SER A 134 13.14 -33.23 33.15
N ASN A 135 11.81 -33.27 33.17
CA ASN A 135 11.08 -33.64 34.38
C ASN A 135 11.10 -35.14 34.65
N LYS A 136 11.80 -35.93 33.83
CA LYS A 136 11.99 -37.36 34.05
C LYS A 136 10.64 -38.09 34.09
N ASP A 137 9.91 -38.02 32.98
CA ASP A 137 8.63 -38.71 32.86
C ASP A 137 8.60 -39.72 31.73
N GLY A 138 9.48 -39.61 30.74
CA GLY A 138 9.50 -40.53 29.62
C GLY A 138 9.34 -39.85 28.29
N ASN A 139 8.66 -38.71 28.28
CA ASN A 139 8.39 -37.95 27.07
C ASN A 139 9.16 -36.64 27.08
N GLY A 140 9.50 -36.16 25.89
CA GLY A 140 10.17 -34.88 25.78
C GLY A 140 9.26 -33.73 26.16
N ASP A 141 9.89 -32.61 26.52
CA ASP A 141 9.16 -31.44 26.94
C ASP A 141 9.82 -30.18 26.37
N LEU A 142 9.14 -29.05 26.54
CA LEU A 142 9.68 -27.78 26.08
C LEU A 142 10.85 -27.31 26.94
N LYS A 143 10.91 -27.75 28.21
CA LYS A 143 12.03 -27.39 29.06
C LYS A 143 13.32 -28.06 28.59
N GLY A 144 13.22 -29.28 28.07
CA GLY A 144 14.39 -29.96 27.55
C GLY A 144 14.99 -29.28 26.34
N ILE A 145 14.16 -28.59 25.55
CA ILE A 145 14.68 -27.83 24.42
C ILE A 145 15.42 -26.59 24.90
N GLN A 146 14.98 -26.01 26.02
CA GLN A 146 15.67 -24.85 26.58
C GLN A 146 17.03 -25.25 27.15
N ASP A 147 17.13 -26.44 27.73
CA ASP A 147 18.41 -26.89 28.28
C ASP A 147 19.42 -27.14 27.17
N LYS A 148 18.98 -27.61 26.01
CA LYS A 148 19.85 -27.86 24.87
C LYS A 148 19.86 -26.70 23.86
N LEU A 149 19.56 -25.49 24.32
CA LEU A 149 19.54 -24.34 23.42
C LEU A 149 20.94 -23.95 22.97
N ASP A 150 21.95 -24.18 23.82
CA ASP A 150 23.32 -23.84 23.46
C ASP A 150 23.85 -24.71 22.32
N TYR A 151 23.34 -25.93 22.20
CA TYR A 151 23.74 -26.80 21.09
C TYR A 151 23.12 -26.33 19.78
N ILE A 152 21.93 -25.73 19.83
CA ILE A 152 21.30 -25.22 18.62
C ILE A 152 22.10 -24.07 18.05
N THR A 153 22.61 -23.18 18.91
CA THR A 153 23.44 -22.07 18.43
C THR A 153 24.80 -22.56 17.95
N ALA A 154 25.26 -23.70 18.46
CA ALA A 154 26.55 -24.25 18.02
C ALA A 154 26.50 -24.70 16.56
N LEU A 155 25.32 -25.00 16.03
CA LEU A 155 25.16 -25.38 14.63
C LEU A 155 24.84 -24.19 13.74
N ASN A 156 24.97 -22.95 14.26
CA ASN A 156 24.67 -21.74 13.51
C ASN A 156 23.23 -21.74 13.00
N ILE A 157 22.31 -22.21 13.84
CA ILE A 157 20.90 -22.31 13.48
C ILE A 157 20.21 -21.00 13.84
N LYS A 158 19.33 -20.53 12.95
CA LYS A 158 18.60 -19.29 13.13
C LYS A 158 17.20 -19.50 13.67
N THR A 159 16.45 -20.45 13.12
CA THR A 159 15.07 -20.71 13.52
C THR A 159 14.91 -22.15 13.95
N VAL A 160 13.95 -22.38 14.85
CA VAL A 160 13.74 -23.69 15.45
C VAL A 160 12.63 -24.46 14.75
N TRP A 161 11.46 -23.85 14.57
CA TRP A 161 10.30 -24.49 13.95
C TRP A 161 9.90 -25.76 14.72
N ILE A 162 9.46 -25.54 15.95
CA ILE A 162 9.01 -26.64 16.80
C ILE A 162 7.74 -27.22 16.22
N THR A 163 7.69 -28.55 16.14
CA THR A 163 6.51 -29.24 15.65
C THR A 163 5.35 -29.05 16.63
N SER A 164 4.13 -29.12 16.10
CA SER A 164 2.90 -28.85 16.83
C SER A 164 2.89 -29.46 18.23
N PHE A 165 2.70 -28.60 19.24
CA PHE A 165 2.66 -29.00 20.64
C PHE A 165 1.43 -28.33 21.28
N TYR A 166 0.30 -29.01 21.23
CA TYR A 166 -0.95 -28.52 21.78
C TYR A 166 -1.62 -29.60 22.60
N LYS A 167 -2.68 -29.22 23.31
CA LYS A 167 -3.52 -30.18 24.00
C LYS A 167 -4.35 -30.94 22.97
N SER A 168 -3.86 -32.09 22.54
CA SER A 168 -4.45 -32.83 21.43
C SER A 168 -4.88 -34.21 21.92
N SER A 169 -6.11 -34.61 21.54
CA SER A 169 -6.57 -35.96 21.79
C SER A 169 -6.00 -36.96 20.80
N LEU A 170 -5.41 -36.50 19.70
CA LEU A 170 -4.79 -37.34 18.70
C LEU A 170 -3.41 -36.75 18.37
N LYS A 171 -2.36 -37.37 18.90
CA LYS A 171 -1.01 -36.85 18.71
C LYS A 171 -0.49 -37.03 17.30
N ASP A 172 -1.18 -37.82 16.46
CA ASP A 172 -0.76 -38.01 15.08
C ASP A 172 -1.89 -37.69 14.13
N PHE A 173 -1.73 -38.01 12.84
CA PHE A 173 -2.75 -37.77 11.82
C PHE A 173 -3.13 -36.29 11.76
N ARG A 174 -2.15 -35.48 11.37
CA ARG A 174 -2.27 -34.03 11.21
C ARG A 174 -2.57 -33.30 12.52
N TYR A 175 -2.32 -33.94 13.66
CA TYR A 175 -2.34 -33.30 14.97
C TYR A 175 -3.70 -32.66 15.26
N GLY A 176 -4.70 -33.52 15.39
CA GLY A 176 -6.03 -33.07 15.79
C GLY A 176 -6.04 -32.43 17.16
N VAL A 177 -6.23 -31.10 17.20
CA VAL A 177 -6.15 -30.33 18.43
C VAL A 177 -7.54 -30.19 19.04
N GLU A 178 -7.61 -30.31 20.37
CA GLU A 178 -8.84 -30.07 21.11
C GLU A 178 -8.82 -28.77 21.90
N ASP A 179 -7.66 -28.11 21.99
CA ASP A 179 -7.57 -26.83 22.70
C ASP A 179 -6.38 -26.07 22.12
N PHE A 180 -6.66 -24.99 21.40
CA PHE A 180 -5.60 -24.23 20.75
C PHE A 180 -4.94 -23.24 21.71
N ARG A 181 -5.66 -22.80 22.74
CA ARG A 181 -5.12 -21.83 23.69
C ARG A 181 -4.35 -22.47 24.84
N GLU A 182 -4.49 -23.76 25.05
CA GLU A 182 -3.83 -24.46 26.15
C GLU A 182 -2.84 -25.49 25.62
N VAL A 183 -1.95 -25.92 26.50
CA VAL A 183 -0.95 -26.94 26.19
C VAL A 183 -1.29 -28.20 26.97
N ASP A 184 -0.97 -29.35 26.37
CA ASP A 184 -1.23 -30.65 26.99
C ASP A 184 -0.42 -30.79 28.27
N PRO A 185 -0.73 -31.77 29.13
CA PRO A 185 0.11 -31.99 30.31
C PRO A 185 1.57 -32.25 29.96
N ILE A 186 1.83 -32.90 28.83
CA ILE A 186 3.19 -33.10 28.35
C ILE A 186 3.69 -31.77 27.79
N PHE A 187 5.00 -31.69 27.54
CA PHE A 187 5.66 -30.46 27.05
C PHE A 187 5.53 -29.32 28.04
N GLY A 188 5.32 -29.63 29.32
CA GLY A 188 5.22 -28.59 30.33
C GLY A 188 3.87 -27.90 30.33
N THR A 189 3.86 -26.69 30.86
CA THR A 189 2.68 -25.86 30.97
C THR A 189 2.89 -24.57 30.17
N MET A 190 1.94 -23.64 30.30
CA MET A 190 2.05 -22.36 29.60
C MET A 190 3.25 -21.55 30.11
N GLU A 191 3.61 -21.71 31.39
CA GLU A 191 4.77 -21.00 31.91
C GLU A 191 6.07 -21.58 31.38
N ASP A 192 6.10 -22.90 31.14
CA ASP A 192 7.28 -23.52 30.56
C ASP A 192 7.48 -23.08 29.12
N PHE A 193 6.41 -22.76 28.40
CA PHE A 193 6.54 -22.27 27.04
C PHE A 193 7.01 -20.82 27.03
N GLU A 194 6.51 -19.99 27.95
CA GLU A 194 6.93 -18.59 28.00
C GLU A 194 8.40 -18.46 28.36
N ASN A 195 8.93 -19.37 29.18
CA ASN A 195 10.35 -19.35 29.49
C ASN A 195 11.20 -19.89 28.35
N LEU A 196 10.62 -20.68 27.45
CA LEU A 196 11.37 -21.20 26.31
C LEU A 196 11.54 -20.14 25.23
N VAL A 197 10.46 -19.44 24.89
CA VAL A 197 10.54 -18.39 23.87
C VAL A 197 11.40 -17.23 24.37
N ALA A 198 11.34 -16.92 25.66
CA ALA A 198 12.16 -15.84 26.21
C ALA A 198 13.64 -16.19 26.16
N ALA A 199 14.00 -17.44 26.51
CA ALA A 199 15.39 -17.86 26.44
C ALA A 199 15.87 -17.95 25.00
N ILE A 200 14.97 -18.20 24.06
CA ILE A 200 15.35 -18.25 22.65
C ILE A 200 15.70 -16.87 22.14
N HIS A 201 14.94 -15.85 22.53
CA HIS A 201 15.22 -14.49 22.09
C HIS A 201 16.51 -13.95 22.70
N ASP A 202 16.90 -14.47 23.86
CA ASP A 202 18.14 -13.99 24.50
C ASP A 202 19.38 -14.44 23.73
N LYS A 203 19.31 -15.58 23.05
CA LYS A 203 20.42 -16.11 22.29
C LYS A 203 20.37 -15.71 20.82
N GLY A 204 19.51 -14.77 20.46
CA GLY A 204 19.41 -14.33 19.08
C GLY A 204 18.73 -15.29 18.13
N LEU A 205 18.08 -16.33 18.65
CA LEU A 205 17.39 -17.30 17.81
C LEU A 205 15.96 -16.86 17.55
N LYS A 206 15.31 -17.55 16.60
CA LYS A 206 13.93 -17.30 16.25
C LYS A 206 13.11 -18.57 16.42
N LEU A 207 11.82 -18.40 16.70
CA LEU A 207 10.91 -19.50 16.94
C LEU A 207 9.84 -19.56 15.86
N ILE A 208 9.33 -20.76 15.61
CA ILE A 208 8.20 -20.99 14.72
C ILE A 208 7.41 -22.16 15.27
N ILE A 209 6.08 -22.01 15.32
CA ILE A 209 5.21 -23.07 15.82
C ILE A 209 4.28 -23.51 14.70
N ASP A 210 3.89 -24.78 14.74
CA ASP A 210 2.97 -25.32 13.76
C ASP A 210 1.53 -24.94 14.11
N PHE A 211 0.72 -24.70 13.09
CA PHE A 211 -0.67 -24.31 13.26
C PHE A 211 -1.55 -25.16 12.36
N ILE A 212 -2.61 -25.72 12.94
CA ILE A 212 -3.54 -26.57 12.20
C ILE A 212 -4.93 -25.94 12.25
N PRO A 213 -5.23 -24.97 11.38
CA PRO A 213 -6.56 -24.36 11.38
C PRO A 213 -7.62 -25.16 10.63
N ASN A 214 -7.22 -26.23 9.94
CA ASN A 214 -8.17 -26.97 9.11
C ASN A 214 -9.23 -27.67 9.96
N HIS A 215 -8.80 -28.56 10.85
CA HIS A 215 -9.71 -29.39 11.61
C HIS A 215 -9.47 -29.22 13.10
N THR A 216 -10.33 -29.86 13.89
CA THR A 216 -10.22 -29.88 15.34
C THR A 216 -10.40 -31.31 15.85
N SER A 217 -10.54 -31.47 17.17
CA SER A 217 -10.73 -32.78 17.77
C SER A 217 -12.18 -32.94 18.21
N ASP A 218 -12.55 -34.20 18.49
CA ASP A 218 -13.91 -34.49 18.94
C ASP A 218 -14.19 -33.93 20.33
N LYS A 219 -13.16 -33.85 21.17
CA LYS A 219 -13.30 -33.35 22.53
C LYS A 219 -13.20 -31.84 22.62
N HIS A 220 -13.17 -31.14 21.48
CA HIS A 220 -13.11 -29.69 21.49
C HIS A 220 -14.42 -29.10 22.00
N ILE A 221 -14.30 -27.93 22.65
CA ILE A 221 -15.49 -27.26 23.17
C ILE A 221 -16.40 -26.76 22.06
N TRP A 222 -15.86 -26.58 20.85
CA TRP A 222 -16.69 -26.15 19.73
C TRP A 222 -17.52 -27.29 19.17
N PHE A 223 -16.95 -28.49 19.10
CA PHE A 223 -17.68 -29.64 18.57
C PHE A 223 -18.72 -30.14 19.57
N GLN A 224 -18.39 -30.09 20.86
CA GLN A 224 -19.35 -30.52 21.87
C GLN A 224 -20.55 -29.57 21.94
N LEU A 225 -20.35 -28.31 21.58
CA LEU A 225 -21.44 -27.34 21.53
C LEU A 225 -22.15 -27.31 20.18
N SER A 226 -21.55 -27.91 19.15
CA SER A 226 -22.17 -27.95 17.83
C SER A 226 -23.19 -29.07 17.69
N ARG A 227 -22.99 -30.19 18.39
CA ARG A 227 -23.93 -31.30 18.31
C ARG A 227 -25.25 -30.99 18.99
N THR A 228 -25.27 -30.02 19.90
CA THR A 228 -26.49 -29.63 20.60
C THR A 228 -27.13 -28.38 20.02
N ARG A 229 -26.53 -27.78 19.00
CA ARG A 229 -27.03 -26.56 18.37
C ARG A 229 -27.19 -25.45 19.41
N THR A 230 -26.08 -25.14 20.08
CA THR A 230 -26.05 -24.16 21.17
C THR A 230 -25.45 -22.86 20.64
N GLY A 231 -26.30 -21.90 20.33
CA GLY A 231 -25.84 -20.59 19.93
C GLY A 231 -25.24 -20.56 18.53
N LYS A 232 -24.14 -19.82 18.40
CA LYS A 232 -23.50 -19.62 17.10
C LYS A 232 -22.70 -20.83 16.64
N TYR A 233 -22.45 -21.80 17.52
CA TYR A 233 -21.63 -22.95 17.17
C TYR A 233 -22.40 -24.02 16.40
N THR A 234 -23.66 -23.79 16.06
CA THR A 234 -24.45 -24.80 15.36
C THR A 234 -23.99 -24.99 13.92
N ASP A 235 -23.28 -24.02 13.34
CA ASP A 235 -22.80 -24.11 11.97
C ASP A 235 -21.28 -23.99 11.90
N TYR A 236 -20.57 -24.31 12.98
CA TYR A 236 -19.12 -24.25 12.99
C TYR A 236 -18.48 -25.38 12.22
N TYR A 237 -19.23 -26.43 11.89
CA TYR A 237 -18.71 -27.58 11.15
C TYR A 237 -19.62 -27.86 9.96
N ILE A 238 -19.10 -28.63 9.01
CA ILE A 238 -19.83 -29.00 7.81
C ILE A 238 -20.81 -30.10 8.18
N TRP A 239 -22.06 -29.74 8.42
CA TRP A 239 -23.11 -30.69 8.79
C TRP A 239 -24.06 -30.88 7.61
N HIS A 240 -24.52 -32.12 7.43
CA HIS A 240 -25.43 -32.45 6.35
C HIS A 240 -26.34 -33.59 6.80
N ASP A 241 -27.61 -33.50 6.41
CA ASP A 241 -28.59 -34.51 6.78
C ASP A 241 -28.35 -35.78 5.98
N CYS A 242 -28.14 -36.89 6.69
CA CYS A 242 -27.91 -38.18 6.07
C CYS A 242 -28.83 -39.22 6.70
N THR A 243 -29.07 -40.30 5.95
CA THR A 243 -29.88 -41.42 6.43
C THR A 243 -28.98 -42.39 7.17
N HIS A 244 -29.43 -42.84 8.34
CA HIS A 244 -28.69 -43.78 9.17
C HIS A 244 -29.70 -44.66 9.89
N GLU A 245 -29.96 -45.84 9.32
CA GLU A 245 -30.96 -46.77 9.83
C GLU A 245 -30.26 -47.89 10.62
N ASN A 246 -31.03 -48.94 10.95
CA ASN A 246 -30.62 -49.99 11.88
C ASN A 246 -29.16 -50.40 11.71
N GLY A 247 -28.71 -50.64 10.47
CA GLY A 247 -27.45 -51.32 10.28
C GLY A 247 -26.24 -50.47 9.93
N LYS A 248 -26.41 -49.52 9.04
CA LYS A 248 -25.26 -48.70 8.65
C LYS A 248 -25.65 -47.32 8.18
N THR A 249 -24.66 -46.45 8.10
CA THR A 249 -24.86 -45.08 7.66
C THR A 249 -24.58 -44.95 6.17
N ILE A 250 -25.25 -43.98 5.54
CA ILE A 250 -25.05 -43.70 4.12
C ILE A 250 -24.58 -42.26 3.95
N PRO A 251 -23.38 -42.04 3.41
CA PRO A 251 -22.89 -40.67 3.25
C PRO A 251 -23.60 -39.97 2.11
N PRO A 252 -23.64 -38.63 2.12
CA PRO A 252 -24.29 -37.91 1.01
C PRO A 252 -23.58 -38.10 -0.32
N ASN A 253 -22.27 -38.36 -0.31
CA ASN A 253 -21.51 -38.57 -1.52
C ASN A 253 -20.42 -39.61 -1.24
N ASN A 254 -19.64 -39.92 -2.28
CA ASN A 254 -18.56 -40.89 -2.16
C ASN A 254 -17.23 -40.25 -1.75
N TRP A 255 -17.28 -39.10 -1.08
CA TRP A 255 -16.06 -38.43 -0.64
C TRP A 255 -15.37 -39.27 0.43
N LEU A 256 -14.15 -39.70 0.15
CA LEU A 256 -13.38 -40.55 1.05
C LEU A 256 -12.35 -39.73 1.81
N SER A 257 -12.04 -40.20 3.01
CA SER A 257 -11.02 -39.55 3.83
C SER A 257 -9.63 -40.00 3.39
N VAL A 258 -8.62 -39.23 3.83
CA VAL A 258 -7.25 -39.57 3.48
C VAL A 258 -6.78 -40.79 4.25
N TYR A 259 -7.38 -41.07 5.41
CA TYR A 259 -6.95 -42.15 6.28
C TYR A 259 -8.07 -43.18 6.53
N GLY A 260 -8.88 -43.45 5.51
CA GLY A 260 -9.91 -44.48 5.66
C GLY A 260 -11.07 -44.27 4.71
N ASN A 261 -12.24 -44.74 5.13
CA ASN A 261 -13.43 -44.71 4.30
C ASN A 261 -14.32 -43.53 4.67
N SER A 262 -15.32 -43.27 3.83
CA SER A 262 -16.56 -42.63 4.25
C SER A 262 -16.32 -41.38 5.10
N SER A 263 -15.82 -40.32 4.46
CA SER A 263 -15.43 -39.10 5.16
C SER A 263 -16.64 -38.34 5.71
N TRP A 264 -17.81 -38.96 5.70
CA TRP A 264 -19.00 -38.44 6.38
C TRP A 264 -19.40 -39.45 7.46
N HIS A 265 -19.32 -39.05 8.72
CA HIS A 265 -19.65 -39.91 9.84
C HIS A 265 -20.91 -39.41 10.53
N PHE A 266 -21.69 -40.35 11.06
CA PHE A 266 -22.98 -40.04 11.70
C PHE A 266 -22.81 -40.05 13.22
N ASP A 267 -23.45 -39.09 13.88
CA ASP A 267 -23.51 -39.03 15.34
C ASP A 267 -24.96 -39.07 15.77
N GLU A 268 -25.21 -39.69 16.93
CA GLU A 268 -26.58 -39.88 17.41
C GLU A 268 -27.12 -38.67 18.17
N VAL A 269 -26.31 -37.65 18.43
CA VAL A 269 -26.82 -36.46 19.11
C VAL A 269 -27.48 -35.51 18.11
N ARG A 270 -26.70 -35.05 17.12
CA ARG A 270 -27.23 -34.12 16.13
C ARG A 270 -27.99 -34.81 15.00
N ASN A 271 -27.86 -36.13 14.86
CA ASN A 271 -28.57 -36.90 13.85
C ASN A 271 -28.23 -36.42 12.43
N GLN A 272 -27.01 -35.96 12.22
CA GLN A 272 -26.56 -35.50 10.92
C GLN A 272 -25.10 -35.90 10.71
N CYS A 273 -24.71 -36.05 9.45
CA CYS A 273 -23.34 -36.41 9.12
C CYS A 273 -22.45 -35.18 9.11
N TYR A 274 -21.25 -35.33 9.65
CA TYR A 274 -20.26 -34.26 9.69
C TYR A 274 -19.06 -34.62 8.81
N PHE A 275 -18.49 -33.61 8.17
CA PHE A 275 -17.36 -33.78 7.27
C PHE A 275 -16.05 -33.65 8.04
N HIS A 276 -15.21 -34.68 7.97
CA HIS A 276 -13.93 -34.68 8.67
C HIS A 276 -12.75 -34.79 7.74
N GLN A 277 -12.79 -35.72 6.78
CA GLN A 277 -11.83 -35.87 5.69
C GLN A 277 -10.47 -36.38 6.15
N PHE A 278 -10.22 -36.45 7.46
CA PHE A 278 -8.93 -36.94 7.96
C PHE A 278 -9.08 -38.19 8.82
N MET A 279 -9.93 -38.13 9.85
CA MET A 279 -10.12 -39.25 10.75
C MET A 279 -11.50 -39.16 11.37
N LYS A 280 -11.91 -40.23 12.03
CA LYS A 280 -13.23 -40.28 12.67
C LYS A 280 -13.37 -39.25 13.77
N GLU A 281 -12.26 -38.83 14.39
CA GLU A 281 -12.27 -37.88 15.50
C GLU A 281 -11.52 -36.60 15.12
N GLN A 282 -11.68 -36.15 13.88
CA GLN A 282 -11.05 -34.93 13.40
C GLN A 282 -12.00 -34.20 12.46
N PRO A 283 -13.08 -33.63 13.01
CA PRO A 283 -14.07 -32.95 12.15
C PRO A 283 -13.49 -31.70 11.52
N ASP A 284 -13.68 -31.57 10.21
CA ASP A 284 -13.19 -30.40 9.49
C ASP A 284 -13.97 -29.16 9.91
N LEU A 285 -13.25 -28.10 10.26
CA LEU A 285 -13.86 -26.85 10.70
C LEU A 285 -14.34 -26.08 9.48
N ASN A 286 -15.66 -25.89 9.37
CA ASN A 286 -16.24 -25.19 8.24
C ASN A 286 -15.75 -23.74 8.19
N PHE A 287 -15.01 -23.40 7.14
CA PHE A 287 -14.43 -22.08 7.00
C PHE A 287 -15.31 -21.10 6.26
N ARG A 288 -16.42 -21.56 5.67
CA ARG A 288 -17.35 -20.65 5.02
C ARG A 288 -18.15 -19.82 6.02
N ASN A 289 -18.09 -20.15 7.30
CA ASN A 289 -18.76 -19.35 8.32
C ASN A 289 -17.88 -18.17 8.71
N PRO A 290 -18.40 -16.94 8.57
CA PRO A 290 -17.62 -15.75 8.92
C PRO A 290 -17.16 -15.74 10.37
N ASP A 291 -17.90 -16.45 11.23
CA ASP A 291 -17.55 -16.51 12.65
C ASP A 291 -16.32 -17.38 12.88
N VAL A 292 -16.26 -18.48 12.13
CA VAL A 292 -15.15 -19.42 12.23
C VAL A 292 -13.87 -18.81 11.68
N GLN A 293 -13.96 -18.10 10.55
CA GLN A 293 -12.79 -17.45 9.98
C GLN A 293 -12.24 -16.38 10.92
N GLU A 294 -13.10 -15.76 11.72
CA GLU A 294 -12.64 -14.75 12.68
C GLU A 294 -12.12 -15.40 13.96
N GLU A 295 -12.62 -16.59 14.32
CA GLU A 295 -12.12 -17.28 15.49
C GLU A 295 -10.67 -17.74 15.30
N ILE A 296 -10.29 -18.05 14.06
CA ILE A 296 -8.90 -18.42 13.79
C ILE A 296 -7.98 -17.22 13.96
N LYS A 297 -8.48 -16.01 13.68
CA LYS A 297 -7.67 -14.81 13.87
C LYS A 297 -7.33 -14.61 15.34
N GLU A 298 -8.29 -14.91 16.24
CA GLU A 298 -8.03 -14.76 17.66
C GLU A 298 -6.99 -15.76 18.16
N ILE A 299 -6.95 -16.95 17.54
CA ILE A 299 -5.93 -17.92 17.92
C ILE A 299 -4.56 -17.49 17.42
N LEU A 300 -4.51 -16.89 16.24
CA LEU A 300 -3.24 -16.39 15.72
C LEU A 300 -2.70 -15.23 16.55
N ARG A 301 -3.57 -14.28 16.90
CA ARG A 301 -3.14 -13.14 17.71
C ARG A 301 -2.78 -13.56 19.12
N PHE A 302 -3.34 -14.67 19.60
CA PHE A 302 -3.02 -15.14 20.95
C PHE A 302 -1.56 -15.55 21.07
N TRP A 303 -1.07 -16.32 20.10
CA TRP A 303 0.32 -16.76 20.14
C TRP A 303 1.28 -15.66 19.68
N LEU A 304 0.82 -14.75 18.83
CA LEU A 304 1.69 -13.68 18.37
C LEU A 304 2.04 -12.71 19.50
N THR A 305 1.12 -12.50 20.45
CA THR A 305 1.45 -11.69 21.62
C THR A 305 2.45 -12.39 22.53
N LYS A 306 2.45 -13.73 22.53
CA LYS A 306 3.44 -14.47 23.31
C LYS A 306 4.83 -14.36 22.70
N GLY A 307 4.93 -14.06 21.42
CA GLY A 307 6.21 -13.94 20.75
C GLY A 307 6.66 -15.16 19.98
N VAL A 308 5.74 -15.94 19.41
CA VAL A 308 6.12 -17.15 18.69
C VAL A 308 6.89 -16.85 17.41
N ASP A 309 6.90 -15.60 16.95
CA ASP A 309 7.71 -15.16 15.81
C ASP A 309 7.38 -15.94 14.54
N GLY A 310 6.10 -16.11 14.26
CA GLY A 310 5.64 -16.74 13.03
C GLY A 310 4.91 -18.04 13.29
N PHE A 311 4.25 -18.50 12.24
CA PHE A 311 3.47 -19.73 12.24
C PHE A 311 3.90 -20.62 11.09
N SER A 312 3.31 -21.81 11.03
CA SER A 312 3.56 -22.74 9.93
C SER A 312 2.28 -23.57 9.75
N LEU A 313 1.46 -23.19 8.78
CA LEU A 313 0.21 -23.88 8.55
C LEU A 313 0.46 -25.32 8.09
N ASP A 314 -0.40 -26.24 8.55
CA ASP A 314 -0.24 -27.66 8.28
C ASP A 314 -1.00 -28.11 7.04
N ALA A 315 -2.33 -27.93 7.05
CA ALA A 315 -3.19 -28.36 5.95
C ALA A 315 -3.92 -27.15 5.40
N VAL A 316 -3.44 -26.63 4.27
CA VAL A 316 -4.03 -25.46 3.63
C VAL A 316 -4.97 -25.85 2.50
N LYS A 317 -4.63 -26.89 1.74
CA LYS A 317 -5.43 -27.31 0.60
C LYS A 317 -6.70 -28.05 1.00
N PHE A 318 -6.87 -28.38 2.28
CA PHE A 318 -8.06 -29.04 2.77
C PHE A 318 -9.01 -28.09 3.50
N LEU A 319 -8.80 -26.78 3.38
CA LEU A 319 -9.60 -25.81 4.12
C LEU A 319 -11.04 -25.78 3.58
N LEU A 320 -11.20 -25.43 2.32
CA LEU A 320 -12.51 -25.28 1.72
C LEU A 320 -12.85 -26.47 0.84
N GLU A 321 -14.15 -26.78 0.77
CA GLU A 321 -14.67 -27.84 -0.08
C GLU A 321 -15.76 -27.28 -0.98
N ALA A 322 -16.23 -28.10 -1.90
CA ALA A 322 -17.27 -27.69 -2.83
C ALA A 322 -18.62 -27.68 -2.12
N LYS A 323 -19.38 -26.59 -2.31
CA LYS A 323 -20.70 -26.50 -1.69
C LYS A 323 -21.67 -27.50 -2.30
N HIS A 324 -21.52 -27.82 -3.58
CA HIS A 324 -22.35 -28.82 -4.23
C HIS A 324 -21.82 -30.20 -3.89
N LEU A 325 -22.54 -30.94 -3.07
CA LEU A 325 -22.10 -32.26 -2.61
C LEU A 325 -22.29 -33.28 -3.74
N ARG A 326 -21.42 -33.17 -4.73
CA ARG A 326 -21.43 -34.06 -5.89
C ARG A 326 -20.33 -35.11 -5.76
N ASP A 327 -20.54 -36.24 -6.43
CA ASP A 327 -19.59 -37.34 -6.36
C ASP A 327 -18.32 -37.01 -7.15
N GLU A 328 -17.19 -37.42 -6.61
CA GLU A 328 -15.92 -37.20 -7.28
C GLU A 328 -15.76 -38.17 -8.45
N ILE A 329 -14.88 -37.80 -9.37
CA ILE A 329 -14.60 -38.62 -10.54
C ILE A 329 -13.67 -39.76 -10.14
N GLN A 330 -14.08 -40.99 -10.43
CA GLN A 330 -13.27 -42.15 -10.11
C GLN A 330 -12.17 -42.36 -11.15
N VAL A 331 -11.02 -42.84 -10.68
CA VAL A 331 -9.92 -43.14 -11.58
C VAL A 331 -10.28 -44.33 -12.47
N ASN A 332 -10.94 -45.33 -11.91
CA ASN A 332 -11.41 -46.50 -12.65
C ASN A 332 -12.88 -46.29 -12.97
N LYS A 333 -13.18 -46.01 -14.24
CA LYS A 333 -14.56 -45.73 -14.64
C LYS A 333 -15.42 -46.99 -14.57
N THR A 334 -14.85 -48.15 -14.92
CA THR A 334 -15.57 -49.41 -14.87
C THR A 334 -15.67 -49.99 -13.47
N GLN A 335 -15.12 -49.31 -12.47
CA GLN A 335 -15.15 -49.82 -11.10
C GLN A 335 -16.56 -49.78 -10.53
N ILE A 336 -16.92 -50.83 -9.80
CA ILE A 336 -18.27 -50.92 -9.21
C ILE A 336 -18.32 -50.00 -8.00
N PRO A 337 -19.42 -49.25 -7.79
CA PRO A 337 -19.56 -48.50 -6.52
C PRO A 337 -19.71 -49.41 -5.32
N ASP A 338 -19.87 -48.82 -4.14
CA ASP A 338 -19.89 -49.52 -2.86
C ASP A 338 -18.60 -50.29 -2.59
N THR A 339 -17.53 -49.98 -3.33
CA THR A 339 -16.24 -50.62 -3.13
C THR A 339 -15.07 -49.64 -3.05
N VAL A 340 -15.21 -48.42 -3.56
CA VAL A 340 -14.14 -47.44 -3.52
C VAL A 340 -13.96 -46.95 -2.09
N THR A 341 -12.89 -47.41 -1.44
CA THR A 341 -12.60 -47.04 -0.07
C THR A 341 -11.17 -46.53 0.12
N GLN A 342 -10.44 -46.32 -0.98
CA GLN A 342 -9.05 -45.84 -0.91
C GLN A 342 -8.98 -44.41 -1.44
N TYR A 343 -8.17 -43.59 -0.77
CA TYR A 343 -8.00 -42.19 -1.18
C TYR A 343 -7.25 -42.07 -2.50
N SER A 344 -6.54 -43.12 -2.93
CA SER A 344 -5.77 -43.04 -4.16
C SER A 344 -6.62 -43.25 -5.40
N GLU A 345 -7.65 -44.09 -5.32
CA GLU A 345 -8.50 -44.39 -6.47
C GLU A 345 -9.68 -43.42 -6.58
N LEU A 346 -9.37 -42.13 -6.56
CA LEU A 346 -10.40 -41.09 -6.66
C LEU A 346 -9.77 -39.74 -6.98
N TYR A 347 -10.31 -39.06 -7.99
CA TYR A 347 -9.85 -37.72 -8.34
C TYR A 347 -10.50 -36.71 -7.41
N HIS A 348 -9.68 -36.00 -6.63
CA HIS A 348 -10.19 -35.07 -5.61
C HIS A 348 -10.18 -33.66 -6.21
N ASP A 349 -11.24 -33.35 -6.96
CA ASP A 349 -11.41 -32.04 -7.56
C ASP A 349 -12.39 -31.16 -6.81
N PHE A 350 -13.11 -31.70 -5.83
CA PHE A 350 -14.09 -30.96 -5.06
C PHE A 350 -13.72 -30.83 -3.59
N THR A 351 -12.63 -31.44 -3.15
CA THR A 351 -12.22 -31.40 -1.75
C THR A 351 -10.81 -30.87 -1.55
N THR A 352 -10.14 -30.41 -2.62
CA THR A 352 -8.77 -29.93 -2.53
C THR A 352 -8.59 -28.75 -3.48
N THR A 353 -8.04 -27.66 -2.95
CA THR A 353 -7.75 -26.44 -3.72
C THR A 353 -9.01 -25.91 -4.41
N GLN A 354 -9.96 -25.49 -3.58
CA GLN A 354 -11.21 -24.93 -4.08
C GLN A 354 -11.07 -23.42 -4.27
N VAL A 355 -12.07 -22.83 -4.94
CA VAL A 355 -12.09 -21.40 -5.19
C VAL A 355 -12.33 -20.68 -3.87
N GLY A 356 -11.41 -19.78 -3.51
CA GLY A 356 -11.47 -19.06 -2.26
C GLY A 356 -10.56 -19.60 -1.18
N MET A 357 -9.89 -20.73 -1.42
CA MET A 357 -8.97 -21.28 -0.43
C MET A 357 -7.77 -20.37 -0.25
N HIS A 358 -7.23 -19.83 -1.35
CA HIS A 358 -6.07 -18.94 -1.25
C HIS A 358 -6.44 -17.63 -0.58
N ASP A 359 -7.68 -17.16 -0.78
CA ASP A 359 -8.11 -15.91 -0.13
C ASP A 359 -8.11 -16.04 1.38
N ILE A 360 -8.39 -17.23 1.90
CA ILE A 360 -8.26 -17.45 3.34
C ILE A 360 -6.80 -17.41 3.76
N VAL A 361 -5.92 -17.97 2.93
CA VAL A 361 -4.49 -17.89 3.21
C VAL A 361 -4.00 -16.45 3.08
N ARG A 362 -4.57 -15.69 2.14
CA ARG A 362 -4.22 -14.27 2.02
C ARG A 362 -4.65 -13.48 3.24
N SER A 363 -5.75 -13.89 3.89
CA SER A 363 -6.21 -13.19 5.08
C SER A 363 -5.38 -13.53 6.30
N PHE A 364 -4.76 -14.72 6.33
CA PHE A 364 -3.89 -15.08 7.45
C PHE A 364 -2.66 -14.18 7.50
N ARG A 365 -2.11 -13.84 6.34
CA ARG A 365 -0.95 -12.94 6.30
C ARG A 365 -1.36 -11.52 6.69
N GLN A 366 -2.56 -11.09 6.32
CA GLN A 366 -3.02 -9.76 6.67
C GLN A 366 -3.18 -9.61 8.18
N THR A 367 -3.55 -10.68 8.87
CA THR A 367 -3.66 -10.62 10.33
C THR A 367 -2.29 -10.57 10.97
N MET A 368 -1.34 -11.38 10.48
CA MET A 368 0.01 -11.37 11.02
C MET A 368 0.78 -10.12 10.63
N ASP A 369 0.33 -9.39 9.61
CA ASP A 369 0.99 -8.16 9.21
C ASP A 369 0.87 -7.06 10.26
N GLN A 370 -0.16 -7.14 11.12
CA GLN A 370 -0.31 -6.14 12.17
C GLN A 370 0.77 -6.25 13.24
N TYR A 371 1.38 -7.41 13.38
CA TYR A 371 2.45 -7.63 14.35
C TYR A 371 3.84 -7.54 13.73
N SER A 372 3.93 -7.32 12.42
CA SER A 372 5.20 -7.22 11.73
C SER A 372 5.59 -5.78 11.44
N THR A 373 4.94 -4.81 12.08
CA THR A 373 5.26 -3.41 11.86
C THR A 373 6.62 -3.03 12.44
N GLU A 374 7.13 -3.80 13.40
CA GLU A 374 8.43 -3.52 13.97
C GLU A 374 9.53 -3.83 12.96
N PRO A 375 10.64 -3.10 12.99
CA PRO A 375 11.70 -3.33 12.00
C PRO A 375 12.40 -4.67 12.15
N GLY A 376 12.53 -5.19 13.38
CA GLY A 376 13.22 -6.44 13.58
C GLY A 376 12.30 -7.60 13.88
N ARG A 377 11.04 -7.32 14.21
CA ARG A 377 10.07 -8.36 14.55
C ARG A 377 9.17 -8.61 13.34
N TYR A 378 9.64 -9.48 12.45
CA TYR A 378 8.87 -9.88 11.28
C TYR A 378 8.26 -11.26 11.52
N ARG A 379 7.09 -11.47 10.93
CA ARG A 379 6.32 -12.69 11.11
C ARG A 379 6.42 -13.56 9.86
N PHE A 380 6.77 -14.82 10.04
CA PHE A 380 6.86 -15.79 8.95
C PHE A 380 5.59 -16.62 8.88
N MET A 381 5.21 -17.00 7.67
CA MET A 381 4.03 -17.84 7.45
C MET A 381 4.34 -18.86 6.38
N GLY A 382 4.21 -20.14 6.72
CA GLY A 382 4.43 -21.23 5.79
C GLY A 382 3.14 -21.99 5.54
N THR A 383 2.97 -22.44 4.30
CA THR A 383 1.76 -23.16 3.91
C THR A 383 1.87 -24.66 4.10
N GLU A 384 3.01 -25.25 3.71
CA GLU A 384 3.27 -26.69 3.87
C GLU A 384 2.19 -27.52 3.18
N ALA A 385 2.10 -27.37 1.86
CA ALA A 385 1.17 -28.13 1.04
C ALA A 385 1.93 -29.29 0.41
N TYR A 386 1.64 -30.50 0.88
CA TYR A 386 2.34 -31.69 0.43
C TYR A 386 1.46 -32.52 -0.51
N ALA A 387 2.11 -33.44 -1.22
CA ALA A 387 1.45 -34.38 -2.13
C ALA A 387 0.63 -33.63 -3.19
N GLU A 388 1.34 -32.84 -3.99
CA GLU A 388 0.72 -32.11 -5.09
C GLU A 388 1.78 -31.79 -6.12
N SER A 389 1.33 -31.26 -7.27
CA SER A 389 2.24 -30.95 -8.36
C SER A 389 3.02 -29.68 -8.04
N ILE A 390 3.95 -29.35 -8.94
CA ILE A 390 4.82 -28.20 -8.72
C ILE A 390 4.12 -26.88 -9.04
N ASP A 391 3.20 -26.88 -10.00
CA ASP A 391 2.51 -25.65 -10.35
C ASP A 391 1.54 -25.21 -9.26
N ARG A 392 1.02 -26.16 -8.48
CA ARG A 392 0.12 -25.81 -7.39
C ARG A 392 0.87 -25.36 -6.14
N THR A 393 2.12 -25.82 -5.97
CA THR A 393 2.90 -25.42 -4.80
C THR A 393 3.41 -24.00 -4.93
N VAL A 394 3.83 -23.60 -6.13
CA VAL A 394 4.34 -22.24 -6.34
C VAL A 394 3.25 -21.19 -6.30
N MET A 395 1.98 -21.59 -6.32
CA MET A 395 0.90 -20.62 -6.22
C MET A 395 0.80 -20.01 -4.83
N TYR A 396 1.37 -20.66 -3.81
CA TYR A 396 1.36 -20.12 -2.46
C TYR A 396 2.39 -19.01 -2.27
N TYR A 397 3.30 -18.81 -3.23
CA TYR A 397 4.25 -17.71 -3.15
C TYR A 397 3.57 -16.35 -3.23
N GLY A 398 2.40 -16.27 -3.84
CA GLY A 398 1.68 -15.03 -4.00
C GLY A 398 1.91 -14.38 -5.35
N LEU A 399 1.31 -13.22 -5.51
CA LEU A 399 1.42 -12.42 -6.72
C LEU A 399 2.25 -11.17 -6.47
N PRO A 400 2.81 -10.56 -7.52
CA PRO A 400 3.63 -9.37 -7.33
C PRO A 400 2.88 -8.18 -6.74
N PHE A 401 1.56 -8.24 -6.62
CA PHE A 401 0.79 -7.15 -6.05
C PHE A 401 0.00 -7.53 -4.82
N ILE A 402 0.11 -8.77 -4.35
CA ILE A 402 -0.55 -9.22 -3.13
C ILE A 402 0.29 -10.30 -2.49
N GLN A 403 0.62 -10.12 -1.20
CA GLN A 403 1.46 -11.06 -0.48
C GLN A 403 0.61 -12.15 0.16
N GLU A 404 1.01 -13.40 -0.04
CA GLU A 404 0.31 -14.54 0.54
C GLU A 404 1.16 -15.25 1.59
N ALA A 405 2.37 -15.66 1.23
CA ALA A 405 3.26 -16.34 2.16
C ALA A 405 4.70 -16.13 1.71
N ASP A 406 5.62 -16.31 2.66
CA ASP A 406 7.04 -16.15 2.34
C ASP A 406 7.50 -17.23 1.37
N PHE A 407 7.36 -18.50 1.76
CA PHE A 407 7.64 -19.60 0.84
C PHE A 407 6.92 -20.84 1.30
N PRO A 408 6.42 -21.67 0.40
CA PRO A 408 5.90 -22.98 0.81
C PRO A 408 7.03 -23.96 1.07
N PHE A 409 6.80 -24.84 2.05
CA PHE A 409 7.82 -25.81 2.44
C PHE A 409 8.04 -26.81 1.29
N ASN A 410 9.30 -26.94 0.87
CA ASN A 410 9.66 -27.77 -0.27
C ASN A 410 9.57 -29.24 0.13
N ASN A 411 8.46 -29.89 -0.25
CA ASN A 411 8.29 -31.30 0.05
C ASN A 411 9.24 -32.18 -0.75
N TYR A 412 9.74 -31.70 -1.89
CA TYR A 412 10.65 -32.47 -2.70
C TYR A 412 11.98 -32.68 -1.98
N LEU A 413 12.82 -33.55 -2.56
CA LEU A 413 14.08 -34.03 -2.00
C LEU A 413 13.88 -34.88 -0.77
N SER A 414 12.65 -35.12 -0.33
CA SER A 414 12.35 -35.99 0.79
C SER A 414 11.66 -37.29 0.38
N MET A 415 10.78 -37.24 -0.61
CA MET A 415 10.12 -38.44 -1.11
C MET A 415 11.04 -39.23 -2.03
N LEU A 416 12.19 -38.67 -2.40
CA LEU A 416 13.15 -39.34 -3.27
C LEU A 416 13.88 -40.44 -2.50
N ASP A 417 13.61 -41.69 -2.86
CA ASP A 417 14.26 -42.83 -2.22
C ASP A 417 15.60 -43.17 -2.85
N THR A 418 15.64 -43.30 -4.17
CA THR A 418 16.87 -43.57 -4.89
C THR A 418 17.33 -42.29 -5.57
N VAL A 419 18.53 -41.83 -5.20
CA VAL A 419 19.09 -40.59 -5.70
C VAL A 419 20.15 -40.89 -6.75
N SER A 420 20.14 -40.12 -7.83
CA SER A 420 21.12 -40.22 -8.88
C SER A 420 21.40 -38.83 -9.42
N GLY A 421 22.13 -38.75 -10.52
CA GLY A 421 22.43 -37.44 -11.11
C GLY A 421 21.21 -36.77 -11.71
N ASN A 422 20.29 -37.55 -12.26
CA ASN A 422 19.10 -37.01 -12.92
C ASN A 422 17.95 -36.75 -11.98
N SER A 423 17.77 -37.57 -10.95
CA SER A 423 16.67 -37.36 -10.02
C SER A 423 16.91 -36.11 -9.17
N VAL A 424 18.15 -35.87 -8.76
CA VAL A 424 18.45 -34.68 -7.95
C VAL A 424 18.41 -33.43 -8.81
N TYR A 425 18.87 -33.52 -10.06
CA TYR A 425 18.87 -32.34 -10.93
C TYR A 425 17.45 -31.94 -11.31
N GLU A 426 16.56 -32.91 -11.50
CA GLU A 426 15.18 -32.59 -11.87
C GLU A 426 14.46 -31.87 -10.74
N VAL A 427 14.74 -32.25 -9.49
CA VAL A 427 14.08 -31.62 -8.35
C VAL A 427 14.52 -30.17 -8.21
N ILE A 428 15.81 -29.90 -8.38
CA ILE A 428 16.31 -28.54 -8.22
C ILE A 428 15.77 -27.63 -9.33
N THR A 429 15.72 -28.13 -10.56
CA THR A 429 15.24 -27.32 -11.67
C THR A 429 13.73 -27.15 -11.65
N SER A 430 13.00 -28.12 -11.07
CA SER A 430 11.55 -28.01 -11.01
C SER A 430 11.11 -26.89 -10.09
N TRP A 431 11.89 -26.58 -9.06
CA TRP A 431 11.52 -25.52 -8.13
C TRP A 431 11.99 -24.15 -8.61
N MET A 432 13.18 -24.08 -9.20
CA MET A 432 13.73 -22.78 -9.62
C MET A 432 13.05 -22.26 -10.87
N GLU A 433 12.51 -23.15 -11.72
CA GLU A 433 11.87 -22.72 -12.95
C GLU A 433 10.41 -22.35 -12.77
N ASN A 434 9.73 -22.92 -11.77
CA ASN A 434 8.33 -22.65 -11.53
C ASN A 434 8.10 -21.53 -10.51
N MET A 435 9.10 -21.21 -9.69
CA MET A 435 8.94 -20.19 -8.68
C MET A 435 9.03 -18.80 -9.31
N PRO A 436 8.14 -17.87 -8.95
CA PRO A 436 8.26 -16.51 -9.47
C PRO A 436 9.53 -15.85 -8.96
N GLU A 437 10.05 -14.92 -9.75
CA GLU A 437 11.32 -14.29 -9.44
C GLU A 437 11.17 -13.25 -8.34
N GLY A 438 12.22 -13.09 -7.53
CA GLY A 438 12.18 -12.24 -6.36
C GLY A 438 11.72 -12.93 -5.11
N LYS A 439 11.24 -14.16 -5.21
CA LYS A 439 10.85 -14.96 -4.05
C LYS A 439 12.05 -15.73 -3.51
N TRP A 440 11.90 -16.23 -2.28
CA TRP A 440 12.97 -16.97 -1.64
C TRP A 440 12.63 -18.45 -1.61
N PRO A 441 13.40 -19.32 -2.28
CA PRO A 441 13.10 -20.75 -2.24
C PRO A 441 13.47 -21.39 -0.92
N ASN A 442 13.34 -22.71 -0.82
CA ASN A 442 13.68 -23.43 0.40
C ASN A 442 13.91 -24.89 0.04
N TRP A 443 14.52 -25.62 0.97
CA TRP A 443 14.81 -27.04 0.76
C TRP A 443 14.91 -27.73 2.11
N MET A 444 14.41 -28.96 2.18
CA MET A 444 14.52 -29.78 3.36
C MET A 444 14.69 -31.23 2.93
N ILE A 445 15.69 -31.92 3.49
CA ILE A 445 15.98 -33.28 3.07
C ILE A 445 15.05 -34.27 3.74
N GLY A 446 14.70 -34.04 5.00
CA GLY A 446 13.83 -34.95 5.72
C GLY A 446 12.86 -34.18 6.59
N GLY A 447 11.95 -34.92 7.21
CA GLY A 447 10.94 -34.35 8.07
C GLY A 447 10.30 -35.38 8.97
N PRO A 448 9.24 -34.99 9.68
CA PRO A 448 8.55 -35.97 10.55
C PRO A 448 7.86 -37.08 9.78
N ASP A 449 7.13 -36.74 8.72
CA ASP A 449 6.41 -37.73 7.92
C ASP A 449 7.26 -38.22 6.75
N SER A 450 8.46 -38.70 7.05
CA SER A 450 9.37 -39.22 6.03
C SER A 450 10.45 -40.03 6.72
N SER A 451 11.04 -40.95 5.96
CA SER A 451 12.10 -41.79 6.50
C SER A 451 13.38 -40.97 6.69
N ARG A 452 14.28 -41.50 7.52
CA ARG A 452 15.53 -40.83 7.80
C ARG A 452 16.42 -40.82 6.56
N LEU A 453 17.45 -39.98 6.60
CA LEU A 453 18.34 -39.83 5.45
C LEU A 453 19.18 -41.09 5.25
N THR A 454 19.83 -41.58 6.30
CA THR A 454 20.68 -42.75 6.17
C THR A 454 19.86 -44.04 6.02
N SER A 455 18.59 -44.03 6.37
CA SER A 455 17.74 -45.20 6.20
C SER A 455 17.06 -45.25 4.84
N ARG A 456 16.89 -44.11 4.18
CA ARG A 456 16.30 -44.05 2.85
C ARG A 456 17.33 -44.00 1.74
N LEU A 457 18.47 -43.34 1.97
CA LEU A 457 19.54 -43.22 0.98
C LEU A 457 20.78 -44.02 1.33
N GLY A 458 21.20 -44.01 2.59
CA GLY A 458 22.39 -44.72 3.00
C GLY A 458 23.33 -43.87 3.82
N ASN A 459 24.22 -44.51 4.57
CA ASN A 459 25.17 -43.76 5.39
C ASN A 459 26.20 -43.01 4.56
N GLN A 460 26.43 -43.43 3.32
CA GLN A 460 27.38 -42.74 2.46
C GLN A 460 26.84 -41.43 1.90
N TYR A 461 25.51 -41.29 1.83
CA TYR A 461 24.89 -40.09 1.29
C TYR A 461 24.56 -39.06 2.36
N VAL A 462 24.92 -39.31 3.62
CA VAL A 462 24.62 -38.36 4.68
C VAL A 462 25.45 -37.09 4.52
N ASN A 463 26.70 -37.23 4.11
CA ASN A 463 27.58 -36.06 3.99
C ASN A 463 27.29 -35.25 2.73
N VAL A 464 26.99 -35.92 1.62
CA VAL A 464 26.77 -35.21 0.37
C VAL A 464 25.42 -34.50 0.35
N MET A 465 24.42 -35.06 1.03
CA MET A 465 23.11 -34.41 1.06
C MET A 465 23.11 -33.20 1.98
N ASN A 466 23.96 -33.19 3.01
CA ASN A 466 24.06 -32.03 3.88
C ASN A 466 24.70 -30.85 3.17
N MET A 467 25.65 -31.12 2.26
CA MET A 467 26.25 -30.03 1.49
C MET A 467 25.27 -29.46 0.48
N LEU A 468 24.48 -30.32 -0.16
CA LEU A 468 23.48 -29.84 -1.10
C LEU A 468 22.46 -28.94 -0.43
N LEU A 469 22.14 -29.20 0.85
CA LEU A 469 21.17 -28.37 1.56
C LEU A 469 21.70 -26.97 1.81
N PHE A 470 23.00 -26.82 2.01
CA PHE A 470 23.59 -25.53 2.35
C PHE A 470 24.20 -24.81 1.16
N THR A 471 24.32 -25.46 0.01
CA THR A 471 24.88 -24.84 -1.19
C THR A 471 23.79 -24.35 -2.14
N LEU A 472 22.52 -24.46 -1.76
CA LEU A 472 21.40 -24.01 -2.57
C LEU A 472 20.94 -22.62 -2.12
N PRO A 473 20.34 -21.83 -3.03
CA PRO A 473 19.97 -20.46 -2.66
C PRO A 473 18.86 -20.40 -1.62
N GLY A 474 18.06 -21.44 -1.49
CA GLY A 474 16.95 -21.44 -0.55
C GLY A 474 17.41 -21.50 0.89
N THR A 475 16.42 -21.41 1.78
CA THR A 475 16.69 -21.50 3.21
C THR A 475 16.81 -22.97 3.59
N PRO A 476 17.98 -23.45 4.03
CA PRO A 476 18.12 -24.85 4.38
C PRO A 476 17.33 -25.19 5.65
N ILE A 477 16.51 -26.21 5.57
CA ILE A 477 15.71 -26.68 6.70
C ILE A 477 16.20 -28.07 7.07
N THR A 478 16.58 -28.24 8.33
CA THR A 478 17.17 -29.49 8.81
C THR A 478 16.26 -30.11 9.86
N TYR A 479 15.98 -31.40 9.71
CA TYR A 479 15.21 -32.13 10.70
C TYR A 479 16.08 -32.41 11.92
N TYR A 480 15.43 -32.68 13.04
CA TYR A 480 16.16 -33.01 14.27
C TYR A 480 16.86 -34.35 14.11
N GLY A 481 18.11 -34.41 14.56
CA GLY A 481 18.91 -35.60 14.37
C GLY A 481 19.40 -35.84 12.97
N GLU A 482 19.19 -34.89 12.05
CA GLU A 482 19.62 -35.04 10.67
C GLU A 482 21.06 -34.60 10.46
N GLU A 483 21.57 -33.70 11.31
CA GLU A 483 22.95 -33.27 11.18
C GLU A 483 23.92 -34.43 11.31
N ILE A 484 23.57 -35.42 12.13
CA ILE A 484 24.32 -36.66 12.23
C ILE A 484 23.51 -37.77 11.55
N GLY A 485 24.15 -38.93 11.38
CA GLY A 485 23.47 -40.03 10.74
C GLY A 485 22.68 -40.89 11.71
N MET A 486 21.39 -40.63 11.82
CA MET A 486 20.50 -41.36 12.72
C MET A 486 19.57 -42.24 11.89
N GLY A 487 19.65 -43.56 12.14
CA GLY A 487 18.84 -44.50 11.38
C GLY A 487 17.44 -44.65 11.94
N ASN A 488 16.59 -45.28 11.13
CA ASN A 488 15.21 -45.54 11.53
C ASN A 488 15.15 -46.67 12.54
N ILE A 489 14.01 -46.76 13.22
CA ILE A 489 13.77 -47.80 14.21
C ILE A 489 12.58 -48.64 13.75
N VAL A 490 12.47 -49.84 14.30
CA VAL A 490 11.37 -50.73 13.96
C VAL A 490 10.09 -50.21 14.59
N ALA A 491 8.96 -50.58 14.00
CA ALA A 491 7.66 -50.11 14.46
C ALA A 491 7.27 -50.85 15.73
N ALA A 492 7.07 -50.10 16.81
CA ALA A 492 6.65 -50.66 18.09
C ALA A 492 5.15 -50.48 18.28
N ASN A 493 4.57 -51.35 19.10
CA ASN A 493 3.13 -51.34 19.38
C ASN A 493 2.89 -50.46 20.60
N LEU A 494 2.45 -49.23 20.35
CA LEU A 494 2.16 -48.27 21.41
C LEU A 494 0.67 -48.27 21.71
N ASN A 495 0.35 -48.09 23.00
CA ASN A 495 -1.05 -48.09 23.42
C ASN A 495 -1.79 -46.84 22.95
N GLU A 496 -1.06 -45.76 22.68
CA GLU A 496 -1.66 -44.53 22.19
C GLU A 496 -1.93 -44.62 20.69
N SER A 497 -2.89 -43.82 20.24
CA SER A 497 -3.30 -43.81 18.84
C SER A 497 -2.23 -43.12 18.01
N TYR A 498 -1.30 -43.90 17.47
CA TYR A 498 -0.21 -43.38 16.67
C TYR A 498 -0.12 -44.15 15.36
N ASP A 499 0.34 -43.48 14.32
CA ASP A 499 0.54 -44.12 13.03
C ASP A 499 1.72 -45.08 13.10
N ILE A 500 1.50 -46.33 12.68
CA ILE A 500 2.58 -47.30 12.66
C ILE A 500 3.69 -46.85 11.71
N ASN A 501 3.31 -46.49 10.49
CA ASN A 501 4.26 -45.93 9.56
C ASN A 501 4.55 -44.47 9.92
N THR A 502 5.65 -43.95 9.37
CA THR A 502 6.15 -42.61 9.63
C THR A 502 6.49 -42.37 11.10
N LEU A 503 6.47 -43.43 11.92
CA LEU A 503 6.88 -43.32 13.31
C LEU A 503 8.35 -43.61 13.52
N ARG A 504 9.02 -44.21 12.54
CA ARG A 504 10.44 -44.51 12.64
C ARG A 504 11.29 -43.24 12.74
N SER A 505 10.77 -42.11 12.28
CA SER A 505 11.50 -40.85 12.36
C SER A 505 11.31 -40.12 13.68
N LYS A 506 10.43 -40.61 14.55
CA LYS A 506 10.17 -39.99 15.84
C LYS A 506 11.06 -40.54 16.95
N SER A 507 12.17 -41.17 16.60
CA SER A 507 13.05 -41.73 17.61
C SER A 507 13.69 -40.62 18.44
N PRO A 508 13.92 -40.86 19.73
CA PRO A 508 14.51 -39.83 20.58
C PRO A 508 15.91 -39.43 20.11
N MET A 509 16.28 -38.19 20.40
CA MET A 509 17.57 -37.68 20.00
C MET A 509 18.69 -38.36 20.79
N GLN A 510 19.72 -38.82 20.08
CA GLN A 510 20.86 -39.49 20.70
C GLN A 510 21.84 -38.42 21.17
N TRP A 511 21.80 -38.10 22.46
CA TRP A 511 22.68 -37.07 23.03
C TRP A 511 23.99 -37.67 23.53
N ASP A 512 23.90 -38.61 24.47
CA ASP A 512 25.07 -39.24 25.07
C ASP A 512 25.05 -40.74 24.75
N ASN A 513 25.97 -41.47 25.37
CA ASN A 513 25.99 -42.93 25.29
C ASN A 513 25.50 -43.59 26.57
N SER A 514 24.79 -42.84 27.41
CA SER A 514 24.23 -43.37 28.65
C SER A 514 22.92 -44.09 28.34
N SER A 515 22.15 -44.40 29.39
CA SER A 515 20.88 -45.07 29.21
C SER A 515 19.93 -44.22 28.38
N ASN A 516 19.29 -44.86 27.38
CA ASN A 516 18.38 -44.19 26.46
C ASN A 516 19.08 -43.06 25.69
N ALA A 517 20.39 -43.23 25.45
CA ALA A 517 21.20 -42.26 24.70
C ALA A 517 21.16 -40.87 25.33
N GLY A 518 21.01 -40.79 26.65
CA GLY A 518 20.97 -39.50 27.31
C GLY A 518 19.73 -38.67 27.04
N PHE A 519 18.71 -39.25 26.42
CA PHE A 519 17.50 -38.49 26.14
C PHE A 519 16.70 -38.24 27.41
N SER A 520 16.64 -39.24 28.29
CA SER A 520 15.91 -39.10 29.55
C SER A 520 16.49 -40.07 30.57
N GLU A 521 16.55 -39.63 31.82
CA GLU A 521 17.03 -40.48 32.91
C GLU A 521 15.98 -41.46 33.41
N ALA A 522 14.78 -41.42 32.85
CA ALA A 522 13.70 -42.31 33.25
C ALA A 522 13.71 -43.59 32.41
N SER A 523 12.93 -44.57 32.86
CA SER A 523 12.82 -45.84 32.16
C SER A 523 11.54 -45.87 31.32
N ASN A 524 11.43 -46.92 30.50
CA ASN A 524 10.28 -47.20 29.64
C ASN A 524 9.78 -45.93 28.93
N THR A 525 10.68 -45.35 28.14
CA THR A 525 10.37 -44.14 27.39
C THR A 525 9.23 -44.38 26.39
N TRP A 526 8.71 -43.28 25.85
CA TRP A 526 7.57 -43.36 24.95
C TRP A 526 7.92 -44.07 23.65
N LEU A 527 9.18 -44.00 23.22
CA LEU A 527 9.63 -44.67 22.02
C LEU A 527 11.02 -45.23 22.26
N PRO A 528 11.28 -46.47 21.84
CA PRO A 528 12.61 -47.06 22.07
C PRO A 528 13.68 -46.34 21.27
N THR A 529 14.75 -45.96 21.94
CA THR A 529 15.87 -45.32 21.28
C THR A 529 16.57 -46.30 20.35
N ASN A 530 17.07 -45.79 19.22
CA ASN A 530 17.78 -46.62 18.26
C ASN A 530 18.92 -47.38 18.92
N SER A 531 19.16 -48.59 18.44
CA SER A 531 20.11 -49.49 19.11
C SER A 531 21.54 -48.96 19.01
N ASP A 532 21.98 -48.61 17.80
CA ASP A 532 23.35 -48.14 17.59
C ASP A 532 23.50 -46.67 17.97
N TYR A 533 23.31 -46.41 19.27
CA TYR A 533 23.51 -45.06 19.80
C TYR A 533 24.85 -44.89 20.52
N HIS A 534 25.51 -45.99 20.87
CA HIS A 534 26.83 -45.88 21.49
C HIS A 534 27.87 -45.34 20.51
N THR A 535 27.64 -45.51 19.21
CA THR A 535 28.57 -45.04 18.19
C THR A 535 28.10 -43.77 17.50
N VAL A 536 26.81 -43.44 17.58
CA VAL A 536 26.25 -42.25 16.93
C VAL A 536 25.59 -41.41 18.02
N ASN A 537 26.26 -40.33 18.42
CA ASN A 537 25.69 -39.38 19.36
C ASN A 537 26.48 -38.07 19.24
N VAL A 538 25.89 -37.00 19.77
CA VAL A 538 26.49 -35.69 19.64
C VAL A 538 27.81 -35.61 20.40
N ASP A 539 27.93 -36.32 21.52
CA ASP A 539 29.16 -36.24 22.32
C ASP A 539 30.30 -36.98 21.64
N VAL A 540 30.02 -38.13 21.03
CA VAL A 540 31.06 -38.90 20.36
C VAL A 540 31.52 -38.18 19.09
N GLN A 541 30.58 -37.67 18.30
CA GLN A 541 30.94 -37.01 17.05
C GLN A 541 31.63 -35.67 17.26
N LYS A 542 31.52 -35.09 18.47
CA LYS A 542 32.18 -33.82 18.73
C LYS A 542 33.65 -34.01 19.06
N THR A 543 33.99 -35.08 19.78
CA THR A 543 35.37 -35.31 20.18
C THR A 543 36.22 -35.88 19.05
N GLN A 544 35.60 -36.60 18.11
CA GLN A 544 36.44 -37.17 17.08
C GLN A 544 36.42 -36.33 15.81
N PRO A 545 37.55 -36.22 15.12
CA PRO A 545 37.57 -35.50 13.85
C PRO A 545 37.07 -36.38 12.71
N ARG A 546 36.89 -35.74 11.55
CA ARG A 546 36.42 -36.41 10.34
C ARG A 546 35.07 -37.09 10.54
N SER A 547 34.25 -36.54 11.44
CA SER A 547 32.93 -37.08 11.72
C SER A 547 31.87 -36.33 10.92
N ALA A 548 30.66 -36.88 10.92
CA ALA A 548 29.54 -36.22 10.25
C ALA A 548 28.78 -35.31 11.21
N LEU A 549 29.53 -34.52 11.97
CA LEU A 549 28.97 -33.43 12.77
C LEU A 549 29.72 -32.13 12.52
N LYS A 550 31.04 -32.20 12.32
CA LYS A 550 31.81 -31.01 12.01
C LYS A 550 31.48 -30.50 10.60
N LEU A 551 31.15 -31.41 9.68
CA LEU A 551 30.77 -31.00 8.34
C LEU A 551 29.49 -30.17 8.37
N TYR A 552 28.57 -30.49 9.28
CA TYR A 552 27.37 -29.67 9.43
C TYR A 552 27.68 -28.34 10.10
N GLN A 553 28.74 -28.28 10.90
CA GLN A 553 29.07 -27.05 11.62
C GLN A 553 29.72 -26.02 10.70
N ASP A 554 30.76 -26.43 9.95
CA ASP A 554 31.43 -25.50 9.07
C ASP A 554 30.64 -25.18 7.81
N LEU A 555 29.68 -26.04 7.45
CA LEU A 555 28.80 -25.71 6.32
C LEU A 555 27.89 -24.55 6.66
N SER A 556 27.28 -24.58 7.85
CA SER A 556 26.47 -23.45 8.30
C SER A 556 27.33 -22.22 8.56
N LEU A 557 28.58 -22.41 8.98
CA LEU A 557 29.48 -21.28 9.14
C LEU A 557 29.87 -20.69 7.80
N LEU A 558 30.16 -21.54 6.82
CA LEU A 558 30.46 -21.04 5.47
C LEU A 558 29.24 -20.39 4.84
N HIS A 559 28.05 -20.93 5.13
CA HIS A 559 26.83 -20.34 4.58
C HIS A 559 26.51 -18.99 5.23
N ALA A 560 26.92 -18.80 6.48
CA ALA A 560 26.63 -17.56 7.19
C ALA A 560 27.71 -16.50 6.99
N ASN A 561 28.97 -16.92 6.93
CA ASN A 561 30.06 -15.95 6.80
C ASN A 561 30.20 -15.48 5.35
N GLU A 562 30.27 -16.41 4.41
CA GLU A 562 30.43 -16.04 3.01
C GLU A 562 29.13 -15.48 2.45
N LEU A 563 29.24 -14.45 1.61
CA LEU A 563 28.08 -13.82 1.00
C LEU A 563 27.65 -14.51 -0.28
N LEU A 564 28.51 -15.34 -0.89
CA LEU A 564 28.15 -16.04 -2.10
C LEU A 564 27.06 -17.07 -1.85
N LEU A 565 27.03 -17.68 -0.66
CA LEU A 565 26.02 -18.66 -0.32
C LEU A 565 24.76 -18.02 0.27
N ASN A 566 24.88 -16.85 0.88
CA ASN A 566 23.72 -16.18 1.46
C ASN A 566 22.81 -15.63 0.36
N ARG A 567 23.35 -14.72 -0.47
CA ARG A 567 22.59 -14.11 -1.56
C ARG A 567 23.50 -14.07 -2.80
N GLY A 568 23.41 -15.12 -3.61
CA GLY A 568 24.23 -15.21 -4.81
C GLY A 568 23.48 -15.90 -5.92
N TRP A 569 24.05 -15.82 -7.12
CA TRP A 569 23.46 -16.46 -8.29
C TRP A 569 23.61 -17.97 -8.21
N PHE A 570 22.77 -18.67 -8.96
CA PHE A 570 22.76 -20.13 -8.99
C PHE A 570 22.74 -20.57 -10.45
N CYS A 571 23.89 -20.98 -10.97
CA CYS A 571 24.03 -21.39 -12.36
C CYS A 571 24.41 -22.87 -12.41
N HIS A 572 23.45 -23.71 -12.77
CA HIS A 572 23.68 -25.14 -12.85
C HIS A 572 24.25 -25.52 -14.21
N LEU A 573 25.17 -26.49 -14.23
CA LEU A 573 25.79 -26.93 -15.47
C LEU A 573 25.17 -28.20 -16.04
N ARG A 574 24.63 -28.08 -17.26
CA ARG A 574 23.98 -29.17 -18.01
C ARG A 574 23.18 -30.19 -17.20
N ASN A 575 23.38 -31.47 -17.52
CA ASN A 575 22.67 -32.56 -16.86
C ASN A 575 23.51 -33.87 -16.90
N ASP A 576 23.72 -34.56 -15.77
CA ASP A 576 24.46 -35.82 -15.85
C ASP A 576 23.79 -36.85 -14.96
N SER A 577 24.12 -38.11 -15.19
CA SER A 577 23.62 -39.22 -14.39
C SER A 577 24.62 -39.69 -13.34
N HIS A 578 25.80 -39.08 -13.27
CA HIS A 578 26.81 -39.51 -12.32
C HIS A 578 27.50 -38.34 -11.60
N TYR A 579 27.07 -37.11 -11.84
CA TYR A 579 27.57 -35.96 -11.09
C TYR A 579 26.65 -34.78 -11.31
N VAL A 580 26.48 -33.97 -10.26
CA VAL A 580 25.67 -32.76 -10.29
C VAL A 580 26.57 -31.59 -9.91
N VAL A 581 26.78 -30.67 -10.84
CA VAL A 581 27.68 -29.54 -10.65
C VAL A 581 26.91 -28.25 -10.87
N TYR A 582 27.05 -27.31 -9.94
CA TYR A 582 26.48 -25.98 -10.07
C TYR A 582 27.45 -24.96 -9.48
N THR A 583 27.27 -23.71 -9.87
CA THR A 583 28.17 -22.63 -9.50
C THR A 583 27.40 -21.54 -8.77
N ARG A 584 27.93 -21.08 -7.65
CA ARG A 584 27.37 -19.98 -6.88
C ARG A 584 28.26 -18.77 -7.03
N GLU A 585 27.70 -17.66 -7.51
CA GLU A 585 28.47 -16.46 -7.81
C GLU A 585 27.64 -15.23 -7.47
N LEU A 586 28.31 -14.08 -7.46
CA LEU A 586 27.67 -12.80 -7.19
C LEU A 586 28.50 -11.70 -7.82
N ASP A 587 27.82 -10.65 -8.30
CA ASP A 587 28.50 -9.54 -8.95
C ASP A 587 29.35 -8.77 -7.95
N GLY A 588 30.59 -8.49 -8.32
CA GLY A 588 31.50 -7.74 -7.48
C GLY A 588 32.33 -8.56 -6.51
N ILE A 589 32.08 -9.87 -6.41
CA ILE A 589 32.86 -10.70 -5.52
C ILE A 589 34.20 -11.11 -6.14
N ASP A 590 34.25 -11.25 -7.47
CA ASP A 590 35.45 -11.66 -8.19
C ASP A 590 35.92 -13.04 -7.72
N ARG A 591 34.96 -13.88 -7.36
CA ARG A 591 35.27 -15.21 -6.83
C ARG A 591 33.98 -16.03 -6.86
N ILE A 592 34.09 -17.28 -7.33
CA ILE A 592 32.94 -18.15 -7.48
C ILE A 592 33.13 -19.39 -6.62
N PHE A 593 32.02 -20.09 -6.37
CA PHE A 593 32.02 -21.34 -5.63
C PHE A 593 31.50 -22.45 -6.54
N ILE A 594 32.37 -23.42 -6.83
CA ILE A 594 32.02 -24.55 -7.69
C ILE A 594 31.73 -25.74 -6.79
N VAL A 595 30.48 -26.19 -6.76
CA VAL A 595 30.06 -27.31 -5.94
C VAL A 595 29.87 -28.52 -6.86
N VAL A 596 30.48 -29.64 -6.47
CA VAL A 596 30.42 -30.88 -7.25
C VAL A 596 29.90 -31.98 -6.34
N LEU A 597 28.79 -32.60 -6.72
CA LEU A 597 28.21 -33.72 -5.99
C LEU A 597 28.16 -34.93 -6.91
N ASN A 598 28.58 -36.09 -6.41
CA ASN A 598 28.69 -37.27 -7.25
C ASN A 598 27.33 -37.90 -7.52
N PHE A 599 26.68 -38.42 -6.48
CA PHE A 599 25.38 -39.10 -6.60
C PHE A 599 25.43 -40.23 -7.64
N GLY A 600 26.62 -40.78 -7.87
CA GLY A 600 26.80 -41.81 -8.87
C GLY A 600 27.47 -43.06 -8.35
N GLU A 601 28.33 -43.69 -9.17
CA GLU A 601 29.05 -44.90 -8.77
C GLU A 601 30.55 -44.67 -9.03
N SER A 602 31.20 -44.01 -8.07
CA SER A 602 32.65 -43.80 -8.05
C SER A 602 33.23 -43.52 -9.45
N THR A 603 32.71 -42.48 -10.08
CA THR A 603 33.15 -42.09 -11.41
C THR A 603 34.13 -40.92 -11.33
N LEU A 604 34.81 -40.67 -12.45
CA LEU A 604 35.75 -39.58 -12.58
C LEU A 604 35.11 -38.43 -13.36
N LEU A 605 35.41 -37.20 -12.94
CA LEU A 605 34.83 -36.01 -13.54
C LEU A 605 35.93 -35.19 -14.22
N ASN A 606 35.62 -34.68 -15.41
CA ASN A 606 36.51 -33.79 -16.16
C ASN A 606 35.89 -32.40 -16.11
N LEU A 607 36.43 -31.54 -15.24
CA LEU A 607 35.89 -30.19 -15.08
C LEU A 607 36.20 -29.30 -16.27
N HIS A 608 37.12 -29.69 -17.15
CA HIS A 608 37.41 -28.89 -18.34
C HIS A 608 36.32 -28.99 -19.40
N ASN A 609 35.40 -29.96 -19.27
CA ASN A 609 34.31 -30.11 -20.23
C ASN A 609 33.07 -29.34 -19.85
N MET A 610 32.99 -28.86 -18.60
CA MET A 610 31.78 -28.21 -18.09
C MET A 610 31.95 -26.70 -17.98
N ILE A 611 32.97 -26.25 -17.27
CA ILE A 611 33.25 -24.83 -17.08
C ILE A 611 34.56 -24.49 -17.77
N SER A 612 34.58 -23.34 -18.45
CA SER A 612 35.74 -22.87 -19.18
C SER A 612 36.47 -21.80 -18.39
N GLY A 613 37.79 -21.82 -18.44
CA GLY A 613 38.60 -20.82 -17.77
C GLY A 613 39.16 -21.23 -16.42
N LEU A 614 39.14 -22.53 -16.09
CA LEU A 614 39.66 -22.99 -14.81
C LEU A 614 41.16 -23.23 -14.90
N PRO A 615 41.91 -22.94 -13.84
CA PRO A 615 43.38 -23.08 -13.91
C PRO A 615 43.82 -24.54 -13.85
N ALA A 616 45.14 -24.74 -13.79
CA ALA A 616 45.67 -26.10 -13.78
C ALA A 616 45.36 -26.81 -12.46
N LYS A 617 45.33 -26.06 -11.36
CA LYS A 617 45.08 -26.63 -10.04
C LYS A 617 44.02 -25.81 -9.32
N MET A 618 43.19 -26.50 -8.53
CA MET A 618 42.13 -25.89 -7.76
C MET A 618 42.12 -26.48 -6.36
N ARG A 619 41.72 -25.66 -5.39
CA ARG A 619 41.70 -26.06 -3.99
C ARG A 619 40.28 -26.42 -3.55
N ILE A 620 40.20 -27.34 -2.59
CA ILE A 620 38.93 -27.77 -2.01
C ILE A 620 38.72 -27.06 -0.69
N ARG A 621 37.46 -26.88 -0.31
CA ARG A 621 37.11 -26.20 0.94
C ARG A 621 36.64 -27.16 2.03
N LEU A 622 35.63 -27.98 1.73
CA LEU A 622 35.06 -28.88 2.73
C LEU A 622 35.24 -30.35 2.38
N SER A 623 34.97 -30.73 1.13
CA SER A 623 35.24 -32.06 0.63
C SER A 623 34.54 -33.15 1.42
N THR A 624 33.20 -33.20 1.32
CA THR A 624 32.33 -34.15 2.05
C THR A 624 32.83 -35.59 2.25
N ASN A 625 33.54 -35.54 3.48
CA ASN A 625 34.28 -36.72 3.96
C ASN A 625 35.38 -36.25 4.95
N SER A 626 35.52 -34.93 5.08
CA SER A 626 36.52 -34.23 5.92
C SER A 626 37.96 -34.43 5.45
N ALA A 627 38.92 -34.07 6.31
CA ALA A 627 40.36 -34.22 6.03
C ALA A 627 40.91 -33.53 4.76
N ASP A 628 40.59 -34.09 3.59
CA ASP A 628 41.05 -33.57 2.30
C ASP A 628 40.85 -32.07 2.04
N LYS A 629 40.29 -31.34 3.01
CA LYS A 629 40.09 -29.91 2.83
C LYS A 629 41.43 -29.20 2.67
N GLY A 630 41.46 -28.19 1.80
CA GLY A 630 42.69 -27.49 1.52
C GLY A 630 43.71 -28.31 0.76
N SER A 631 43.27 -29.28 -0.01
CA SER A 631 44.17 -30.13 -0.79
C SER A 631 44.31 -29.57 -2.20
N LYS A 632 44.97 -30.31 -3.07
CA LYS A 632 45.21 -29.90 -4.45
C LYS A 632 44.71 -30.98 -5.40
N VAL A 633 43.83 -30.58 -6.33
CA VAL A 633 43.28 -31.49 -7.33
C VAL A 633 43.26 -30.76 -8.67
N ASP A 634 43.73 -31.43 -9.71
CA ASP A 634 43.63 -30.88 -11.05
C ASP A 634 42.22 -31.04 -11.60
N THR A 635 41.87 -30.19 -12.57
CA THR A 635 40.52 -30.21 -13.12
C THR A 635 40.29 -31.46 -13.95
N SER A 636 41.20 -31.76 -14.89
CA SER A 636 41.06 -32.92 -15.76
C SER A 636 41.42 -34.17 -14.99
N GLY A 637 40.40 -34.75 -14.33
CA GLY A 637 40.58 -35.95 -13.56
C GLY A 637 40.48 -35.73 -12.07
N ILE A 638 39.31 -36.06 -11.50
CA ILE A 638 39.06 -35.91 -10.08
C ILE A 638 38.48 -37.22 -9.56
N PHE A 639 39.12 -37.78 -8.54
CA PHE A 639 38.66 -39.03 -7.95
C PHE A 639 37.56 -38.75 -6.94
N LEU A 640 36.35 -39.25 -7.21
CA LEU A 640 35.20 -39.05 -6.33
C LEU A 640 34.62 -40.42 -5.98
N ASP A 641 34.29 -40.61 -4.71
CA ASP A 641 33.68 -41.85 -4.24
C ASP A 641 32.16 -41.75 -4.41
N LYS A 642 31.43 -42.74 -3.90
CA LYS A 642 29.98 -42.74 -4.01
C LYS A 642 29.38 -41.55 -3.27
N GLY A 643 29.56 -41.51 -1.95
CA GLY A 643 29.11 -40.39 -1.15
C GLY A 643 30.17 -39.32 -0.99
N GLU A 644 30.53 -38.65 -2.08
CA GLU A 644 31.59 -37.67 -2.07
C GLU A 644 31.11 -36.36 -2.68
N GLY A 645 31.45 -35.26 -2.04
CA GLY A 645 31.11 -33.93 -2.53
C GLY A 645 32.19 -32.91 -2.25
N LEU A 646 32.42 -31.98 -3.18
CA LEU A 646 33.48 -31.00 -3.05
C LEU A 646 32.94 -29.60 -3.31
N ILE A 647 33.63 -28.61 -2.73
CA ILE A 647 33.37 -27.20 -2.99
C ILE A 647 34.68 -26.57 -3.44
N PHE A 648 34.70 -26.04 -4.66
CA PHE A 648 35.89 -25.41 -5.22
C PHE A 648 35.74 -23.89 -5.20
N GLU A 649 36.81 -23.21 -4.81
CA GLU A 649 36.83 -21.75 -4.70
C GLU A 649 37.84 -21.22 -5.70
N HIS A 650 37.35 -20.62 -6.78
CA HIS A 650 38.18 -20.10 -7.86
C HIS A 650 38.06 -18.58 -7.93
N ASN A 651 39.17 -17.92 -8.24
CA ASN A 651 39.21 -16.47 -8.32
C ASN A 651 39.23 -16.07 -9.80
N THR A 652 38.16 -15.42 -10.25
CA THR A 652 38.06 -14.97 -11.62
C THR A 652 36.93 -13.95 -11.75
N LYS A 653 37.00 -13.16 -12.81
CA LYS A 653 35.94 -12.23 -13.20
C LYS A 653 35.23 -12.71 -14.46
N ASN A 654 35.00 -14.00 -14.56
CA ASN A 654 34.39 -14.63 -15.73
C ASN A 654 33.13 -15.38 -15.32
N LEU A 655 32.26 -14.69 -14.56
CA LEU A 655 31.05 -15.30 -14.04
C LEU A 655 30.21 -15.91 -15.16
N LEU A 656 29.66 -17.10 -14.89
CA LEU A 656 28.89 -17.80 -15.91
C LEU A 656 27.57 -17.09 -16.21
N HIS A 657 27.01 -16.37 -15.23
CA HIS A 657 25.74 -15.70 -15.43
C HIS A 657 25.83 -14.53 -16.41
N ARG A 658 27.04 -14.10 -16.78
CA ARG A 658 27.21 -13.02 -17.73
C ARG A 658 27.34 -13.52 -19.17
N GLN A 659 27.71 -14.78 -19.37
CA GLN A 659 27.88 -15.32 -20.71
C GLN A 659 26.54 -15.58 -21.37
N THR A 660 26.54 -15.51 -22.71
CA THR A 660 25.31 -15.72 -23.45
C THR A 660 24.82 -17.17 -23.40
N ALA A 661 25.72 -18.12 -23.20
CA ALA A 661 25.33 -19.53 -23.14
C ALA A 661 24.58 -19.83 -21.84
N PHE A 662 25.08 -19.34 -20.72
CA PHE A 662 24.46 -19.59 -19.41
C PHE A 662 23.53 -18.44 -19.03
N ARG A 663 22.46 -18.30 -19.81
CA ARG A 663 21.43 -17.31 -19.55
C ARG A 663 20.09 -17.93 -19.17
N ASP A 664 19.78 -19.12 -19.68
CA ASP A 664 18.56 -19.82 -19.35
C ASP A 664 18.73 -20.81 -18.21
N ARG A 665 19.93 -20.90 -17.62
CA ARG A 665 20.21 -21.82 -16.53
C ARG A 665 20.84 -21.09 -15.35
N CYS A 666 20.53 -19.80 -15.20
CA CYS A 666 21.04 -19.00 -14.10
C CYS A 666 19.88 -18.25 -13.46
N PHE A 667 19.72 -18.41 -12.15
CA PHE A 667 18.62 -17.79 -11.43
C PHE A 667 19.14 -17.05 -10.20
N VAL A 668 18.47 -15.97 -9.86
CA VAL A 668 18.81 -15.17 -8.69
C VAL A 668 17.54 -14.54 -8.14
N SER A 669 17.51 -14.35 -6.81
CA SER A 669 16.35 -13.75 -6.17
C SER A 669 16.51 -12.24 -6.03
N ASN A 670 17.58 -11.80 -5.37
CA ASN A 670 17.87 -10.39 -5.16
C ASN A 670 19.13 -10.06 -5.94
N ARG A 671 18.96 -9.54 -7.16
CA ARG A 671 20.10 -9.16 -7.99
C ARG A 671 20.80 -7.95 -7.40
N ALA A 672 22.07 -8.12 -7.06
CA ALA A 672 22.86 -7.05 -6.46
C ALA A 672 24.31 -7.17 -6.91
N CYS A 673 25.06 -6.09 -6.70
CA CYS A 673 26.48 -6.04 -7.02
C CYS A 673 27.28 -5.71 -5.77
N TYR A 674 28.38 -6.43 -5.57
CA TYR A 674 29.29 -6.22 -4.46
C TYR A 674 30.41 -5.27 -4.88
N SER A 675 30.94 -4.54 -3.89
CA SER A 675 32.05 -3.62 -4.10
C SER A 675 33.11 -3.92 -3.05
N SER A 676 34.34 -4.20 -3.51
CA SER A 676 35.42 -4.50 -2.58
C SER A 676 35.98 -3.24 -1.93
N VAL A 677 36.11 -2.16 -2.70
CA VAL A 677 36.66 -0.91 -2.20
C VAL A 677 35.75 -0.35 -1.12
N LEU A 678 34.49 -0.10 -1.47
CA LEU A 678 33.47 0.31 -0.52
C LEU A 678 32.62 -0.90 -0.14
N ASN A 679 32.82 -1.37 1.09
CA ASN A 679 32.16 -2.61 1.54
C ASN A 679 30.68 -2.34 1.80
N ILE A 680 29.90 -2.32 0.72
CA ILE A 680 28.46 -2.08 0.78
C ILE A 680 27.79 -2.84 -0.36
N LEU A 681 26.48 -3.02 -0.25
CA LEU A 681 25.69 -3.71 -1.27
C LEU A 681 25.14 -2.70 -2.25
N TYR A 682 25.26 -3.00 -3.54
CA TYR A 682 24.78 -2.12 -4.61
C TYR A 682 23.72 -2.84 -5.44
N THR A 683 22.73 -2.06 -5.88
CA THR A 683 21.74 -2.57 -6.83
C THR A 683 22.20 -2.37 -8.26
N SER A 684 22.51 -1.13 -8.63
CA SER A 684 23.10 -0.82 -9.93
C SER A 684 24.63 -0.87 -9.84
N CYS A 685 25.24 -1.39 -10.90
CA CYS A 685 26.68 -1.59 -10.90
C CYS A 685 27.26 -1.39 -12.31
N LEU B 92 -6.10 37.29 23.24
CA LEU B 92 -7.27 36.50 22.88
C LEU B 92 -7.18 36.06 21.42
N THR B 93 -6.68 36.95 20.58
CA THR B 93 -6.55 36.62 19.16
C THR B 93 -5.51 35.53 18.93
N VAL B 94 -4.48 35.49 19.77
CA VAL B 94 -3.43 34.48 19.62
C VAL B 94 -3.97 33.09 19.93
N ALA B 95 -5.06 33.02 20.71
CA ALA B 95 -5.72 31.74 20.94
C ALA B 95 -6.76 31.46 19.86
N SER B 96 -7.34 32.52 19.29
CA SER B 96 -8.39 32.35 18.28
C SER B 96 -7.80 31.92 16.94
N VAL B 97 -6.52 32.20 16.70
CA VAL B 97 -5.94 31.86 15.40
C VAL B 97 -5.68 30.37 15.30
N LEU B 98 -5.25 29.73 16.41
CA LEU B 98 -5.02 28.30 16.38
C LEU B 98 -6.34 27.53 16.49
N VAL B 99 -7.34 28.11 17.16
CA VAL B 99 -8.64 27.45 17.25
C VAL B 99 -9.27 27.37 15.86
N LEU B 100 -8.85 28.23 14.94
CA LEU B 100 -9.30 28.10 13.55
C LEU B 100 -8.52 27.01 12.82
N ILE B 101 -7.20 26.99 12.99
CA ILE B 101 -6.38 25.94 12.36
C ILE B 101 -6.78 24.57 12.88
N ALA B 102 -7.11 24.48 14.17
CA ALA B 102 -7.59 23.21 14.72
C ALA B 102 -8.95 22.84 14.12
N ALA B 103 -9.74 23.86 13.76
CA ALA B 103 -11.04 23.59 13.14
C ALA B 103 -10.87 23.11 11.70
N THR B 104 -9.95 23.73 10.96
CA THR B 104 -9.73 23.31 9.58
C THR B 104 -9.12 21.92 9.50
N ILE B 105 -8.13 21.63 10.35
CA ILE B 105 -7.51 20.31 10.34
C ILE B 105 -8.48 19.25 10.81
N ALA B 106 -9.51 19.64 11.56
CA ALA B 106 -10.57 18.70 11.94
C ALA B 106 -11.52 18.43 10.79
N ILE B 107 -11.84 19.46 9.99
CA ILE B 107 -12.72 19.28 8.85
C ILE B 107 -12.05 18.41 7.79
N ILE B 108 -10.76 18.64 7.54
CA ILE B 108 -10.03 17.82 6.57
C ILE B 108 -9.93 16.38 7.04
N ALA B 109 -9.78 16.16 8.36
CA ALA B 109 -9.65 14.81 8.88
C ALA B 109 -10.99 14.09 8.99
N LEU B 110 -12.08 14.83 9.12
CA LEU B 110 -13.41 14.25 9.25
C LEU B 110 -14.19 14.22 7.94
N SER B 111 -13.66 14.84 6.89
CA SER B 111 -14.36 14.84 5.60
C SER B 111 -14.19 13.48 4.93
N PRO B 112 -15.28 12.80 4.56
CA PRO B 112 -15.15 11.51 3.88
C PRO B 112 -14.62 11.67 2.46
N LYS B 113 -14.24 10.55 1.88
CA LYS B 113 -13.76 10.55 0.50
C LYS B 113 -14.91 10.85 -0.45
N CYS B 114 -14.69 11.77 -1.38
CA CYS B 114 -15.72 12.15 -2.34
C CYS B 114 -16.04 10.98 -3.26
N LEU B 115 -17.31 10.88 -3.64
CA LEU B 115 -17.75 9.81 -4.51
C LEU B 115 -17.12 9.95 -5.89
N ASP B 116 -16.62 8.84 -6.43
CA ASP B 116 -16.01 8.86 -7.75
C ASP B 116 -17.08 9.06 -8.83
N TRP B 117 -16.61 9.23 -10.07
CA TRP B 117 -17.54 9.47 -11.17
C TRP B 117 -18.41 8.26 -11.46
N TRP B 118 -17.94 7.06 -11.12
CA TRP B 118 -18.72 5.85 -11.35
C TRP B 118 -19.69 5.54 -10.20
N GLN B 119 -19.60 6.26 -9.09
CA GLN B 119 -20.53 6.07 -7.98
C GLN B 119 -21.73 7.00 -8.05
N GLU B 120 -21.51 8.25 -8.44
CA GLU B 120 -22.57 9.23 -8.59
C GLU B 120 -22.87 9.45 -10.06
N GLY B 121 -24.16 9.57 -10.39
CA GLY B 121 -24.57 9.76 -11.77
C GLY B 121 -24.91 8.45 -12.45
N PRO B 122 -26.05 8.41 -13.14
CA PRO B 122 -26.46 7.18 -13.82
C PRO B 122 -25.68 6.94 -15.10
N MET B 123 -25.74 5.70 -15.56
CA MET B 123 -25.13 5.29 -16.82
C MET B 123 -26.24 5.04 -17.86
N TYR B 124 -25.91 5.31 -19.12
CA TYR B 124 -26.85 5.14 -20.23
C TYR B 124 -26.17 4.31 -21.30
N GLN B 125 -26.28 2.99 -21.17
CA GLN B 125 -25.63 2.08 -22.12
C GLN B 125 -26.19 2.30 -23.52
N ILE B 126 -25.29 2.46 -24.49
CA ILE B 126 -25.64 2.81 -25.86
C ILE B 126 -25.12 1.72 -26.79
N TYR B 127 -25.99 1.25 -27.67
CA TYR B 127 -25.56 0.34 -28.74
C TYR B 127 -25.03 1.17 -29.90
N PRO B 128 -23.77 0.97 -30.31
CA PRO B 128 -23.18 1.87 -31.33
C PRO B 128 -23.78 1.72 -32.71
N ARG B 129 -24.45 0.60 -33.00
CA ARG B 129 -24.99 0.37 -34.33
C ARG B 129 -26.46 0.76 -34.46
N SER B 130 -27.16 1.00 -33.35
CA SER B 130 -28.58 1.31 -33.39
C SER B 130 -28.89 2.53 -32.54
N PHE B 131 -28.02 3.54 -32.58
CA PHE B 131 -28.24 4.77 -31.84
C PHE B 131 -28.45 5.96 -32.77
N LYS B 132 -27.51 6.22 -33.67
CA LYS B 132 -27.63 7.36 -34.59
C LYS B 132 -26.63 7.17 -35.72
N ASP B 133 -27.08 7.45 -36.94
CA ASP B 133 -26.26 7.33 -38.14
C ASP B 133 -26.02 8.72 -38.73
N SER B 134 -24.78 8.96 -39.17
CA SER B 134 -24.39 10.25 -39.72
C SER B 134 -23.94 10.19 -41.17
N ASN B 135 -23.08 9.24 -41.53
CA ASN B 135 -22.56 9.15 -42.88
C ASN B 135 -23.58 8.58 -43.88
N LYS B 136 -24.80 8.28 -43.44
CA LYS B 136 -25.88 7.83 -44.32
C LYS B 136 -25.50 6.54 -45.05
N ASP B 137 -25.24 5.49 -44.28
CA ASP B 137 -24.92 4.18 -44.83
C ASP B 137 -25.89 3.09 -44.44
N GLY B 138 -26.64 3.28 -43.35
CA GLY B 138 -27.60 2.28 -42.90
C GLY B 138 -27.34 1.81 -41.49
N ASN B 139 -26.08 1.87 -41.06
CA ASN B 139 -25.66 1.43 -39.74
C ASN B 139 -25.26 2.62 -38.89
N GLY B 140 -25.45 2.48 -37.58
CA GLY B 140 -25.01 3.52 -36.67
C GLY B 140 -23.49 3.62 -36.60
N ASP B 141 -23.02 4.80 -36.18
CA ASP B 141 -21.59 5.06 -36.09
C ASP B 141 -21.29 5.84 -34.83
N LEU B 142 -20.00 5.99 -34.54
CA LEU B 142 -19.57 6.76 -33.38
C LEU B 142 -19.79 8.25 -33.58
N LYS B 143 -19.82 8.73 -34.82
CA LYS B 143 -20.10 10.14 -35.07
C LYS B 143 -21.54 10.49 -34.72
N GLY B 144 -22.47 9.56 -34.94
CA GLY B 144 -23.85 9.81 -34.58
C GLY B 144 -24.06 9.95 -33.09
N ILE B 145 -23.23 9.27 -32.29
CA ILE B 145 -23.32 9.44 -30.84
C ILE B 145 -22.81 10.81 -30.43
N GLN B 146 -21.83 11.35 -31.15
CA GLN B 146 -21.32 12.69 -30.84
C GLN B 146 -22.36 13.75 -31.18
N ASP B 147 -23.12 13.55 -32.26
CA ASP B 147 -24.14 14.52 -32.63
C ASP B 147 -25.28 14.56 -31.62
N LYS B 148 -25.60 13.42 -31.00
CA LYS B 148 -26.65 13.34 -29.98
C LYS B 148 -26.08 13.40 -28.56
N LEU B 149 -24.90 14.00 -28.38
CA LEU B 149 -24.31 14.08 -27.05
C LEU B 149 -25.08 15.04 -26.14
N ASP B 150 -25.69 16.08 -26.72
CA ASP B 150 -26.44 17.04 -25.91
C ASP B 150 -27.69 16.42 -25.31
N TYR B 151 -28.25 15.38 -25.95
CA TYR B 151 -29.41 14.70 -25.39
C TYR B 151 -29.00 13.80 -24.21
N ILE B 152 -27.77 13.27 -24.24
CA ILE B 152 -27.30 12.46 -23.13
C ILE B 152 -27.15 13.29 -21.87
N THR B 153 -26.65 14.53 -22.00
CA THR B 153 -26.52 15.40 -20.84
C THR B 153 -27.88 15.90 -20.37
N ALA B 154 -28.88 15.93 -21.27
CA ALA B 154 -30.22 16.36 -20.87
C ALA B 154 -30.88 15.36 -19.92
N LEU B 155 -30.44 14.11 -19.92
CA LEU B 155 -30.96 13.10 -19.01
C LEU B 155 -30.12 12.99 -17.74
N ASN B 156 -29.21 13.94 -17.50
CA ASN B 156 -28.32 13.93 -16.33
C ASN B 156 -27.52 12.64 -16.25
N ILE B 157 -27.03 12.19 -17.40
CA ILE B 157 -26.25 10.96 -17.51
C ILE B 157 -24.78 11.29 -17.29
N LYS B 158 -24.10 10.42 -16.52
CA LYS B 158 -22.69 10.60 -16.21
C LYS B 158 -21.78 9.78 -17.10
N THR B 159 -22.10 8.50 -17.31
CA THR B 159 -21.27 7.60 -18.10
C THR B 159 -22.07 7.00 -19.25
N VAL B 160 -21.38 6.67 -20.33
CA VAL B 160 -22.02 6.20 -21.56
C VAL B 160 -22.01 4.68 -21.64
N TRP B 161 -20.85 4.05 -21.46
CA TRP B 161 -20.70 2.60 -21.55
C TRP B 161 -21.15 2.10 -22.93
N ILE B 162 -20.38 2.53 -23.94
CA ILE B 162 -20.64 2.10 -25.31
C ILE B 162 -20.37 0.61 -25.44
N THR B 163 -21.30 -0.11 -26.08
CA THR B 163 -21.13 -1.53 -26.31
C THR B 163 -19.98 -1.76 -27.30
N SER B 164 -19.36 -2.93 -27.19
CA SER B 164 -18.16 -3.31 -27.95
C SER B 164 -18.24 -2.90 -29.41
N PHE B 165 -17.26 -2.10 -29.84
CA PHE B 165 -17.16 -1.60 -31.22
C PHE B 165 -15.72 -1.83 -31.68
N TYR B 166 -15.47 -3.00 -32.27
CA TYR B 166 -14.16 -3.36 -32.77
C TYR B 166 -14.28 -3.94 -34.16
N LYS B 167 -13.12 -4.15 -34.80
CA LYS B 167 -13.08 -4.87 -36.07
C LYS B 167 -13.33 -6.34 -35.82
N SER B 168 -14.58 -6.77 -35.92
CA SER B 168 -14.99 -8.12 -35.55
C SER B 168 -15.55 -8.85 -36.76
N SER B 169 -15.12 -10.09 -36.94
CA SER B 169 -15.71 -10.95 -37.96
C SER B 169 -17.05 -11.53 -37.53
N LEU B 170 -17.39 -11.45 -36.24
CA LEU B 170 -18.66 -11.93 -35.71
C LEU B 170 -19.21 -10.83 -34.80
N LYS B 171 -20.22 -10.11 -35.30
CA LYS B 171 -20.78 -8.99 -34.55
C LYS B 171 -21.62 -9.43 -33.35
N ASP B 172 -21.93 -10.72 -33.24
CA ASP B 172 -22.69 -11.22 -32.09
C ASP B 172 -21.95 -12.36 -31.42
N PHE B 173 -22.61 -13.05 -30.50
CA PHE B 173 -22.03 -14.18 -29.77
C PHE B 173 -20.74 -13.78 -29.05
N ARG B 174 -20.91 -12.88 -28.09
CA ARG B 174 -19.84 -12.36 -27.23
C ARG B 174 -18.80 -11.55 -28.00
N TYR B 175 -19.14 -11.09 -29.21
CA TYR B 175 -18.34 -10.12 -29.97
C TYR B 175 -16.92 -10.64 -30.20
N GLY B 176 -16.83 -11.70 -30.99
CA GLY B 176 -15.54 -12.23 -31.39
C GLY B 176 -14.72 -11.23 -32.20
N VAL B 177 -13.65 -10.71 -31.61
CA VAL B 177 -12.85 -9.65 -32.19
C VAL B 177 -11.68 -10.26 -32.96
N GLU B 178 -11.39 -9.69 -34.13
CA GLU B 178 -10.22 -10.07 -34.91
C GLU B 178 -9.11 -9.03 -34.89
N ASP B 179 -9.38 -7.83 -34.34
CA ASP B 179 -8.37 -6.79 -34.25
C ASP B 179 -8.76 -5.88 -33.10
N PHE B 180 -7.99 -5.93 -32.01
CA PHE B 180 -8.31 -5.12 -30.84
C PHE B 180 -7.81 -3.70 -30.95
N ARG B 181 -6.76 -3.47 -31.75
CA ARG B 181 -6.19 -2.13 -31.90
C ARG B 181 -6.86 -1.30 -32.98
N GLU B 182 -7.64 -1.92 -33.86
CA GLU B 182 -8.28 -1.23 -34.96
C GLU B 182 -9.80 -1.29 -34.82
N VAL B 183 -10.47 -0.41 -35.57
CA VAL B 183 -11.93 -0.36 -35.59
C VAL B 183 -12.41 -0.80 -36.96
N ASP B 184 -13.58 -1.45 -36.98
CA ASP B 184 -14.18 -1.93 -38.22
C ASP B 184 -14.48 -0.77 -39.16
N PRO B 185 -14.76 -1.03 -40.44
CA PRO B 185 -15.17 0.07 -41.32
C PRO B 185 -16.41 0.80 -40.83
N ILE B 186 -17.32 0.10 -40.17
CA ILE B 186 -18.49 0.72 -39.55
C ILE B 186 -18.02 1.43 -38.27
N PHE B 187 -18.88 2.28 -37.71
CA PHE B 187 -18.58 3.08 -36.53
C PHE B 187 -17.43 4.06 -36.78
N GLY B 188 -17.19 4.42 -38.04
CA GLY B 188 -16.13 5.36 -38.37
C GLY B 188 -14.76 4.73 -38.34
N THR B 189 -13.76 5.59 -38.15
CA THR B 189 -12.36 5.18 -38.09
C THR B 189 -11.79 5.56 -36.72
N MET B 190 -10.47 5.40 -36.58
CA MET B 190 -9.82 5.74 -35.32
C MET B 190 -9.90 7.24 -35.03
N GLU B 191 -9.94 8.07 -36.07
CA GLU B 191 -10.06 9.50 -35.87
C GLU B 191 -11.48 9.87 -35.41
N ASP B 192 -12.48 9.15 -35.89
CA ASP B 192 -13.85 9.39 -35.44
C ASP B 192 -14.04 9.01 -33.98
N PHE B 193 -13.27 8.03 -33.49
CA PHE B 193 -13.35 7.67 -32.07
C PHE B 193 -12.64 8.69 -31.21
N GLU B 194 -11.50 9.21 -31.66
CA GLU B 194 -10.77 10.21 -30.89
C GLU B 194 -11.56 11.50 -30.75
N ASN B 195 -12.34 11.87 -31.77
CA ASN B 195 -13.19 13.04 -31.68
C ASN B 195 -14.42 12.81 -30.81
N LEU B 196 -14.82 11.55 -30.62
CA LEU B 196 -15.97 11.25 -29.77
C LEU B 196 -15.60 11.34 -28.29
N VAL B 197 -14.47 10.74 -27.91
CA VAL B 197 -14.06 10.78 -26.52
C VAL B 197 -13.66 12.20 -26.12
N ALA B 198 -13.09 12.97 -27.04
CA ALA B 198 -12.72 14.35 -26.74
C ALA B 198 -13.97 15.21 -26.52
N ALA B 199 -14.99 15.05 -27.37
CA ALA B 199 -16.22 15.79 -27.19
C ALA B 199 -16.96 15.36 -25.94
N ILE B 200 -16.78 14.11 -25.51
CA ILE B 200 -17.42 13.64 -24.28
C ILE B 200 -16.81 14.31 -23.07
N HIS B 201 -15.48 14.45 -23.06
CA HIS B 201 -14.81 15.07 -21.92
C HIS B 201 -15.12 16.57 -21.83
N ASP B 202 -15.47 17.20 -22.96
CA ASP B 202 -15.78 18.62 -22.94
C ASP B 202 -17.11 18.90 -22.25
N LYS B 203 -18.04 17.95 -22.30
CA LYS B 203 -19.34 18.11 -21.67
C LYS B 203 -19.40 17.51 -20.27
N GLY B 204 -18.25 17.16 -19.69
CA GLY B 204 -18.23 16.61 -18.35
C GLY B 204 -18.69 15.17 -18.24
N LEU B 205 -18.87 14.47 -19.35
CA LEU B 205 -19.31 13.09 -19.31
C LEU B 205 -18.12 12.14 -19.22
N LYS B 206 -18.42 10.87 -18.96
CA LYS B 206 -17.42 9.82 -18.87
C LYS B 206 -17.74 8.72 -19.86
N LEU B 207 -16.69 8.03 -20.30
CA LEU B 207 -16.81 6.97 -21.30
C LEU B 207 -16.42 5.63 -20.70
N ILE B 208 -17.00 4.56 -21.24
CA ILE B 208 -16.64 3.19 -20.89
C ILE B 208 -16.80 2.34 -22.13
N ILE B 209 -15.81 1.49 -22.41
CA ILE B 209 -15.86 0.61 -23.58
C ILE B 209 -15.83 -0.83 -23.11
N ASP B 210 -16.47 -1.71 -23.89
CA ASP B 210 -16.49 -3.12 -23.59
C ASP B 210 -15.18 -3.77 -24.02
N PHE B 211 -14.74 -4.76 -23.26
CA PHE B 211 -13.50 -5.47 -23.52
C PHE B 211 -13.75 -6.97 -23.44
N ILE B 212 -13.30 -7.70 -24.46
CA ILE B 212 -13.47 -9.15 -24.50
C ILE B 212 -12.10 -9.81 -24.55
N PRO B 213 -11.43 -10.00 -23.41
CA PRO B 213 -10.11 -10.65 -23.42
C PRO B 213 -10.18 -12.17 -23.46
N ASN B 214 -11.37 -12.76 -23.36
CA ASN B 214 -11.48 -14.22 -23.27
C ASN B 214 -11.06 -14.88 -24.59
N HIS B 215 -11.75 -14.55 -25.67
CA HIS B 215 -11.56 -15.20 -26.95
C HIS B 215 -11.21 -14.19 -28.04
N THR B 216 -10.90 -14.72 -29.23
CA THR B 216 -10.62 -13.90 -30.40
C THR B 216 -11.38 -14.46 -31.59
N SER B 217 -11.08 -13.97 -32.80
CA SER B 217 -11.72 -14.43 -34.01
C SER B 217 -10.78 -15.32 -34.81
N ASP B 218 -11.36 -16.04 -35.77
CA ASP B 218 -10.55 -16.92 -36.62
C ASP B 218 -9.62 -16.14 -37.53
N LYS B 219 -10.04 -14.94 -37.95
CA LYS B 219 -9.24 -14.11 -38.85
C LYS B 219 -8.21 -13.25 -38.10
N HIS B 220 -8.03 -13.49 -36.81
CA HIS B 220 -7.04 -12.73 -36.06
C HIS B 220 -5.63 -13.11 -36.48
N ILE B 221 -4.71 -12.15 -36.39
CA ILE B 221 -3.33 -12.40 -36.76
C ILE B 221 -2.64 -13.37 -35.80
N TRP B 222 -3.17 -13.52 -34.59
CA TRP B 222 -2.61 -14.47 -33.63
C TRP B 222 -3.01 -15.90 -33.97
N PHE B 223 -4.25 -16.10 -34.39
CA PHE B 223 -4.72 -17.45 -34.72
C PHE B 223 -4.15 -17.93 -36.05
N GLN B 224 -4.00 -17.01 -37.02
CA GLN B 224 -3.41 -17.39 -38.30
C GLN B 224 -1.93 -17.75 -38.15
N LEU B 225 -1.25 -17.17 -37.16
CA LEU B 225 0.14 -17.52 -36.87
C LEU B 225 0.28 -18.68 -35.91
N SER B 226 -0.79 -19.08 -35.23
CA SER B 226 -0.75 -20.22 -34.32
C SER B 226 -0.90 -21.55 -35.03
N ARG B 227 -1.65 -21.59 -36.13
CA ARG B 227 -1.84 -22.83 -36.86
C ARG B 227 -0.58 -23.28 -37.59
N THR B 228 0.36 -22.36 -37.83
CA THR B 228 1.61 -22.68 -38.50
C THR B 228 2.77 -22.83 -37.54
N ARG B 229 2.54 -22.65 -36.24
CA ARG B 229 3.58 -22.72 -35.21
C ARG B 229 4.74 -21.77 -35.54
N THR B 230 4.40 -20.49 -35.67
CA THR B 230 5.34 -19.45 -36.05
C THR B 230 5.72 -18.66 -34.80
N GLY B 231 6.90 -18.96 -34.25
CA GLY B 231 7.42 -18.19 -33.13
C GLY B 231 6.69 -18.48 -31.83
N LYS B 232 6.46 -17.40 -31.07
CA LYS B 232 5.85 -17.51 -29.76
C LYS B 232 4.35 -17.76 -29.81
N TYR B 233 3.71 -17.60 -30.96
CA TYR B 233 2.27 -17.76 -31.07
C TYR B 233 1.82 -19.20 -31.18
N THR B 234 2.74 -20.17 -31.08
CA THR B 234 2.37 -21.57 -31.20
C THR B 234 1.57 -22.08 -30.01
N ASP B 235 1.66 -21.40 -28.87
CA ASP B 235 0.91 -21.79 -27.67
C ASP B 235 -0.02 -20.69 -27.19
N TYR B 236 -0.43 -19.79 -28.08
CA TYR B 236 -1.34 -18.72 -27.70
C TYR B 236 -2.77 -19.20 -27.49
N TYR B 237 -3.10 -20.41 -27.95
CA TYR B 237 -4.43 -20.97 -27.80
C TYR B 237 -4.33 -22.36 -27.18
N ILE B 238 -5.47 -22.85 -26.68
CA ILE B 238 -5.54 -24.16 -26.05
C ILE B 238 -5.59 -25.20 -27.17
N TRP B 239 -4.44 -25.79 -27.48
CA TRP B 239 -4.34 -26.81 -28.51
C TRP B 239 -4.13 -28.18 -27.87
N HIS B 240 -4.77 -29.19 -28.47
CA HIS B 240 -4.65 -30.56 -27.98
C HIS B 240 -4.75 -31.52 -29.14
N ASP B 241 -3.94 -32.58 -29.09
CA ASP B 241 -3.93 -33.58 -30.15
C ASP B 241 -5.18 -34.44 -30.10
N CYS B 242 -5.93 -34.46 -31.20
CA CYS B 242 -7.16 -35.24 -31.29
C CYS B 242 -7.13 -36.07 -32.56
N THR B 243 -7.92 -37.14 -32.57
CA THR B 243 -8.06 -38.02 -33.72
C THR B 243 -9.17 -37.47 -34.63
N HIS B 244 -8.87 -37.41 -35.92
CA HIS B 244 -9.82 -36.91 -36.91
C HIS B 244 -9.60 -37.69 -38.20
N GLU B 245 -10.41 -38.74 -38.40
CA GLU B 245 -10.28 -39.63 -39.55
C GLU B 245 -11.33 -39.28 -40.60
N ASN B 246 -11.49 -40.16 -41.60
CA ASN B 246 -12.28 -39.90 -42.80
C ASN B 246 -13.58 -39.14 -42.53
N GLY B 247 -14.35 -39.57 -41.53
CA GLY B 247 -15.71 -39.10 -41.42
C GLY B 247 -15.99 -38.01 -40.40
N LYS B 248 -15.38 -38.08 -39.22
CA LYS B 248 -15.79 -37.19 -38.14
C LYS B 248 -14.69 -37.03 -37.10
N THR B 249 -14.65 -35.87 -36.44
CA THR B 249 -13.66 -35.57 -35.42
C THR B 249 -14.12 -36.08 -34.07
N ILE B 250 -13.16 -36.40 -33.20
CA ILE B 250 -13.44 -36.86 -31.85
C ILE B 250 -12.78 -35.91 -30.85
N PRO B 251 -13.54 -35.23 -30.01
CA PRO B 251 -12.94 -34.30 -29.05
C PRO B 251 -12.26 -35.04 -27.91
N PRO B 252 -11.28 -34.43 -27.25
CA PRO B 252 -10.62 -35.09 -26.12
C PRO B 252 -11.56 -35.36 -24.95
N ASN B 253 -12.60 -34.55 -24.79
CA ASN B 253 -13.56 -34.73 -23.71
C ASN B 253 -14.94 -34.32 -24.22
N ASN B 254 -15.94 -34.43 -23.33
CA ASN B 254 -17.31 -34.08 -23.66
C ASN B 254 -17.62 -32.61 -23.36
N TRP B 255 -16.62 -31.75 -23.32
CA TRP B 255 -16.84 -30.34 -23.05
C TRP B 255 -17.62 -29.72 -24.20
N LEU B 256 -18.80 -29.19 -23.88
CA LEU B 256 -19.68 -28.60 -24.88
C LEU B 256 -19.59 -27.07 -24.85
N SER B 257 -19.83 -26.46 -26.00
CA SER B 257 -19.83 -25.02 -26.10
C SER B 257 -21.17 -24.46 -25.64
N VAL B 258 -21.19 -23.15 -25.36
CA VAL B 258 -22.42 -22.51 -24.92
C VAL B 258 -23.40 -22.37 -26.06
N TYR B 259 -22.92 -22.35 -27.31
CA TYR B 259 -23.75 -22.12 -28.48
C TYR B 259 -23.67 -23.29 -29.48
N GLY B 260 -23.59 -24.52 -28.98
CA GLY B 260 -23.60 -25.66 -29.87
C GLY B 260 -22.92 -26.87 -29.27
N ASN B 261 -22.38 -27.73 -30.14
CA ASN B 261 -21.78 -28.99 -29.72
C ASN B 261 -20.26 -28.85 -29.63
N SER B 262 -19.62 -29.87 -29.05
CA SER B 262 -18.25 -30.23 -29.36
C SER B 262 -17.31 -29.03 -29.35
N SER B 263 -17.05 -28.47 -28.17
CA SER B 263 -16.26 -27.26 -28.03
C SER B 263 -14.80 -27.47 -28.37
N TRP B 264 -14.46 -28.62 -28.97
CA TRP B 264 -13.14 -28.85 -29.55
C TRP B 264 -13.33 -29.08 -31.05
N HIS B 265 -12.77 -28.18 -31.86
CA HIS B 265 -12.89 -28.26 -33.31
C HIS B 265 -11.52 -28.57 -33.92
N PHE B 266 -11.53 -29.31 -35.03
CA PHE B 266 -10.32 -29.74 -35.70
C PHE B 266 -10.05 -28.87 -36.91
N ASP B 267 -8.78 -28.51 -37.11
CA ASP B 267 -8.35 -27.79 -38.30
C ASP B 267 -7.29 -28.62 -39.03
N GLU B 268 -7.28 -28.50 -40.36
CA GLU B 268 -6.39 -29.32 -41.17
C GLU B 268 -4.98 -28.74 -41.32
N VAL B 269 -4.73 -27.54 -40.81
CA VAL B 269 -3.38 -26.98 -40.87
C VAL B 269 -2.53 -27.50 -39.72
N ARG B 270 -2.96 -27.23 -38.49
CA ARG B 270 -2.21 -27.66 -37.31
C ARG B 270 -2.47 -29.11 -36.92
N ASN B 271 -3.52 -29.72 -37.46
CA ASN B 271 -3.86 -31.11 -37.19
C ASN B 271 -4.10 -31.38 -35.70
N GLN B 272 -4.63 -30.38 -34.99
CA GLN B 272 -4.93 -30.50 -33.57
C GLN B 272 -6.23 -29.77 -33.27
N CYS B 273 -6.91 -30.21 -32.21
CA CYS B 273 -8.15 -29.58 -31.79
C CYS B 273 -7.86 -28.35 -30.94
N TYR B 274 -8.64 -27.28 -31.17
CA TYR B 274 -8.53 -26.06 -30.41
C TYR B 274 -9.78 -25.82 -29.59
N PHE B 275 -9.60 -25.24 -28.41
CA PHE B 275 -10.70 -24.98 -27.49
C PHE B 275 -11.27 -23.59 -27.73
N HIS B 276 -12.57 -23.53 -28.00
CA HIS B 276 -13.24 -22.27 -28.28
C HIS B 276 -14.33 -21.95 -27.27
N GLN B 277 -15.21 -22.92 -26.98
CA GLN B 277 -16.23 -22.86 -25.92
C GLN B 277 -17.37 -21.90 -26.25
N PHE B 278 -17.25 -21.09 -27.30
CA PHE B 278 -18.33 -20.16 -27.65
C PHE B 278 -18.89 -20.43 -29.03
N MET B 279 -18.04 -20.47 -30.06
CA MET B 279 -18.47 -20.70 -31.42
C MET B 279 -17.34 -21.32 -32.21
N LYS B 280 -17.67 -21.80 -33.42
CA LYS B 280 -16.67 -22.43 -34.27
C LYS B 280 -15.57 -21.46 -34.69
N GLU B 281 -15.85 -20.16 -34.72
CA GLU B 281 -14.89 -19.15 -35.14
C GLU B 281 -14.58 -18.19 -33.99
N GLN B 282 -14.47 -18.72 -32.77
CA GLN B 282 -14.14 -17.93 -31.60
C GLN B 282 -13.22 -18.72 -30.69
N PRO B 283 -11.97 -18.94 -31.09
CA PRO B 283 -11.05 -19.75 -30.28
C PRO B 283 -10.71 -19.06 -28.97
N ASP B 284 -10.83 -19.80 -27.88
CA ASP B 284 -10.49 -19.25 -26.56
C ASP B 284 -8.99 -18.99 -26.46
N LEU B 285 -8.64 -17.79 -26.03
CA LEU B 285 -7.24 -17.40 -25.89
C LEU B 285 -6.69 -17.99 -24.60
N ASN B 286 -5.71 -18.89 -24.74
CA ASN B 286 -5.10 -19.54 -23.59
C ASN B 286 -4.41 -18.52 -22.69
N PHE B 287 -4.93 -18.38 -21.46
CA PHE B 287 -4.42 -17.39 -20.53
C PHE B 287 -3.32 -17.93 -19.62
N ARG B 288 -3.06 -19.23 -19.65
CA ARG B 288 -1.97 -19.79 -18.87
C ARG B 288 -0.61 -19.46 -19.45
N ASN B 289 -0.56 -18.91 -20.66
CA ASN B 289 0.71 -18.48 -21.25
C ASN B 289 1.07 -17.09 -20.74
N PRO B 290 2.23 -16.94 -20.11
CA PRO B 290 2.65 -15.63 -19.59
C PRO B 290 2.74 -14.57 -20.67
N ASP B 291 2.93 -14.98 -21.93
CA ASP B 291 3.01 -14.04 -23.04
C ASP B 291 1.64 -13.47 -23.37
N VAL B 292 0.63 -14.34 -23.32
CA VAL B 292 -0.74 -13.96 -23.63
C VAL B 292 -1.30 -13.02 -22.56
N GLN B 293 -1.00 -13.33 -21.29
CA GLN B 293 -1.46 -12.46 -20.20
C GLN B 293 -0.83 -11.08 -20.30
N GLU B 294 0.38 -10.98 -20.84
CA GLU B 294 1.02 -9.68 -21.00
C GLU B 294 0.54 -8.97 -22.25
N GLU B 295 0.11 -9.72 -23.28
CA GLU B 295 -0.41 -9.09 -24.48
C GLU B 295 -1.73 -8.39 -24.22
N ILE B 296 -2.52 -8.89 -23.26
CA ILE B 296 -3.76 -8.22 -22.91
C ILE B 296 -3.48 -6.90 -22.21
N LYS B 297 -2.37 -6.82 -21.47
CA LYS B 297 -2.00 -5.56 -20.82
C LYS B 297 -1.71 -4.48 -21.85
N GLU B 298 -1.06 -4.84 -22.95
CA GLU B 298 -0.77 -3.86 -24.00
C GLU B 298 -2.04 -3.35 -24.67
N ILE B 299 -3.07 -4.20 -24.77
CA ILE B 299 -4.34 -3.77 -25.33
C ILE B 299 -5.06 -2.83 -24.37
N LEU B 300 -4.97 -3.11 -23.07
CA LEU B 300 -5.57 -2.23 -22.08
C LEU B 300 -4.90 -0.87 -22.05
N ARG B 301 -3.56 -0.85 -22.04
CA ARG B 301 -2.84 0.42 -22.02
C ARG B 301 -3.03 1.20 -23.32
N PHE B 302 -3.32 0.50 -24.42
CA PHE B 302 -3.52 1.19 -25.69
C PHE B 302 -4.75 2.10 -25.65
N TRP B 303 -5.86 1.59 -25.14
CA TRP B 303 -7.08 2.39 -25.06
C TRP B 303 -7.05 3.35 -23.89
N LEU B 304 -6.31 3.04 -22.83
CA LEU B 304 -6.24 3.94 -21.68
C LEU B 304 -5.51 5.24 -22.04
N THR B 305 -4.52 5.16 -22.93
CA THR B 305 -3.86 6.38 -23.39
C THR B 305 -4.80 7.22 -24.26
N LYS B 306 -5.73 6.58 -24.96
CA LYS B 306 -6.72 7.33 -25.73
C LYS B 306 -7.72 8.05 -24.85
N GLY B 307 -7.89 7.62 -23.61
CA GLY B 307 -8.81 8.25 -22.70
C GLY B 307 -10.17 7.59 -22.59
N VAL B 308 -10.26 6.27 -22.73
CA VAL B 308 -11.55 5.59 -22.67
C VAL B 308 -12.17 5.62 -21.28
N ASP B 309 -11.39 6.00 -20.26
CA ASP B 309 -11.91 6.21 -18.90
C ASP B 309 -12.56 4.95 -18.33
N GLY B 310 -11.91 3.82 -18.50
CA GLY B 310 -12.36 2.56 -17.92
C GLY B 310 -12.73 1.54 -18.98
N PHE B 311 -12.89 0.31 -18.50
CA PHE B 311 -13.24 -0.83 -19.34
C PHE B 311 -14.45 -1.55 -18.74
N SER B 312 -14.92 -2.58 -19.45
CA SER B 312 -16.02 -3.41 -18.97
C SER B 312 -15.81 -4.80 -19.55
N LEU B 313 -15.24 -5.70 -18.76
CA LEU B 313 -14.96 -7.05 -19.22
C LEU B 313 -16.25 -7.79 -19.52
N ASP B 314 -16.23 -8.61 -20.57
CA ASP B 314 -17.41 -9.32 -21.05
C ASP B 314 -17.53 -10.72 -20.44
N ALA B 315 -16.53 -11.57 -20.67
CA ALA B 315 -16.53 -12.96 -20.21
C ALA B 315 -15.34 -13.17 -19.30
N VAL B 316 -15.56 -13.16 -17.99
CA VAL B 316 -14.51 -13.34 -17.00
C VAL B 316 -14.46 -14.77 -16.49
N LYS B 317 -15.62 -15.41 -16.33
CA LYS B 317 -15.65 -16.76 -15.79
C LYS B 317 -15.25 -17.82 -16.81
N PHE B 318 -15.05 -17.45 -18.07
CA PHE B 318 -14.60 -18.37 -19.10
C PHE B 318 -13.12 -18.21 -19.44
N LEU B 319 -12.36 -17.49 -18.61
CA LEU B 319 -10.96 -17.23 -18.92
C LEU B 319 -10.13 -18.50 -18.81
N LEU B 320 -10.09 -19.09 -17.62
CA LEU B 320 -9.27 -20.27 -17.36
C LEU B 320 -10.11 -21.53 -17.34
N GLU B 321 -9.50 -22.64 -17.75
CA GLU B 321 -10.12 -23.95 -17.73
C GLU B 321 -9.22 -24.90 -16.96
N ALA B 322 -9.73 -26.12 -16.74
CA ALA B 322 -8.96 -27.13 -16.01
C ALA B 322 -7.90 -27.73 -16.91
N LYS B 323 -6.68 -27.84 -16.38
CA LYS B 323 -5.58 -28.42 -17.16
C LYS B 323 -5.81 -29.90 -17.41
N HIS B 324 -6.45 -30.60 -16.48
CA HIS B 324 -6.77 -32.01 -16.66
C HIS B 324 -8.02 -32.12 -17.52
N LEU B 325 -7.86 -32.58 -18.75
CA LEU B 325 -8.97 -32.67 -19.71
C LEU B 325 -9.85 -33.87 -19.35
N ARG B 326 -10.60 -33.70 -18.26
CA ARG B 326 -11.51 -34.73 -17.78
C ARG B 326 -12.95 -34.39 -18.15
N ASP B 327 -13.77 -35.43 -18.24
CA ASP B 327 -15.16 -35.24 -18.63
C ASP B 327 -15.96 -34.59 -17.51
N GLU B 328 -16.87 -33.69 -17.89
CA GLU B 328 -17.72 -33.03 -16.92
C GLU B 328 -18.80 -33.98 -16.41
N ILE B 329 -19.36 -33.64 -15.26
CA ILE B 329 -20.42 -34.44 -14.66
C ILE B 329 -21.73 -34.12 -15.35
N GLN B 330 -22.42 -35.16 -15.83
CA GLN B 330 -23.68 -34.97 -16.51
C GLN B 330 -24.82 -34.83 -15.50
N VAL B 331 -25.80 -34.00 -15.87
CA VAL B 331 -26.96 -33.82 -15.00
C VAL B 331 -27.79 -35.10 -14.97
N ASN B 332 -27.92 -35.77 -16.10
CA ASN B 332 -28.62 -37.05 -16.21
C ASN B 332 -27.59 -38.16 -16.19
N LYS B 333 -27.51 -38.88 -15.07
CA LYS B 333 -26.51 -39.94 -14.93
C LYS B 333 -26.82 -41.11 -15.85
N THR B 334 -28.09 -41.44 -16.03
CA THR B 334 -28.50 -42.55 -16.88
C THR B 334 -28.50 -42.18 -18.36
N GLN B 335 -28.12 -40.95 -18.71
CA GLN B 335 -28.12 -40.53 -20.09
C GLN B 335 -27.03 -41.22 -20.88
N ILE B 336 -27.35 -41.61 -22.10
CA ILE B 336 -26.38 -42.31 -22.96
C ILE B 336 -25.38 -41.28 -23.50
N PRO B 337 -24.07 -41.60 -23.56
CA PRO B 337 -23.14 -40.70 -24.24
C PRO B 337 -23.38 -40.63 -25.74
N ASP B 338 -22.56 -39.85 -26.44
CA ASP B 338 -22.72 -39.55 -27.86
C ASP B 338 -24.04 -38.87 -28.17
N THR B 339 -24.72 -38.33 -27.15
CA THR B 339 -25.98 -37.62 -27.32
C THR B 339 -26.03 -36.27 -26.62
N VAL B 340 -25.20 -36.05 -25.60
CA VAL B 340 -25.20 -34.79 -24.86
C VAL B 340 -24.62 -33.70 -25.74
N THR B 341 -25.49 -32.82 -26.26
CA THR B 341 -25.07 -31.74 -27.13
C THR B 341 -25.61 -30.38 -26.67
N GLN B 342 -26.22 -30.30 -25.49
CA GLN B 342 -26.76 -29.06 -24.96
C GLN B 342 -25.94 -28.59 -23.78
N TYR B 343 -25.72 -27.28 -23.71
CA TYR B 343 -24.96 -26.70 -22.62
C TYR B 343 -25.69 -26.78 -21.28
N SER B 344 -27.00 -27.00 -21.31
CA SER B 344 -27.77 -27.03 -20.06
C SER B 344 -27.67 -28.38 -19.35
N GLU B 345 -27.57 -29.47 -20.10
CA GLU B 345 -27.51 -30.81 -19.51
C GLU B 345 -26.07 -31.23 -19.20
N LEU B 346 -25.34 -30.37 -18.48
CA LEU B 346 -23.96 -30.66 -18.12
C LEU B 346 -23.49 -29.74 -17.01
N TYR B 347 -22.91 -30.30 -15.95
CA TYR B 347 -22.35 -29.50 -14.87
C TYR B 347 -20.97 -29.00 -15.26
N HIS B 348 -20.82 -27.68 -15.34
CA HIS B 348 -19.57 -27.07 -15.81
C HIS B 348 -18.72 -26.68 -14.60
N ASP B 349 -18.00 -27.67 -14.07
CA ASP B 349 -17.11 -27.47 -12.94
C ASP B 349 -15.65 -27.36 -13.35
N PHE B 350 -15.32 -27.64 -14.61
CA PHE B 350 -13.94 -27.57 -15.10
C PHE B 350 -13.73 -26.50 -16.15
N THR B 351 -14.78 -25.80 -16.58
CA THR B 351 -14.66 -24.77 -17.60
C THR B 351 -15.17 -23.41 -17.15
N THR B 352 -15.55 -23.26 -15.87
CA THR B 352 -16.10 -22.00 -15.37
C THR B 352 -15.62 -21.80 -13.94
N THR B 353 -15.06 -20.61 -13.68
CA THR B 353 -14.60 -20.21 -12.35
C THR B 353 -13.56 -21.19 -11.82
N GLN B 354 -12.43 -21.24 -12.50
CA GLN B 354 -11.33 -22.11 -12.11
C GLN B 354 -10.40 -21.39 -11.14
N VAL B 355 -9.49 -22.17 -10.53
CA VAL B 355 -8.53 -21.60 -9.58
C VAL B 355 -7.53 -20.76 -10.36
N GLY B 356 -7.41 -19.49 -9.97
CA GLY B 356 -6.55 -18.55 -10.64
C GLY B 356 -7.26 -17.61 -11.60
N MET B 357 -8.56 -17.80 -11.81
CA MET B 357 -9.31 -16.91 -12.70
C MET B 357 -9.42 -15.51 -12.08
N HIS B 358 -9.67 -15.44 -10.78
CA HIS B 358 -9.77 -14.13 -10.12
C HIS B 358 -8.43 -13.42 -10.08
N ASP B 359 -7.33 -14.16 -9.97
CA ASP B 359 -6.01 -13.54 -9.96
C ASP B 359 -5.71 -12.84 -11.27
N ILE B 360 -6.25 -13.34 -12.39
CA ILE B 360 -6.12 -12.64 -13.65
C ILE B 360 -6.95 -11.36 -13.63
N VAL B 361 -8.13 -11.42 -13.02
CA VAL B 361 -8.95 -10.21 -12.87
C VAL B 361 -8.29 -9.24 -11.89
N ARG B 362 -7.61 -9.76 -10.88
CA ARG B 362 -6.88 -8.88 -9.96
C ARG B 362 -5.73 -8.19 -10.66
N SER B 363 -5.12 -8.83 -11.66
CA SER B 363 -4.01 -8.22 -12.39
C SER B 363 -4.50 -7.17 -13.38
N PHE B 364 -5.75 -7.29 -13.86
CA PHE B 364 -6.29 -6.28 -14.76
C PHE B 364 -6.45 -4.94 -14.04
N ARG B 365 -6.88 -4.97 -12.78
CA ARG B 365 -7.01 -3.73 -12.01
C ARG B 365 -5.64 -3.13 -11.70
N GLN B 366 -4.64 -3.99 -11.45
CA GLN B 366 -3.30 -3.48 -11.18
C GLN B 366 -2.71 -2.75 -12.38
N THR B 367 -3.04 -3.19 -13.60
CA THR B 367 -2.57 -2.50 -14.78
C THR B 367 -3.28 -1.16 -14.96
N MET B 368 -4.59 -1.13 -14.73
CA MET B 368 -5.35 0.11 -14.85
C MET B 368 -5.06 1.07 -13.70
N ASP B 369 -4.51 0.57 -12.59
CA ASP B 369 -4.18 1.44 -11.47
C ASP B 369 -3.05 2.41 -11.80
N GLN B 370 -2.21 2.09 -12.79
CA GLN B 370 -1.14 3.00 -13.18
C GLN B 370 -1.66 4.26 -13.86
N TYR B 371 -2.86 4.21 -14.43
CA TYR B 371 -3.47 5.35 -15.08
C TYR B 371 -4.48 6.07 -14.20
N SER B 372 -4.71 5.58 -12.98
CA SER B 372 -5.66 6.17 -12.05
C SER B 372 -4.97 7.00 -10.97
N THR B 373 -3.68 7.33 -11.17
CA THR B 373 -2.97 8.13 -10.18
C THR B 373 -3.44 9.57 -10.14
N GLU B 374 -4.09 10.05 -11.21
CA GLU B 374 -4.60 11.40 -11.22
C GLU B 374 -5.81 11.51 -10.27
N PRO B 375 -6.01 12.68 -9.66
CA PRO B 375 -7.12 12.82 -8.71
C PRO B 375 -8.49 12.74 -9.36
N GLY B 376 -8.63 13.21 -10.59
CA GLY B 376 -9.93 13.21 -11.25
C GLY B 376 -10.07 12.14 -12.32
N ARG B 377 -8.96 11.55 -12.74
CA ARG B 377 -8.97 10.54 -13.79
C ARG B 377 -8.85 9.15 -13.15
N TYR B 378 -9.99 8.62 -12.75
CA TYR B 378 -10.08 7.28 -12.18
C TYR B 378 -10.59 6.30 -13.23
N ARG B 379 -10.11 5.06 -13.13
CA ARG B 379 -10.43 4.01 -14.09
C ARG B 379 -11.41 3.03 -13.49
N PHE B 380 -12.50 2.76 -14.19
CA PHE B 380 -13.51 1.81 -13.78
C PHE B 380 -13.28 0.46 -14.46
N MET B 381 -13.61 -0.61 -13.75
CA MET B 381 -13.48 -1.96 -14.28
C MET B 381 -14.68 -2.79 -13.85
N GLY B 382 -15.40 -3.32 -14.82
CA GLY B 382 -16.56 -4.16 -14.56
C GLY B 382 -16.31 -5.58 -15.05
N THR B 383 -16.84 -6.55 -14.32
CA THR B 383 -16.63 -7.96 -14.65
C THR B 383 -17.73 -8.50 -15.56
N GLU B 384 -18.99 -8.18 -15.26
CA GLU B 384 -20.14 -8.60 -16.07
C GLU B 384 -20.18 -10.13 -16.21
N ALA B 385 -20.36 -10.79 -15.05
CA ALA B 385 -20.48 -12.24 -14.99
C ALA B 385 -21.96 -12.59 -14.90
N TYR B 386 -22.52 -13.14 -15.97
CA TYR B 386 -23.93 -13.44 -16.05
C TYR B 386 -24.17 -14.93 -15.90
N ALA B 387 -25.44 -15.29 -15.64
CA ALA B 387 -25.88 -16.68 -15.55
C ALA B 387 -25.08 -17.44 -14.48
N GLU B 388 -25.20 -16.97 -13.24
CA GLU B 388 -24.55 -17.61 -12.12
C GLU B 388 -25.28 -17.23 -10.84
N SER B 389 -24.89 -17.87 -9.74
CA SER B 389 -25.53 -17.63 -8.45
C SER B 389 -25.08 -16.29 -7.87
N ILE B 390 -25.68 -15.93 -6.74
CA ILE B 390 -25.39 -14.65 -6.13
C ILE B 390 -24.07 -14.67 -5.35
N ASP B 391 -23.71 -15.83 -4.77
CA ASP B 391 -22.47 -15.90 -4.02
C ASP B 391 -21.24 -15.82 -4.93
N ARG B 392 -21.38 -16.24 -6.19
CA ARG B 392 -20.26 -16.16 -7.12
C ARG B 392 -20.14 -14.78 -7.74
N THR B 393 -21.24 -14.02 -7.81
CA THR B 393 -21.17 -12.68 -8.38
C THR B 393 -20.52 -11.69 -7.42
N VAL B 394 -20.83 -11.82 -6.12
CA VAL B 394 -20.26 -10.92 -5.12
C VAL B 394 -18.79 -11.15 -4.88
N MET B 395 -18.23 -12.27 -5.38
CA MET B 395 -16.80 -12.51 -5.22
C MET B 395 -15.96 -11.59 -6.08
N TYR B 396 -16.54 -10.97 -7.11
CA TYR B 396 -15.82 -10.02 -7.94
C TYR B 396 -15.65 -8.66 -7.28
N TYR B 397 -16.36 -8.40 -6.17
CA TYR B 397 -16.19 -7.16 -5.45
C TYR B 397 -14.80 -7.02 -4.85
N GLY B 398 -14.12 -8.14 -4.56
CA GLY B 398 -12.79 -8.12 -3.98
C GLY B 398 -12.84 -8.33 -2.49
N LEU B 399 -11.66 -8.28 -1.89
CA LEU B 399 -11.46 -8.45 -0.46
C LEU B 399 -11.07 -7.11 0.18
N PRO B 400 -11.27 -6.96 1.49
CA PRO B 400 -10.93 -5.69 2.14
C PRO B 400 -9.44 -5.35 2.10
N PHE B 401 -8.58 -6.26 1.65
CA PHE B 401 -7.15 -6.01 1.56
C PHE B 401 -6.60 -6.12 0.15
N ILE B 402 -7.44 -6.39 -0.84
CA ILE B 402 -6.99 -6.46 -2.24
C ILE B 402 -8.16 -6.06 -3.13
N GLN B 403 -7.93 -5.08 -4.00
CA GLN B 403 -8.97 -4.56 -4.88
C GLN B 403 -9.01 -5.38 -6.17
N GLU B 404 -10.21 -5.79 -6.56
CA GLU B 404 -10.43 -6.55 -7.79
C GLU B 404 -11.22 -5.76 -8.82
N ALA B 405 -12.40 -5.27 -8.45
CA ALA B 405 -13.24 -4.49 -9.34
C ALA B 405 -14.14 -3.59 -8.52
N ASP B 406 -14.65 -2.54 -9.17
CA ASP B 406 -15.55 -1.61 -8.49
C ASP B 406 -16.86 -2.30 -8.13
N PHE B 407 -17.58 -2.81 -9.13
CA PHE B 407 -18.77 -3.61 -8.87
C PHE B 407 -19.06 -4.48 -10.08
N PRO B 408 -19.54 -5.71 -9.89
CA PRO B 408 -20.02 -6.51 -11.02
C PRO B 408 -21.40 -6.05 -11.46
N PHE B 409 -21.62 -6.12 -12.78
CA PHE B 409 -22.88 -5.68 -13.35
C PHE B 409 -24.02 -6.57 -12.88
N ASN B 410 -25.05 -5.97 -12.30
CA ASN B 410 -26.16 -6.70 -11.70
C ASN B 410 -27.04 -7.27 -12.80
N ASN B 411 -26.85 -8.55 -13.09
CA ASN B 411 -27.68 -9.21 -14.11
C ASN B 411 -29.13 -9.37 -13.68
N TYR B 412 -29.40 -9.35 -12.37
CA TYR B 412 -30.76 -9.49 -11.87
C TYR B 412 -31.59 -8.27 -12.26
N LEU B 413 -32.91 -8.40 -12.03
CA LEU B 413 -33.95 -7.45 -12.43
C LEU B 413 -34.11 -7.37 -13.94
N SER B 414 -33.35 -8.14 -14.71
CA SER B 414 -33.50 -8.21 -16.16
C SER B 414 -34.06 -9.52 -16.65
N MET B 415 -33.69 -10.64 -16.02
CA MET B 415 -34.24 -11.95 -16.38
C MET B 415 -35.63 -12.14 -15.81
N LEU B 416 -36.09 -11.23 -14.95
CA LEU B 416 -37.41 -11.32 -14.34
C LEU B 416 -38.47 -10.94 -15.37
N ASP B 417 -39.28 -11.92 -15.78
CA ASP B 417 -40.34 -11.68 -16.74
C ASP B 417 -41.63 -11.21 -16.08
N THR B 418 -42.08 -11.92 -15.04
CA THR B 418 -43.28 -11.54 -14.30
C THR B 418 -42.84 -10.93 -12.97
N VAL B 419 -43.21 -9.67 -12.75
CA VAL B 419 -42.82 -8.93 -11.56
C VAL B 419 -44.00 -8.86 -10.61
N SER B 420 -43.72 -9.05 -9.33
CA SER B 420 -44.71 -8.93 -8.27
C SER B 420 -44.03 -8.33 -7.05
N GLY B 421 -44.74 -8.34 -5.91
CA GLY B 421 -44.16 -7.79 -4.70
C GLY B 421 -43.02 -8.64 -4.14
N ASN B 422 -43.10 -9.96 -4.32
CA ASN B 422 -42.12 -10.88 -3.78
C ASN B 422 -40.93 -11.09 -4.69
N SER B 423 -41.14 -11.09 -6.01
CA SER B 423 -40.02 -11.29 -6.93
C SER B 423 -39.08 -10.09 -6.93
N VAL B 424 -39.63 -8.89 -6.84
CA VAL B 424 -38.79 -7.69 -6.82
C VAL B 424 -38.08 -7.56 -5.48
N TYR B 425 -38.77 -7.90 -4.39
CA TYR B 425 -38.15 -7.78 -3.07
C TYR B 425 -37.02 -8.79 -2.88
N GLU B 426 -37.18 -9.98 -3.44
CA GLU B 426 -36.13 -10.99 -3.31
C GLU B 426 -34.86 -10.59 -4.04
N VAL B 427 -35.00 -9.94 -5.20
CA VAL B 427 -33.84 -9.53 -5.97
C VAL B 427 -33.06 -8.44 -5.23
N ILE B 428 -33.76 -7.47 -4.65
CA ILE B 428 -33.09 -6.38 -3.95
C ILE B 428 -32.37 -6.89 -2.71
N THR B 429 -33.00 -7.80 -1.97
CA THR B 429 -32.39 -8.30 -0.75
C THR B 429 -31.26 -9.30 -1.04
N SER B 430 -31.32 -9.99 -2.18
CA SER B 430 -30.28 -10.93 -2.53
C SER B 430 -28.95 -10.24 -2.81
N TRP B 431 -29.00 -9.01 -3.31
CA TRP B 431 -27.77 -8.28 -3.62
C TRP B 431 -27.23 -7.53 -2.41
N MET B 432 -28.12 -6.96 -1.60
CA MET B 432 -27.66 -6.15 -0.47
C MET B 432 -27.16 -7.02 0.68
N GLU B 433 -27.64 -8.26 0.79
CA GLU B 433 -27.23 -9.14 1.87
C GLU B 433 -25.96 -9.92 1.56
N ASN B 434 -25.67 -10.16 0.28
CA ASN B 434 -24.48 -10.91 -0.11
C ASN B 434 -23.29 -10.01 -0.43
N MET B 435 -23.52 -8.73 -0.69
CA MET B 435 -22.43 -7.84 -1.05
C MET B 435 -21.67 -7.42 0.21
N PRO B 436 -20.34 -7.43 0.19
CA PRO B 436 -19.57 -6.94 1.34
C PRO B 436 -19.81 -5.46 1.56
N GLU B 437 -19.70 -5.05 2.82
CA GLU B 437 -20.01 -3.67 3.20
C GLU B 437 -18.90 -2.72 2.78
N GLY B 438 -19.28 -1.48 2.45
CA GLY B 438 -18.35 -0.50 1.93
C GLY B 438 -18.22 -0.52 0.42
N LYS B 439 -18.81 -1.52 -0.25
CA LYS B 439 -18.82 -1.59 -1.70
C LYS B 439 -20.02 -0.82 -2.26
N TRP B 440 -19.97 -0.55 -3.56
CA TRP B 440 -21.04 0.18 -4.22
C TRP B 440 -21.86 -0.76 -5.07
N PRO B 441 -23.14 -0.97 -4.79
CA PRO B 441 -23.96 -1.86 -5.63
C PRO B 441 -24.32 -1.22 -6.96
N ASN B 442 -25.14 -1.91 -7.76
CA ASN B 442 -25.58 -1.39 -9.04
C ASN B 442 -26.85 -2.12 -9.45
N TRP B 443 -27.54 -1.56 -10.45
CA TRP B 443 -28.78 -2.14 -10.93
C TRP B 443 -29.01 -1.70 -12.37
N MET B 444 -29.52 -2.63 -13.18
CA MET B 444 -29.89 -2.35 -14.56
C MET B 444 -31.13 -3.15 -14.90
N ILE B 445 -32.13 -2.48 -15.48
CA ILE B 445 -33.40 -3.14 -15.77
C ILE B 445 -33.32 -3.96 -17.05
N GLY B 446 -32.60 -3.44 -18.05
CA GLY B 446 -32.50 -4.13 -19.33
C GLY B 446 -31.08 -4.01 -19.87
N GLY B 447 -30.86 -4.71 -20.99
CA GLY B 447 -29.58 -4.70 -21.65
C GLY B 447 -29.66 -5.21 -23.07
N PRO B 448 -28.51 -5.41 -23.70
CA PRO B 448 -28.53 -5.91 -25.09
C PRO B 448 -29.04 -7.34 -25.20
N ASP B 449 -28.59 -8.24 -24.32
CA ASP B 449 -29.01 -9.63 -24.35
C ASP B 449 -30.22 -9.88 -23.44
N SER B 450 -31.28 -9.08 -23.63
CA SER B 450 -32.48 -9.21 -22.85
C SER B 450 -33.62 -8.48 -23.57
N SER B 451 -34.85 -8.89 -23.29
CA SER B 451 -36.00 -8.27 -23.89
C SER B 451 -36.22 -6.87 -23.33
N ARG B 452 -36.97 -6.06 -24.07
CA ARG B 452 -37.26 -4.70 -23.65
C ARG B 452 -38.16 -4.69 -22.41
N LEU B 453 -38.23 -3.53 -21.77
CA LEU B 453 -39.00 -3.42 -20.54
C LEU B 453 -40.49 -3.53 -20.80
N THR B 454 -41.00 -2.76 -21.77
CA THR B 454 -42.43 -2.79 -22.07
C THR B 454 -42.85 -4.07 -22.80
N SER B 455 -41.89 -4.80 -23.39
CA SER B 455 -42.21 -6.05 -24.05
C SER B 455 -42.14 -7.25 -23.12
N ARG B 456 -41.38 -7.16 -22.03
CA ARG B 456 -41.29 -8.23 -21.05
C ARG B 456 -42.22 -8.03 -19.86
N LEU B 457 -42.44 -6.79 -19.44
CA LEU B 457 -43.30 -6.47 -18.31
C LEU B 457 -44.61 -5.81 -18.71
N GLY B 458 -44.55 -4.86 -19.64
CA GLY B 458 -45.75 -4.14 -20.06
C GLY B 458 -45.56 -2.64 -20.07
N ASN B 459 -46.41 -1.93 -20.80
CA ASN B 459 -46.30 -0.47 -20.87
C ASN B 459 -46.66 0.19 -19.56
N GLN B 460 -47.42 -0.48 -18.68
CA GLN B 460 -47.78 0.09 -17.39
C GLN B 460 -46.63 0.05 -16.40
N TYR B 461 -45.67 -0.87 -16.58
CA TYR B 461 -44.54 -1.00 -15.67
C TYR B 461 -43.33 -0.19 -16.10
N VAL B 462 -43.43 0.59 -17.17
CA VAL B 462 -42.29 1.38 -17.63
C VAL B 462 -41.97 2.50 -16.64
N ASN B 463 -43.01 3.11 -16.08
CA ASN B 463 -42.79 4.24 -15.17
C ASN B 463 -42.34 3.77 -13.79
N VAL B 464 -42.89 2.67 -13.29
CA VAL B 464 -42.57 2.23 -11.94
C VAL B 464 -41.17 1.60 -11.90
N MET B 465 -40.73 0.96 -12.98
CA MET B 465 -39.40 0.36 -12.98
C MET B 465 -38.31 1.41 -13.11
N ASN B 466 -38.62 2.54 -13.76
CA ASN B 466 -37.64 3.62 -13.85
C ASN B 466 -37.41 4.29 -12.50
N MET B 467 -38.44 4.37 -11.66
CA MET B 467 -38.27 4.93 -10.33
C MET B 467 -37.47 3.99 -9.44
N LEU B 468 -37.72 2.68 -9.54
CA LEU B 468 -36.96 1.72 -8.77
C LEU B 468 -35.47 1.77 -9.10
N LEU B 469 -35.13 2.08 -10.36
CA LEU B 469 -33.73 2.15 -10.74
C LEU B 469 -33.01 3.32 -10.10
N PHE B 470 -33.72 4.43 -9.88
CA PHE B 470 -33.11 5.64 -9.36
C PHE B 470 -33.29 5.82 -7.85
N THR B 471 -34.13 5.01 -7.21
CA THR B 471 -34.36 5.08 -5.78
C THR B 471 -33.54 4.06 -5.00
N LEU B 472 -32.68 3.30 -5.67
CA LEU B 472 -31.82 2.31 -5.04
C LEU B 472 -30.42 2.88 -4.82
N PRO B 473 -29.70 2.37 -3.80
CA PRO B 473 -28.39 2.96 -3.49
C PRO B 473 -27.36 2.73 -4.58
N GLY B 474 -27.52 1.72 -5.42
CA GLY B 474 -26.55 1.41 -6.44
C GLY B 474 -26.55 2.44 -7.56
N THR B 475 -25.61 2.25 -8.48
CA THR B 475 -25.49 3.11 -9.65
C THR B 475 -26.51 2.69 -10.69
N PRO B 476 -27.50 3.51 -11.00
CA PRO B 476 -28.51 3.11 -12.00
C PRO B 476 -27.91 3.05 -13.39
N ILE B 477 -28.12 1.91 -14.05
CA ILE B 477 -27.64 1.69 -15.41
C ILE B 477 -28.85 1.55 -16.33
N THR B 478 -28.91 2.40 -17.35
CA THR B 478 -30.04 2.46 -18.25
C THR B 478 -29.62 2.04 -19.65
N TYR B 479 -30.41 1.15 -20.25
CA TYR B 479 -30.17 0.76 -21.63
C TYR B 479 -30.63 1.86 -22.58
N TYR B 480 -30.10 1.83 -23.80
CA TYR B 480 -30.52 2.82 -24.80
C TYR B 480 -31.97 2.59 -25.19
N GLY B 481 -32.72 3.68 -25.29
CA GLY B 481 -34.14 3.58 -25.56
C GLY B 481 -34.98 3.10 -24.41
N GLU B 482 -34.40 2.94 -23.21
CA GLU B 482 -35.15 2.47 -22.06
C GLU B 482 -35.83 3.60 -21.30
N GLU B 483 -35.31 4.83 -21.41
CA GLU B 483 -35.96 5.97 -20.75
C GLU B 483 -37.38 6.15 -21.23
N ILE B 484 -37.65 5.84 -22.50
CA ILE B 484 -39.01 5.83 -23.04
C ILE B 484 -39.42 4.37 -23.25
N GLY B 485 -40.70 4.17 -23.55
CA GLY B 485 -41.20 2.84 -23.76
C GLY B 485 -41.04 2.36 -25.18
N MET B 486 -39.97 1.61 -25.45
CA MET B 486 -39.68 1.09 -26.78
C MET B 486 -39.90 -0.42 -26.77
N GLY B 487 -40.82 -0.88 -27.63
CA GLY B 487 -41.15 -2.29 -27.69
C GLY B 487 -40.19 -3.08 -28.56
N ASN B 488 -40.28 -4.40 -28.44
CA ASN B 488 -39.44 -5.29 -29.22
C ASN B 488 -39.96 -5.38 -30.65
N ILE B 489 -39.09 -5.88 -31.54
CA ILE B 489 -39.43 -6.06 -32.94
C ILE B 489 -39.35 -7.54 -33.27
N VAL B 490 -40.00 -7.91 -34.38
CA VAL B 490 -39.98 -9.30 -34.82
C VAL B 490 -38.61 -9.64 -35.39
N ALA B 491 -38.27 -10.93 -35.35
CA ALA B 491 -36.97 -11.39 -35.80
C ALA B 491 -36.92 -11.37 -37.33
N ALA B 492 -35.99 -10.60 -37.88
CA ALA B 492 -35.78 -10.52 -39.32
C ALA B 492 -34.62 -11.41 -39.74
N ASN B 493 -34.66 -11.82 -41.01
CA ASN B 493 -33.63 -12.70 -41.57
C ASN B 493 -32.53 -11.83 -42.17
N LEU B 494 -31.43 -11.68 -41.44
CA LEU B 494 -30.30 -10.88 -41.89
C LEU B 494 -29.23 -11.78 -42.51
N ASN B 495 -28.57 -11.26 -43.55
CA ASN B 495 -27.54 -12.04 -44.23
C ASN B 495 -26.29 -12.21 -43.37
N GLU B 496 -26.07 -11.30 -42.42
CA GLU B 496 -24.93 -11.38 -41.52
C GLU B 496 -25.19 -12.39 -40.40
N SER B 497 -24.10 -12.92 -39.85
CA SER B 497 -24.18 -13.92 -38.79
C SER B 497 -24.60 -13.24 -37.50
N TYR B 498 -25.91 -13.24 -37.23
CA TYR B 498 -26.45 -12.61 -36.03
C TYR B 498 -27.39 -13.59 -35.35
N ASP B 499 -27.48 -13.47 -34.02
CA ASP B 499 -28.39 -14.30 -33.24
C ASP B 499 -29.83 -13.88 -33.52
N ILE B 500 -30.68 -14.86 -33.87
CA ILE B 500 -32.09 -14.57 -34.10
C ILE B 500 -32.73 -14.05 -32.82
N ASN B 501 -32.53 -14.76 -31.72
CA ASN B 501 -33.00 -14.28 -30.43
C ASN B 501 -32.06 -13.20 -29.91
N THR B 502 -32.55 -12.45 -28.92
CA THR B 502 -31.87 -11.30 -28.32
C THR B 502 -31.55 -10.21 -29.34
N LEU B 503 -32.09 -10.30 -30.55
CA LEU B 503 -31.93 -9.26 -31.55
C LEU B 503 -33.06 -8.23 -31.52
N ARG B 504 -34.17 -8.56 -30.85
CA ARG B 504 -35.29 -7.64 -30.76
C ARG B 504 -34.93 -6.37 -29.98
N SER B 505 -33.90 -6.42 -29.14
CA SER B 505 -33.47 -5.26 -28.38
C SER B 505 -32.50 -4.37 -29.14
N LYS B 506 -32.04 -4.79 -30.32
CA LYS B 506 -31.10 -4.02 -31.12
C LYS B 506 -31.80 -3.08 -32.10
N SER B 507 -33.08 -2.77 -31.88
CA SER B 507 -33.81 -1.90 -32.78
C SER B 507 -33.22 -0.49 -32.74
N PRO B 508 -33.23 0.22 -33.87
CA PRO B 508 -32.66 1.57 -33.90
C PRO B 508 -33.43 2.52 -32.98
N MET B 509 -32.72 3.53 -32.49
CA MET B 509 -33.32 4.50 -31.58
C MET B 509 -34.33 5.35 -32.32
N GLN B 510 -35.52 5.51 -31.71
CA GLN B 510 -36.59 6.32 -32.29
C GLN B 510 -36.37 7.77 -31.90
N TRP B 511 -35.79 8.56 -32.80
CA TRP B 511 -35.49 9.97 -32.53
C TRP B 511 -36.66 10.87 -32.94
N ASP B 512 -37.04 10.83 -34.21
CA ASP B 512 -38.09 11.66 -34.76
C ASP B 512 -39.21 10.76 -35.27
N ASN B 513 -40.20 11.38 -35.93
CA ASN B 513 -41.26 10.65 -36.61
C ASN B 513 -41.08 10.63 -38.13
N SER B 514 -39.87 10.93 -38.60
CA SER B 514 -39.57 10.91 -40.03
C SER B 514 -39.29 9.46 -40.46
N SER B 515 -38.74 9.30 -41.66
CA SER B 515 -38.43 7.97 -42.18
C SER B 515 -37.41 7.29 -41.27
N ASN B 516 -37.68 6.02 -40.94
CA ASN B 516 -36.84 5.22 -40.05
C ASN B 516 -36.70 5.87 -38.67
N ALA B 517 -37.73 6.60 -38.25
CA ALA B 517 -37.77 7.26 -36.94
C ALA B 517 -36.60 8.22 -36.74
N GLY B 518 -36.12 8.83 -37.82
CA GLY B 518 -35.02 9.76 -37.72
C GLY B 518 -33.68 9.15 -37.37
N PHE B 519 -33.57 7.82 -37.40
CA PHE B 519 -32.30 7.18 -37.07
C PHE B 519 -31.28 7.38 -38.18
N SER B 520 -31.71 7.31 -39.44
CA SER B 520 -30.82 7.50 -40.57
C SER B 520 -31.65 7.96 -41.76
N GLU B 521 -31.05 8.86 -42.56
CA GLU B 521 -31.71 9.34 -43.77
C GLU B 521 -31.57 8.37 -44.95
N ALA B 522 -30.90 7.24 -44.75
CA ALA B 522 -30.71 6.25 -45.80
C ALA B 522 -31.83 5.22 -45.76
N SER B 523 -31.91 4.42 -46.83
CA SER B 523 -32.91 3.37 -46.92
C SER B 523 -32.30 2.01 -46.56
N ASN B 524 -33.18 1.01 -46.45
CA ASN B 524 -32.83 -0.39 -46.15
C ASN B 524 -31.78 -0.49 -45.05
N THR B 525 -32.15 0.03 -43.88
CA THR B 525 -31.28 0.02 -42.71
C THR B 525 -30.95 -1.42 -42.29
N TRP B 526 -29.96 -1.53 -41.40
CA TRP B 526 -29.50 -2.85 -40.98
C TRP B 526 -30.56 -3.60 -40.19
N LEU B 527 -31.44 -2.88 -39.50
CA LEU B 527 -32.52 -3.51 -38.74
C LEU B 527 -33.78 -2.66 -38.90
N PRO B 528 -34.92 -3.29 -39.13
CA PRO B 528 -36.17 -2.52 -39.31
C PRO B 528 -36.56 -1.81 -38.02
N THR B 529 -36.84 -0.52 -38.12
CA THR B 529 -37.28 0.26 -36.97
C THR B 529 -38.67 -0.20 -36.55
N ASN B 530 -38.92 -0.17 -35.24
CA ASN B 530 -40.22 -0.56 -34.71
C ASN B 530 -41.34 0.23 -35.37
N SER B 531 -42.49 -0.43 -35.54
CA SER B 531 -43.57 0.15 -36.32
C SER B 531 -44.18 1.37 -35.62
N ASP B 532 -44.50 1.24 -34.34
CA ASP B 532 -45.15 2.32 -33.60
C ASP B 532 -44.10 3.34 -33.11
N TYR B 533 -43.46 4.00 -34.09
CA TYR B 533 -42.51 5.06 -33.80
C TYR B 533 -43.09 6.45 -33.97
N HIS B 534 -44.22 6.58 -34.67
CA HIS B 534 -44.86 7.89 -34.81
C HIS B 534 -45.41 8.39 -33.48
N THR B 535 -45.71 7.48 -32.55
CA THR B 535 -46.24 7.85 -31.24
C THR B 535 -45.20 7.78 -30.13
N VAL B 536 -44.10 7.07 -30.34
CA VAL B 536 -43.06 6.90 -29.33
C VAL B 536 -41.75 7.39 -29.94
N ASN B 537 -41.33 8.59 -29.56
CA ASN B 537 -40.04 9.13 -29.98
C ASN B 537 -39.66 10.25 -29.02
N VAL B 538 -38.38 10.62 -29.04
CA VAL B 538 -37.88 11.62 -28.11
C VAL B 538 -38.50 13.00 -28.38
N ASP B 539 -38.81 13.30 -29.65
CA ASP B 539 -39.36 14.61 -29.96
C ASP B 539 -40.81 14.73 -29.52
N VAL B 540 -41.59 13.66 -29.67
CA VAL B 540 -42.99 13.70 -29.26
C VAL B 540 -43.11 13.73 -27.73
N GLN B 541 -42.32 12.90 -27.05
CA GLN B 541 -42.40 12.82 -25.60
C GLN B 541 -41.85 14.08 -24.92
N LYS B 542 -41.07 14.90 -25.63
CA LYS B 542 -40.54 16.10 -25.03
C LYS B 542 -41.56 17.24 -25.05
N THR B 543 -42.36 17.33 -26.12
CA THR B 543 -43.33 18.41 -26.22
C THR B 543 -44.58 18.15 -25.39
N GLN B 544 -44.92 16.89 -25.14
CA GLN B 544 -46.15 16.68 -24.39
C GLN B 544 -45.86 16.43 -22.92
N PRO B 545 -46.69 16.93 -22.03
CA PRO B 545 -46.51 16.66 -20.60
C PRO B 545 -47.09 15.28 -20.23
N ARG B 546 -46.81 14.87 -19.00
CA ARG B 546 -47.28 13.60 -18.45
C ARG B 546 -46.81 12.41 -19.29
N SER B 547 -45.67 12.56 -19.94
CA SER B 547 -45.10 11.50 -20.77
C SER B 547 -44.08 10.70 -19.99
N ALA B 548 -43.67 9.57 -20.55
CA ALA B 548 -42.63 8.75 -19.93
C ALA B 548 -41.24 9.14 -20.44
N LEU B 549 -40.97 10.44 -20.47
CA LEU B 549 -39.65 10.98 -20.70
C LEU B 549 -39.28 12.02 -19.65
N LYS B 550 -40.25 12.81 -19.21
CA LYS B 550 -40.00 13.78 -18.15
C LYS B 550 -39.76 13.08 -16.81
N LEU B 551 -40.43 11.94 -16.60
CA LEU B 551 -40.21 11.16 -15.38
C LEU B 551 -38.77 10.68 -15.28
N TYR B 552 -38.16 10.33 -16.42
CA TYR B 552 -36.76 9.95 -16.41
C TYR B 552 -35.85 11.15 -16.21
N GLN B 553 -36.31 12.34 -16.57
CA GLN B 553 -35.48 13.54 -16.45
C GLN B 553 -35.41 14.03 -15.01
N ASP B 554 -36.57 14.18 -14.36
CA ASP B 554 -36.58 14.67 -12.98
C ASP B 554 -36.15 13.62 -11.97
N LEU B 555 -36.21 12.34 -12.34
CA LEU B 555 -35.69 11.30 -11.46
C LEU B 555 -34.17 11.38 -11.36
N SER B 556 -33.50 11.54 -12.50
CA SER B 556 -32.05 11.73 -12.48
C SER B 556 -31.67 13.07 -11.86
N LEU B 557 -32.53 14.09 -12.00
CA LEU B 557 -32.28 15.36 -11.34
C LEU B 557 -32.45 15.22 -9.84
N LEU B 558 -33.50 14.53 -9.39
CA LEU B 558 -33.68 14.29 -7.96
C LEU B 558 -32.57 13.42 -7.40
N HIS B 559 -32.08 12.46 -8.20
CA HIS B 559 -31.01 11.59 -7.74
C HIS B 559 -29.68 12.35 -7.65
N ALA B 560 -29.49 13.37 -8.48
CA ALA B 560 -28.25 14.12 -8.49
C ALA B 560 -28.26 15.31 -7.53
N ASN B 561 -29.41 15.98 -7.40
CA ASN B 561 -29.48 17.14 -6.52
C ASN B 561 -29.60 16.74 -5.06
N GLU B 562 -30.54 15.86 -4.75
CA GLU B 562 -30.74 15.44 -3.36
C GLU B 562 -29.62 14.49 -2.93
N LEU B 563 -29.17 14.65 -1.68
CA LEU B 563 -28.12 13.81 -1.13
C LEU B 563 -28.65 12.51 -0.53
N LEU B 564 -29.95 12.43 -0.27
CA LEU B 564 -30.51 11.20 0.29
C LEU B 564 -30.46 10.05 -0.72
N LEU B 565 -30.58 10.36 -2.01
CA LEU B 565 -30.51 9.32 -3.04
C LEU B 565 -29.09 9.04 -3.49
N ASN B 566 -28.18 10.02 -3.36
CA ASN B 566 -26.79 9.80 -3.77
C ASN B 566 -26.09 8.86 -2.81
N ARG B 567 -26.00 9.25 -1.53
CA ARG B 567 -25.34 8.45 -0.49
C ARG B 567 -26.23 8.49 0.76
N GLY B 568 -27.12 7.51 0.87
CA GLY B 568 -28.02 7.43 2.00
C GLY B 568 -28.29 6.00 2.39
N TRP B 569 -28.91 5.83 3.56
CA TRP B 569 -29.26 4.51 4.04
C TRP B 569 -30.41 3.93 3.22
N PHE B 570 -30.54 2.61 3.29
CA PHE B 570 -31.59 1.87 2.56
C PHE B 570 -32.24 0.91 3.54
N CYS B 571 -33.43 1.26 4.02
CA CYS B 571 -34.16 0.46 5.00
C CYS B 571 -35.47 -0.01 4.35
N HIS B 572 -35.52 -1.29 4.00
CA HIS B 572 -36.73 -1.84 3.38
C HIS B 572 -37.71 -2.32 4.43
N LEU B 573 -39.00 -2.16 4.14
CA LEU B 573 -40.06 -2.56 5.08
C LEU B 573 -40.65 -3.93 4.76
N ARG B 574 -40.48 -4.86 5.70
CA ARG B 574 -40.96 -6.25 5.60
C ARG B 574 -40.99 -6.89 4.21
N ASN B 575 -42.12 -7.51 3.88
CA ASN B 575 -42.29 -8.21 2.60
C ASN B 575 -43.79 -8.25 2.17
N ASP B 576 -44.14 -7.87 0.93
CA ASP B 576 -45.53 -7.98 0.53
C ASP B 576 -45.60 -8.50 -0.89
N SER B 577 -46.78 -8.99 -1.28
CA SER B 577 -47.03 -9.48 -2.63
C SER B 577 -47.75 -8.47 -3.50
N HIS B 578 -48.08 -7.29 -2.95
CA HIS B 578 -48.82 -6.28 -3.71
C HIS B 578 -48.27 -4.88 -3.53
N TYR B 579 -47.16 -4.70 -2.81
CA TYR B 579 -46.50 -3.41 -2.71
C TYR B 579 -45.10 -3.61 -2.14
N VAL B 580 -44.17 -2.80 -2.64
CA VAL B 580 -42.78 -2.80 -2.17
C VAL B 580 -42.46 -1.41 -1.68
N VAL B 581 -42.17 -1.28 -0.38
CA VAL B 581 -41.91 0.00 0.26
C VAL B 581 -40.54 -0.04 0.92
N TYR B 582 -39.74 0.99 0.67
CA TYR B 582 -38.45 1.16 1.33
C TYR B 582 -38.22 2.63 1.59
N THR B 583 -37.32 2.91 2.53
CA THR B 583 -37.05 4.26 2.99
C THR B 583 -35.58 4.61 2.77
N ARG B 584 -35.33 5.79 2.21
CA ARG B 584 -33.98 6.31 2.00
C ARG B 584 -33.76 7.46 2.97
N GLU B 585 -32.72 7.34 3.79
CA GLU B 585 -32.46 8.32 4.85
C GLU B 585 -30.96 8.50 5.00
N LEU B 586 -30.58 9.54 5.75
CA LEU B 586 -29.18 9.83 6.03
C LEU B 586 -29.11 10.64 7.32
N ASP B 587 -28.04 10.41 8.09
CA ASP B 587 -27.87 11.09 9.36
C ASP B 587 -27.63 12.59 9.13
N GLY B 588 -28.34 13.41 9.89
CA GLY B 588 -28.19 14.86 9.80
C GLY B 588 -29.08 15.54 8.78
N ILE B 589 -29.82 14.78 7.97
CA ILE B 589 -30.71 15.40 6.99
C ILE B 589 -32.02 15.83 7.61
N ASP B 590 -32.49 15.12 8.64
CA ASP B 590 -33.76 15.42 9.31
C ASP B 590 -34.93 15.32 8.33
N ARG B 591 -34.80 14.42 7.36
CA ARG B 591 -35.80 14.27 6.31
C ARG B 591 -35.55 12.94 5.61
N ILE B 592 -36.62 12.17 5.39
CA ILE B 592 -36.51 10.85 4.78
C ILE B 592 -37.31 10.83 3.48
N PHE B 593 -37.00 9.83 2.65
CA PHE B 593 -37.70 9.60 1.38
C PHE B 593 -38.37 8.24 1.44
N ILE B 594 -39.71 8.23 1.40
CA ILE B 594 -40.49 7.00 1.43
C ILE B 594 -40.93 6.68 0.01
N VAL B 595 -40.41 5.59 -0.54
CA VAL B 595 -40.72 5.15 -1.90
C VAL B 595 -41.69 3.98 -1.81
N VAL B 596 -42.78 4.07 -2.56
CA VAL B 596 -43.81 3.03 -2.57
C VAL B 596 -44.03 2.60 -4.02
N LEU B 597 -43.83 1.31 -4.28
CA LEU B 597 -44.05 0.72 -5.60
C LEU B 597 -45.10 -0.36 -5.48
N ASN B 598 -46.07 -0.37 -6.39
CA ASN B 598 -47.21 -1.29 -6.27
C ASN B 598 -46.82 -2.71 -6.70
N PHE B 599 -46.49 -2.88 -7.99
CA PHE B 599 -46.16 -4.19 -8.55
C PHE B 599 -47.25 -5.22 -8.27
N GLY B 600 -48.48 -4.76 -8.06
CA GLY B 600 -49.58 -5.65 -7.73
C GLY B 600 -50.78 -5.51 -8.65
N GLU B 601 -51.98 -5.62 -8.09
CA GLU B 601 -53.22 -5.48 -8.87
C GLU B 601 -54.11 -4.45 -8.18
N SER B 602 -53.84 -3.17 -8.46
CA SER B 602 -54.64 -2.03 -8.03
C SER B 602 -55.17 -2.20 -6.60
N THR B 603 -54.25 -2.37 -5.66
CA THR B 603 -54.60 -2.55 -4.27
C THR B 603 -54.39 -1.26 -3.49
N LEU B 604 -54.95 -1.22 -2.28
CA LEU B 604 -54.83 -0.09 -1.38
C LEU B 604 -53.80 -0.39 -0.31
N LEU B 605 -53.01 0.62 0.05
CA LEU B 605 -51.94 0.49 1.02
C LEU B 605 -52.25 1.32 2.26
N ASN B 606 -51.98 0.73 3.43
CA ASN B 606 -52.13 1.41 4.72
C ASN B 606 -50.72 1.67 5.25
N LEU B 607 -50.25 2.91 5.10
CA LEU B 607 -48.91 3.26 5.54
C LEU B 607 -48.77 3.31 7.06
N HIS B 608 -49.87 3.32 7.79
CA HIS B 608 -49.80 3.32 9.25
C HIS B 608 -49.42 1.95 9.81
N ASN B 609 -49.47 0.89 8.99
CA ASN B 609 -49.11 -0.44 9.44
C ASN B 609 -47.64 -0.76 9.22
N MET B 610 -46.92 0.04 8.42
CA MET B 610 -45.54 -0.25 8.05
C MET B 610 -44.56 0.66 8.78
N ILE B 611 -44.73 1.98 8.66
CA ILE B 611 -43.85 2.96 9.31
C ILE B 611 -44.66 3.69 10.37
N SER B 612 -44.03 3.92 11.52
CA SER B 612 -44.64 4.60 12.65
C SER B 612 -44.16 6.04 12.72
N GLY B 613 -45.06 6.95 13.08
CA GLY B 613 -44.73 8.34 13.22
C GLY B 613 -45.05 9.23 12.04
N LEU B 614 -45.87 8.77 11.10
CA LEU B 614 -46.22 9.56 9.93
C LEU B 614 -47.41 10.47 10.24
N PRO B 615 -47.43 11.69 9.70
CA PRO B 615 -48.51 12.63 10.03
C PRO B 615 -49.82 12.28 9.35
N ALA B 616 -50.83 13.14 9.50
CA ALA B 616 -52.14 12.86 8.92
C ALA B 616 -52.10 12.99 7.40
N LYS B 617 -51.27 13.88 6.88
CA LYS B 617 -51.17 14.10 5.43
C LYS B 617 -49.71 14.11 5.00
N MET B 618 -49.47 13.58 3.81
CA MET B 618 -48.14 13.52 3.23
C MET B 618 -48.19 13.94 1.77
N ARG B 619 -47.10 14.55 1.30
CA ARG B 619 -47.02 15.05 -0.06
C ARG B 619 -46.24 14.09 -0.96
N ILE B 620 -46.60 14.08 -2.24
CA ILE B 620 -45.92 13.26 -3.24
C ILE B 620 -44.95 14.14 -4.01
N ARG B 621 -43.89 13.52 -4.54
CA ARG B 621 -42.86 14.22 -5.29
C ARG B 621 -42.95 13.99 -6.79
N LEU B 622 -42.79 12.75 -7.24
CA LEU B 622 -42.73 12.57 -8.69
C LEU B 622 -43.83 11.77 -9.36
N SER B 623 -44.13 10.63 -8.75
CA SER B 623 -45.12 9.65 -9.23
C SER B 623 -44.76 8.87 -10.52
N THR B 624 -45.53 7.82 -10.79
CA THR B 624 -45.29 7.03 -11.99
C THR B 624 -46.39 7.35 -13.00
N ASN B 625 -46.93 8.73 -12.79
CA ASN B 625 -47.98 9.20 -13.66
C ASN B 625 -47.80 10.68 -14.01
N SER B 626 -46.99 11.40 -13.24
CA SER B 626 -46.78 12.83 -13.49
C SER B 626 -48.08 13.61 -13.67
N ALA B 627 -48.89 13.64 -12.64
CA ALA B 627 -50.17 14.37 -12.67
C ALA B 627 -50.68 14.65 -11.26
N ASP B 628 -50.13 13.96 -10.28
CA ASP B 628 -50.57 14.14 -8.88
C ASP B 628 -49.46 14.59 -7.94
N LYS B 629 -48.38 15.12 -8.50
CA LYS B 629 -47.26 15.58 -7.68
C LYS B 629 -47.68 16.77 -6.84
N GLY B 630 -47.18 16.84 -5.61
CA GLY B 630 -47.55 17.90 -4.70
C GLY B 630 -48.98 17.82 -4.22
N SER B 631 -49.58 16.63 -4.19
CA SER B 631 -50.95 16.45 -3.75
C SER B 631 -50.96 16.08 -2.27
N LYS B 632 -52.13 15.74 -1.75
CA LYS B 632 -52.31 15.39 -0.35
C LYS B 632 -52.96 14.02 -0.25
N VAL B 633 -52.31 13.11 0.47
CA VAL B 633 -52.82 11.75 0.70
C VAL B 633 -52.59 11.39 2.16
N ASP B 634 -53.62 10.86 2.80
CA ASP B 634 -53.47 10.36 4.17
C ASP B 634 -52.77 9.01 4.16
N THR B 635 -52.16 8.67 5.30
CA THR B 635 -51.41 7.43 5.38
C THR B 635 -52.34 6.22 5.36
N SER B 636 -53.36 6.22 6.23
CA SER B 636 -54.30 5.11 6.33
C SER B 636 -55.26 5.16 5.14
N GLY B 637 -54.85 4.51 4.06
CA GLY B 637 -55.65 4.45 2.85
C GLY B 637 -55.09 5.26 1.71
N ILE B 638 -54.41 4.59 0.78
CA ILE B 638 -53.81 5.23 -0.39
C ILE B 638 -54.24 4.46 -1.62
N PHE B 639 -54.83 5.16 -2.58
CA PHE B 639 -55.29 4.53 -3.82
C PHE B 639 -54.12 4.43 -4.79
N LEU B 640 -53.75 3.20 -5.14
CA LEU B 640 -52.65 2.93 -6.06
C LEU B 640 -53.15 2.05 -7.19
N ASP B 641 -52.78 2.40 -8.42
CA ASP B 641 -53.15 1.61 -9.59
C ASP B 641 -52.12 0.50 -9.80
N LYS B 642 -52.23 -0.22 -10.91
CA LYS B 642 -51.29 -1.30 -11.20
C LYS B 642 -49.88 -0.75 -11.37
N GLY B 643 -49.67 0.08 -12.38
CA GLY B 643 -48.38 0.72 -12.59
C GLY B 643 -48.28 2.06 -11.91
N GLU B 644 -48.29 2.07 -10.58
CA GLU B 644 -48.30 3.30 -9.80
C GLU B 644 -47.19 3.27 -8.77
N GLY B 645 -46.47 4.39 -8.64
CA GLY B 645 -45.42 4.53 -7.66
C GLY B 645 -45.35 5.93 -7.09
N LEU B 646 -45.03 6.06 -5.81
CA LEU B 646 -45.01 7.34 -5.14
C LEU B 646 -43.71 7.52 -4.36
N ILE B 647 -43.33 8.77 -4.14
CA ILE B 647 -42.20 9.14 -3.29
C ILE B 647 -42.73 10.13 -2.26
N PHE B 648 -42.64 9.77 -0.98
CA PHE B 648 -43.11 10.61 0.11
C PHE B 648 -41.92 11.24 0.82
N GLU B 649 -42.05 12.54 1.13
CA GLU B 649 -41.00 13.31 1.78
C GLU B 649 -41.52 13.76 3.14
N HIS B 650 -41.01 13.14 4.20
CA HIS B 650 -41.44 13.41 5.56
C HIS B 650 -40.29 14.02 6.36
N ASN B 651 -40.62 14.97 7.24
CA ASN B 651 -39.63 15.65 8.05
C ASN B 651 -39.69 15.09 9.47
N THR B 652 -38.63 14.42 9.89
CA THR B 652 -38.56 13.85 11.22
C THR B 652 -37.12 13.50 11.55
N LYS B 653 -36.85 13.27 12.83
CA LYS B 653 -35.54 12.85 13.31
C LYS B 653 -35.70 11.48 13.96
N ASN B 654 -36.51 10.63 13.32
CA ASN B 654 -36.81 9.30 13.81
C ASN B 654 -36.43 8.26 12.76
N LEU B 655 -35.19 8.37 12.26
CA LEU B 655 -34.71 7.50 11.21
C LEU B 655 -34.84 6.03 11.60
N LEU B 656 -35.27 5.21 10.64
CA LEU B 656 -35.49 3.80 10.91
C LEU B 656 -34.18 3.07 11.17
N HIS B 657 -33.08 3.53 10.59
CA HIS B 657 -31.79 2.86 10.77
C HIS B 657 -31.25 2.98 12.18
N ARG B 658 -31.83 3.85 13.01
CA ARG B 658 -31.39 3.99 14.39
C ARG B 658 -32.16 3.09 15.36
N GLN B 659 -33.34 2.62 14.98
CA GLN B 659 -34.15 1.79 15.85
C GLN B 659 -33.59 0.38 15.92
N THR B 660 -33.86 -0.29 17.04
CA THR B 660 -33.36 -1.65 17.22
C THR B 660 -34.06 -2.65 16.32
N ALA B 661 -35.30 -2.38 15.91
CA ALA B 661 -36.01 -3.31 15.04
C ALA B 661 -35.45 -3.31 13.63
N PHE B 662 -35.16 -2.13 13.08
CA PHE B 662 -34.63 -2.00 11.73
C PHE B 662 -33.11 -1.89 11.75
N ARG B 663 -32.48 -2.98 12.18
CA ARG B 663 -31.03 -3.10 12.20
C ARG B 663 -30.49 -4.14 11.22
N ASP B 664 -31.26 -5.20 10.96
CA ASP B 664 -30.87 -6.23 10.02
C ASP B 664 -31.43 -5.99 8.62
N ARG B 665 -32.15 -4.88 8.40
CA ARG B 665 -32.76 -4.57 7.12
C ARG B 665 -32.38 -3.16 6.68
N CYS B 666 -31.22 -2.67 7.13
CA CYS B 666 -30.73 -1.35 6.76
C CYS B 666 -29.28 -1.47 6.31
N PHE B 667 -28.99 -0.97 5.12
CA PHE B 667 -27.66 -1.07 4.54
C PHE B 667 -27.19 0.29 4.05
N VAL B 668 -25.90 0.53 4.13
CA VAL B 668 -25.28 1.77 3.67
C VAL B 668 -23.87 1.47 3.21
N SER B 669 -23.41 2.22 2.21
CA SER B 669 -22.07 2.03 1.67
C SER B 669 -21.06 2.95 2.36
N ASN B 670 -21.31 4.26 2.32
CA ASN B 670 -20.44 5.25 2.95
C ASN B 670 -21.22 5.90 4.08
N ARG B 671 -21.01 5.39 5.31
CA ARG B 671 -21.69 5.94 6.47
C ARG B 671 -21.15 7.33 6.78
N ALA B 672 -22.03 8.33 6.75
CA ALA B 672 -21.66 9.71 7.00
C ALA B 672 -22.80 10.43 7.68
N CYS B 673 -22.49 11.58 8.27
CA CYS B 673 -23.46 12.44 8.91
C CYS B 673 -23.47 13.82 8.27
N TYR B 674 -24.68 14.34 8.04
CA TYR B 674 -24.87 15.67 7.47
C TYR B 674 -25.03 16.70 8.58
N SER B 675 -24.63 17.93 8.28
CA SER B 675 -24.76 19.06 9.20
C SER B 675 -25.43 20.20 8.47
N SER B 676 -26.55 20.69 9.03
CA SER B 676 -27.27 21.78 8.38
C SER B 676 -26.60 23.12 8.64
N VAL B 677 -26.08 23.34 9.85
CA VAL B 677 -25.44 24.60 10.22
C VAL B 677 -24.19 24.78 9.38
N LEU B 678 -23.26 23.84 9.46
CA LEU B 678 -22.06 23.82 8.62
C LEU B 678 -22.28 22.84 7.47
N ASN B 679 -22.47 23.38 6.28
CA ASN B 679 -22.82 22.56 5.11
C ASN B 679 -21.59 21.79 4.65
N ILE B 680 -21.31 20.68 5.34
CA ILE B 680 -20.16 19.82 5.04
C ILE B 680 -20.53 18.39 5.40
N LEU B 681 -19.76 17.43 4.89
CA LEU B 681 -19.96 16.01 5.17
C LEU B 681 -19.09 15.60 6.34
N TYR B 682 -19.69 14.87 7.28
CA TYR B 682 -19.00 14.40 8.49
C TYR B 682 -18.99 12.89 8.54
N THR B 683 -17.88 12.33 9.02
CA THR B 683 -17.81 10.89 9.28
C THR B 683 -18.30 10.57 10.68
N SER B 684 -17.71 11.19 11.70
CA SER B 684 -18.17 11.08 13.07
C SER B 684 -19.19 12.17 13.37
N CYS B 685 -20.21 11.80 14.13
CA CYS B 685 -21.31 12.71 14.43
C CYS B 685 -21.87 12.48 15.82
N GLY C 31 24.92 46.50 -11.94
CA GLY C 31 24.38 47.79 -12.30
C GLY C 31 23.01 47.70 -12.98
N LEU C 32 23.02 47.59 -14.30
CA LEU C 32 21.76 47.49 -15.03
C LEU C 32 21.11 46.13 -14.83
N ILE C 33 21.90 45.06 -14.87
CA ILE C 33 21.33 43.73 -14.68
C ILE C 33 20.80 43.56 -13.26
N SER C 34 21.42 44.21 -12.28
CA SER C 34 20.91 44.16 -10.91
C SER C 34 19.56 44.84 -10.81
N GLY C 35 19.41 46.01 -11.44
CA GLY C 35 18.12 46.68 -11.46
C GLY C 35 17.06 45.88 -12.18
N ILE C 36 17.44 45.23 -13.28
CA ILE C 36 16.50 44.38 -14.02
C ILE C 36 16.05 43.22 -13.15
N SER C 37 16.98 42.59 -12.43
CA SER C 37 16.62 41.48 -11.55
C SER C 37 15.72 41.95 -10.41
N ILE C 38 15.99 43.12 -9.85
CA ILE C 38 15.16 43.65 -8.78
C ILE C 38 13.76 43.94 -9.30
N ILE C 39 13.65 44.49 -10.51
CA ILE C 39 12.35 44.78 -11.09
C ILE C 39 11.58 43.50 -11.35
N VAL C 40 12.26 42.47 -11.88
CA VAL C 40 11.60 41.20 -12.16
C VAL C 40 11.15 40.54 -10.87
N GLY C 41 11.94 40.69 -9.80
CA GLY C 41 11.60 40.04 -8.54
C GLY C 41 10.33 40.58 -7.91
N THR C 42 10.12 41.89 -7.99
CA THR C 42 8.96 42.51 -7.38
C THR C 42 7.74 42.52 -8.30
N ILE C 43 7.84 41.93 -9.48
CA ILE C 43 6.72 41.86 -10.42
C ILE C 43 6.13 40.46 -10.48
N ILE C 44 6.97 39.42 -10.57
CA ILE C 44 6.50 38.05 -10.61
C ILE C 44 6.08 37.66 -9.21
N GLY C 45 4.76 37.69 -8.96
CA GLY C 45 4.20 37.35 -7.67
C GLY C 45 3.35 36.11 -7.73
N SER C 46 2.52 35.94 -6.70
CA SER C 46 1.60 34.80 -6.61
C SER C 46 0.29 35.10 -7.33
N GLY C 47 0.39 35.50 -8.59
CA GLY C 47 -0.78 35.81 -9.38
C GLY C 47 -0.73 35.23 -10.78
N ILE C 48 0.37 34.53 -11.10
CA ILE C 48 0.49 33.93 -12.41
C ILE C 48 -0.17 32.55 -12.49
N PHE C 49 -0.33 31.87 -11.36
CA PHE C 49 -1.00 30.57 -11.33
C PHE C 49 -2.39 30.65 -10.71
N VAL C 50 -2.95 31.86 -10.61
CA VAL C 50 -4.30 32.06 -10.09
C VAL C 50 -5.13 32.79 -11.13
N SER C 51 -4.46 33.54 -12.00
CA SER C 51 -5.11 34.37 -13.00
C SER C 51 -5.70 33.59 -14.18
N PRO C 52 -4.99 32.61 -14.77
CA PRO C 52 -5.53 31.95 -15.98
C PRO C 52 -6.92 31.38 -15.81
N LYS C 53 -7.24 30.79 -14.66
CA LYS C 53 -8.56 30.20 -14.46
C LYS C 53 -9.66 31.24 -14.60
N SER C 54 -9.42 32.47 -14.14
CA SER C 54 -10.41 33.53 -14.22
C SER C 54 -10.33 34.30 -15.53
N VAL C 55 -9.18 34.31 -16.20
CA VAL C 55 -9.05 35.01 -17.47
C VAL C 55 -9.53 34.16 -18.66
N LEU C 56 -9.61 32.85 -18.50
CA LEU C 56 -10.15 31.99 -19.55
C LEU C 56 -11.66 31.83 -19.45
N SER C 57 -12.23 32.01 -18.26
CA SER C 57 -13.66 31.92 -18.09
C SER C 57 -14.40 33.12 -18.70
N ASN C 58 -13.68 34.17 -19.08
CA ASN C 58 -14.28 35.33 -19.74
C ASN C 58 -14.02 35.38 -21.24
N THR C 59 -12.81 34.99 -21.67
CA THR C 59 -12.51 34.96 -23.09
C THR C 59 -12.99 33.68 -23.75
N GLU C 60 -13.02 32.58 -23.01
CA GLU C 60 -13.51 31.28 -23.49
C GLU C 60 -12.73 30.80 -24.71
N ALA C 61 -11.43 31.07 -24.74
CA ALA C 61 -10.59 30.67 -25.87
C ALA C 61 -9.13 30.67 -25.42
N VAL C 62 -8.27 30.28 -26.35
CA VAL C 62 -6.83 30.22 -26.09
C VAL C 62 -6.09 31.39 -26.74
N GLY C 63 -6.38 31.67 -28.01
CA GLY C 63 -5.78 32.77 -28.71
C GLY C 63 -6.09 34.11 -28.09
N PRO C 64 -7.37 34.45 -27.97
CA PRO C 64 -7.75 35.69 -27.26
C PRO C 64 -7.19 35.76 -25.85
N CYS C 65 -7.02 34.63 -25.17
CA CYS C 65 -6.44 34.65 -23.83
C CYS C 65 -5.00 35.15 -23.87
N LEU C 66 -4.19 34.60 -24.78
CA LEU C 66 -2.81 35.07 -24.91
C LEU C 66 -2.75 36.51 -25.40
N ILE C 67 -3.69 36.92 -26.25
CA ILE C 67 -3.73 38.30 -26.71
C ILE C 67 -4.02 39.24 -25.55
N ILE C 68 -4.97 38.87 -24.69
CA ILE C 68 -5.29 39.69 -23.52
C ILE C 68 -4.11 39.73 -22.56
N TRP C 69 -3.39 38.61 -22.43
CA TRP C 69 -2.22 38.59 -21.55
C TRP C 69 -1.12 39.51 -22.08
N ALA C 70 -0.88 39.48 -23.40
CA ALA C 70 0.12 40.37 -23.99
C ALA C 70 -0.30 41.83 -23.87
N ALA C 71 -1.60 42.10 -24.02
CA ALA C 71 -2.09 43.48 -23.86
C ALA C 71 -1.90 43.96 -22.42
N CYS C 72 -2.20 43.09 -21.44
CA CYS C 72 -1.97 43.44 -20.05
C CYS C 72 -0.49 43.69 -19.78
N GLY C 73 0.37 42.87 -20.38
CA GLY C 73 1.80 43.05 -20.19
C GLY C 73 2.30 44.38 -20.75
N VAL C 74 1.89 44.71 -21.98
CA VAL C 74 2.32 45.96 -22.58
C VAL C 74 1.70 47.16 -21.85
N LEU C 75 0.50 47.00 -21.30
CA LEU C 75 -0.12 48.06 -20.52
C LEU C 75 0.66 48.30 -19.22
N ALA C 76 1.03 47.22 -18.53
CA ALA C 76 1.85 47.38 -17.33
C ALA C 76 3.21 47.97 -17.67
N THR C 77 3.78 47.61 -18.83
CA THR C 77 5.05 48.19 -19.24
C THR C 77 4.92 49.69 -19.45
N LEU C 78 3.89 50.12 -20.17
CA LEU C 78 3.69 51.56 -20.39
C LEU C 78 3.42 52.29 -19.10
N GLY C 79 2.64 51.69 -18.19
CA GLY C 79 2.38 52.32 -16.91
C GLY C 79 3.64 52.49 -16.07
N ALA C 80 4.48 51.46 -16.03
CA ALA C 80 5.73 51.55 -15.29
C ALA C 80 6.67 52.57 -15.93
N LEU C 81 6.71 52.62 -17.26
CA LEU C 81 7.54 53.61 -17.94
C LEU C 81 7.07 55.02 -17.66
N CYS C 82 5.76 55.23 -17.55
CA CYS C 82 5.24 56.56 -17.23
C CYS C 82 5.51 56.91 -15.77
N PHE C 83 5.37 55.94 -14.87
CA PHE C 83 5.67 56.19 -13.47
C PHE C 83 7.15 56.46 -13.24
N ALA C 84 8.02 55.89 -14.08
CA ALA C 84 9.45 56.17 -13.97
C ALA C 84 9.79 57.62 -14.32
N GLU C 85 8.94 58.30 -15.08
CA GLU C 85 9.12 59.70 -15.40
C GLU C 85 8.26 60.63 -14.53
N LEU C 86 7.23 60.09 -13.89
CA LEU C 86 6.38 60.88 -13.00
C LEU C 86 6.82 60.83 -11.54
N GLY C 87 7.53 59.78 -11.14
CA GLY C 87 7.94 59.64 -9.76
C GLY C 87 9.28 60.27 -9.45
N THR C 88 10.10 60.49 -10.48
CA THR C 88 11.41 61.11 -10.32
C THR C 88 11.40 62.60 -10.64
N MET C 89 10.23 63.24 -10.57
CA MET C 89 10.13 64.66 -10.83
C MET C 89 9.29 65.39 -9.78
N ILE C 90 8.66 64.67 -8.85
CA ILE C 90 7.83 65.29 -7.82
C ILE C 90 8.28 64.79 -6.46
N THR C 91 9.38 64.03 -6.44
CA THR C 91 9.91 63.47 -5.21
C THR C 91 10.51 64.56 -4.33
N TYR C 99 0.14 59.30 -3.26
CA TYR C 99 -0.05 60.52 -2.49
C TYR C 99 0.96 61.59 -2.91
N LEU C 100 2.20 61.17 -3.12
CA LEU C 100 3.24 62.10 -3.52
C LEU C 100 3.07 62.58 -4.96
N MET C 101 2.34 61.83 -5.79
CA MET C 101 2.13 62.22 -7.17
C MET C 101 0.94 63.15 -7.36
N GLU C 102 0.05 63.24 -6.36
CA GLU C 102 -1.11 64.12 -6.46
C GLU C 102 -1.51 64.64 -5.09
N PRO C 106 -5.07 68.11 -2.13
CA PRO C 106 -6.40 68.62 -1.80
C PRO C 106 -7.42 67.51 -1.61
N ILE C 107 -8.62 67.71 -2.14
CA ILE C 107 -9.70 66.73 -1.98
C ILE C 107 -9.35 65.39 -2.62
N PRO C 108 -8.74 65.41 -3.82
CA PRO C 108 -8.38 64.14 -4.45
C PRO C 108 -7.36 63.40 -3.60
N ALA C 109 -6.39 64.12 -3.05
CA ALA C 109 -5.37 63.51 -2.22
C ALA C 109 -6.00 62.90 -0.98
N TYR C 110 -6.94 63.61 -0.38
CA TYR C 110 -7.61 63.10 0.80
C TYR C 110 -8.38 61.83 0.48
N LEU C 111 -9.05 61.81 -0.69
CA LEU C 111 -9.80 60.64 -1.10
C LEU C 111 -8.85 59.46 -1.28
N PHE C 112 -7.70 59.70 -1.90
CA PHE C 112 -6.73 58.63 -2.09
C PHE C 112 -6.25 58.09 -0.75
N SER C 113 -6.01 58.99 0.20
CA SER C 113 -5.56 58.57 1.52
C SER C 113 -6.63 57.73 2.21
N TRP C 114 -7.88 58.13 2.05
CA TRP C 114 -9.02 57.44 2.65
C TRP C 114 -9.29 56.09 1.99
N ALA C 115 -9.11 56.02 0.67
CA ALA C 115 -9.36 54.79 -0.05
C ALA C 115 -8.25 53.77 0.18
N SER C 116 -7.00 54.23 0.30
CA SER C 116 -5.87 53.34 0.51
C SER C 116 -5.84 52.74 1.91
N LEU C 117 -6.77 53.13 2.78
CA LEU C 117 -6.81 52.61 4.14
C LEU C 117 -7.89 51.56 4.36
N ILE C 118 -8.83 51.40 3.43
CA ILE C 118 -9.97 50.51 3.58
C ILE C 118 -10.08 49.54 2.42
N VAL C 119 -10.11 50.05 1.18
CA VAL C 119 -10.46 49.25 0.02
C VAL C 119 -9.27 48.92 -0.86
N ILE C 120 -8.09 49.44 -0.56
CA ILE C 120 -6.89 49.22 -1.38
C ILE C 120 -5.90 48.32 -0.67
N LYS C 121 -5.42 48.73 0.50
CA LYS C 121 -4.44 47.95 1.24
C LYS C 121 -5.08 46.76 1.96
N PRO C 122 -6.19 46.95 2.69
CA PRO C 122 -6.78 45.78 3.37
C PRO C 122 -7.41 44.78 2.41
N THR C 123 -7.98 45.26 1.30
CA THR C 123 -8.59 44.34 0.34
C THR C 123 -7.54 43.50 -0.37
N SER C 124 -6.46 44.13 -0.83
CA SER C 124 -5.37 43.37 -1.44
C SER C 124 -4.68 42.47 -0.42
N PHE C 125 -4.71 42.84 0.85
CA PHE C 125 -4.16 41.99 1.90
C PHE C 125 -5.01 40.74 2.12
N ALA C 126 -6.31 40.83 1.86
CA ALA C 126 -7.19 39.67 2.00
C ALA C 126 -7.16 38.77 0.78
N ILE C 127 -6.93 39.33 -0.41
CA ILE C 127 -6.88 38.52 -1.62
C ILE C 127 -5.65 37.61 -1.59
N ILE C 128 -4.53 38.13 -1.09
CA ILE C 128 -3.32 37.31 -1.00
C ILE C 128 -3.53 36.17 -0.01
N CYS C 129 -4.22 36.45 1.09
CA CYS C 129 -4.48 35.40 2.07
C CYS C 129 -5.52 34.40 1.57
N LEU C 130 -6.51 34.87 0.79
CA LEU C 130 -7.47 33.95 0.20
C LEU C 130 -6.82 33.06 -0.85
N SER C 131 -5.84 33.61 -1.58
CA SER C 131 -5.12 32.80 -2.56
C SER C 131 -4.22 31.77 -1.88
N PHE C 132 -3.68 32.11 -0.70
CA PHE C 132 -2.87 31.15 0.05
C PHE C 132 -3.75 30.05 0.64
N SER C 133 -4.97 30.40 1.06
CA SER C 133 -5.86 29.41 1.65
C SER C 133 -6.37 28.41 0.61
N GLU C 134 -6.71 28.89 -0.59
CA GLU C 134 -7.21 28.02 -1.63
C GLU C 134 -6.12 27.17 -2.27
N TYR C 135 -4.86 27.36 -1.88
CA TYR C 135 -3.76 26.59 -2.45
C TYR C 135 -3.10 25.65 -1.45
N VAL C 136 -3.25 25.90 -0.14
CA VAL C 136 -2.66 25.02 0.86
C VAL C 136 -3.59 23.87 1.24
N CYS C 137 -4.89 23.99 0.97
CA CYS C 137 -5.86 22.94 1.26
C CYS C 137 -6.46 22.35 -0.01
N ALA C 138 -5.87 22.63 -1.17
CA ALA C 138 -6.35 22.11 -2.44
C ALA C 138 -5.96 20.65 -2.65
N PRO C 139 -4.72 20.23 -2.38
CA PRO C 139 -4.39 18.80 -2.58
C PRO C 139 -5.15 17.87 -1.65
N PHE C 140 -5.67 18.38 -0.52
CA PHE C 140 -6.42 17.52 0.39
C PHE C 140 -7.74 17.09 -0.23
N TYR C 141 -8.38 17.97 -1.00
CA TYR C 141 -9.63 17.67 -1.69
C TYR C 141 -9.30 17.46 -3.16
N VAL C 142 -8.94 16.25 -3.53
CA VAL C 142 -8.59 15.97 -4.92
C VAL C 142 -9.79 15.95 -5.88
N GLY C 143 -10.72 15.04 -5.66
CA GLY C 143 -11.90 14.91 -6.49
C GLY C 143 -12.88 16.07 -6.54
N CYS C 144 -13.09 16.71 -5.41
CA CYS C 144 -14.06 17.79 -5.27
C CYS C 144 -13.44 19.06 -4.70
N LYS C 145 -14.11 20.19 -4.88
CA LYS C 145 -13.63 21.46 -4.34
C LYS C 145 -13.79 21.50 -2.82
N PRO C 146 -12.91 22.25 -2.13
CA PRO C 146 -12.90 22.41 -0.66
C PRO C 146 -14.12 23.17 -0.15
N PRO C 147 -14.49 22.98 1.13
CA PRO C 147 -15.67 23.71 1.59
C PRO C 147 -15.37 25.19 1.81
N GLN C 148 -16.43 26.00 1.70
CA GLN C 148 -16.26 27.43 1.88
C GLN C 148 -15.94 27.78 3.33
N ILE C 149 -16.40 26.96 4.28
CA ILE C 149 -16.12 27.22 5.69
C ILE C 149 -14.64 26.97 5.99
N VAL C 150 -14.07 25.93 5.39
CA VAL C 150 -12.69 25.56 5.68
C VAL C 150 -11.72 26.61 5.14
N VAL C 151 -12.00 27.13 3.94
CA VAL C 151 -11.07 28.07 3.32
C VAL C 151 -11.15 29.44 3.99
N LYS C 152 -12.28 29.78 4.61
CA LYS C 152 -12.41 31.09 5.23
C LYS C 152 -11.71 31.12 6.58
N CYS C 153 -11.93 30.10 7.42
CA CYS C 153 -11.26 30.05 8.71
C CYS C 153 -9.75 29.88 8.55
N LEU C 154 -9.32 29.15 7.51
CA LEU C 154 -7.89 29.01 7.25
C LEU C 154 -7.29 30.32 6.74
N ALA C 155 -8.06 31.08 5.96
CA ALA C 155 -7.59 32.39 5.52
C ALA C 155 -7.58 33.40 6.67
N ALA C 156 -8.60 33.34 7.54
CA ALA C 156 -8.63 34.21 8.69
C ALA C 156 -7.50 33.89 9.67
N ALA C 157 -7.17 32.61 9.81
CA ALA C 157 -6.05 32.22 10.66
C ALA C 157 -4.73 32.70 10.07
N ALA C 158 -4.63 32.72 8.74
CA ALA C 158 -3.42 33.24 8.09
C ALA C 158 -3.31 34.75 8.27
N ILE C 159 -4.45 35.44 8.30
CA ILE C 159 -4.43 36.89 8.52
C ILE C 159 -3.95 37.21 9.92
N LEU C 160 -4.50 36.53 10.93
CA LEU C 160 -4.15 36.81 12.30
C LEU C 160 -2.70 36.43 12.60
N PHE C 161 -2.17 35.44 11.87
CA PHE C 161 -0.81 34.98 12.12
C PHE C 161 0.22 36.01 11.66
N ILE C 162 0.11 36.45 10.40
CA ILE C 162 1.09 37.39 9.88
C ILE C 162 0.90 38.78 10.47
N SER C 163 -0.33 39.12 10.88
CA SER C 163 -0.55 40.39 11.57
C SER C 163 0.11 40.41 12.93
N THR C 164 0.23 39.24 13.57
CA THR C 164 0.91 39.16 14.86
C THR C 164 2.43 39.11 14.68
N VAL C 165 2.90 38.41 13.64
CA VAL C 165 4.33 38.32 13.39
C VAL C 165 4.88 39.68 12.99
N ASN C 166 4.18 40.40 12.11
CA ASN C 166 4.64 41.71 11.68
C ASN C 166 4.56 42.75 12.79
N SER C 167 3.75 42.52 13.82
CA SER C 167 3.63 43.43 14.94
C SER C 167 4.66 43.16 16.03
N LEU C 168 5.62 42.28 15.78
CA LEU C 168 6.65 41.97 16.76
C LEU C 168 8.05 42.18 16.18
N ASN C 178 14.07 36.28 1.43
CA ASN C 178 14.67 35.94 0.15
C ASN C 178 14.44 34.47 -0.19
N ILE C 179 14.18 33.66 0.85
CA ILE C 179 13.93 32.24 0.63
C ILE C 179 12.58 32.04 -0.07
N PHE C 180 11.61 32.91 0.20
CA PHE C 180 10.32 32.82 -0.47
C PHE C 180 10.44 33.12 -1.95
N THR C 181 11.30 34.08 -2.31
CA THR C 181 11.48 34.45 -3.71
C THR C 181 12.24 33.37 -4.48
N ALA C 182 13.24 32.75 -3.84
CA ALA C 182 14.02 31.72 -4.50
C ALA C 182 13.16 30.49 -4.81
N ALA C 183 12.34 30.05 -3.85
CA ALA C 183 11.48 28.91 -4.08
C ALA C 183 10.35 29.22 -5.05
N LYS C 184 9.98 30.51 -5.16
CA LYS C 184 8.91 30.89 -6.08
C LYS C 184 9.37 30.81 -7.54
N LEU C 185 10.61 31.20 -7.81
CA LEU C 185 11.13 31.15 -9.17
C LEU C 185 11.44 29.73 -9.61
N VAL C 186 11.57 28.79 -8.67
CA VAL C 186 11.84 27.41 -9.03
C VAL C 186 10.63 26.78 -9.70
N ILE C 187 9.45 27.01 -9.13
CA ILE C 187 8.22 26.45 -9.71
C ILE C 187 7.96 27.04 -11.09
N VAL C 188 8.19 28.35 -11.25
CA VAL C 188 7.99 28.98 -12.54
C VAL C 188 8.99 28.43 -13.57
N ALA C 189 10.21 28.12 -13.12
CA ALA C 189 11.20 27.55 -14.02
C ALA C 189 10.92 26.08 -14.31
N ILE C 190 10.46 25.33 -13.31
CA ILE C 190 10.19 23.91 -13.51
C ILE C 190 9.01 23.72 -14.47
N ILE C 191 7.94 24.48 -14.28
CA ILE C 191 6.75 24.33 -15.11
C ILE C 191 7.06 24.70 -16.56
N ILE C 192 7.87 25.75 -16.75
CA ILE C 192 8.23 26.16 -18.11
C ILE C 192 9.14 25.13 -18.76
N ILE C 193 10.16 24.68 -18.03
CA ILE C 193 11.10 23.69 -18.59
C ILE C 193 10.39 22.37 -18.85
N SER C 194 9.64 21.87 -17.87
CA SER C 194 8.93 20.61 -18.06
C SER C 194 7.82 20.75 -19.09
N GLY C 195 7.33 21.97 -19.33
CA GLY C 195 6.32 22.17 -20.35
C GLY C 195 6.87 22.16 -21.76
N LEU C 196 8.17 22.44 -21.91
CA LEU C 196 8.77 22.47 -23.24
C LEU C 196 9.29 21.11 -23.67
N VAL C 197 9.61 20.22 -22.72
CA VAL C 197 10.13 18.90 -23.05
C VAL C 197 9.00 18.01 -23.55
N LEU C 198 7.76 18.47 -23.41
CA LEU C 198 6.59 17.75 -23.91
C LEU C 198 5.77 18.60 -24.87
N LEU C 199 6.38 19.61 -25.49
CA LEU C 199 5.72 20.45 -26.47
C LEU C 199 6.33 20.35 -27.86
N ALA C 200 7.65 20.31 -27.96
CA ALA C 200 8.34 20.20 -29.24
C ALA C 200 8.58 18.76 -29.65
N GLY C 219 -18.08 43.45 -21.45
CA GLY C 219 -18.64 42.55 -20.47
C GLY C 219 -17.71 41.43 -20.07
N ALA C 220 -17.63 40.39 -20.91
CA ALA C 220 -16.76 39.26 -20.64
C ALA C 220 -15.31 39.53 -20.98
N ILE C 221 -15.02 40.60 -21.73
CA ILE C 221 -13.64 40.93 -22.07
C ILE C 221 -12.97 41.80 -21.00
N SER C 222 -13.75 42.42 -20.11
CA SER C 222 -13.16 43.24 -19.06
C SER C 222 -12.72 42.38 -17.88
N LEU C 223 -13.46 41.31 -17.58
CA LEU C 223 -13.08 40.42 -16.48
C LEU C 223 -11.79 39.68 -16.79
N ALA C 224 -11.50 39.43 -18.07
CA ALA C 224 -10.25 38.78 -18.43
C ALA C 224 -9.05 39.66 -18.10
N PHE C 225 -9.21 40.98 -18.27
CA PHE C 225 -8.13 41.90 -17.92
C PHE C 225 -7.96 42.00 -16.41
N TYR C 226 -9.06 41.96 -15.66
CA TYR C 226 -8.98 42.04 -14.21
C TYR C 226 -8.22 40.86 -13.61
N ASN C 227 -8.53 39.65 -14.09
CA ASN C 227 -7.83 38.46 -13.59
C ASN C 227 -6.43 38.34 -14.15
N GLY C 228 -6.20 38.84 -15.37
CA GLY C 228 -4.87 38.77 -15.95
C GLY C 228 -3.90 39.78 -15.39
N LEU C 229 -4.39 40.95 -14.98
CA LEU C 229 -3.54 41.98 -14.40
C LEU C 229 -3.23 41.74 -12.93
N TRP C 230 -3.94 40.83 -12.27
CA TRP C 230 -3.61 40.51 -10.88
C TRP C 230 -2.26 39.85 -10.76
N ALA C 231 -1.86 39.08 -11.78
CA ALA C 231 -0.52 38.49 -11.78
C ALA C 231 0.56 39.56 -11.85
N TYR C 232 0.29 40.66 -12.54
CA TYR C 232 1.20 41.80 -12.59
C TYR C 232 0.85 42.75 -11.45
N ASP C 233 1.26 42.35 -10.25
CA ASP C 233 0.98 43.11 -9.03
C ASP C 233 2.30 43.62 -8.48
N GLY C 234 2.54 44.92 -8.64
CA GLY C 234 3.77 45.53 -8.16
C GLY C 234 4.45 46.40 -9.18
N TRP C 235 3.78 46.66 -10.30
CA TRP C 235 4.34 47.51 -11.35
C TRP C 235 4.21 49.00 -11.04
N ASN C 236 3.39 49.36 -10.05
CA ASN C 236 3.22 50.76 -9.66
C ASN C 236 4.14 51.19 -8.54
N GLN C 237 4.88 50.26 -7.94
CA GLN C 237 5.80 50.55 -6.85
C GLN C 237 7.21 50.11 -7.20
N LEU C 238 7.61 50.33 -8.44
CA LEU C 238 8.95 49.96 -8.89
C LEU C 238 9.97 51.07 -8.65
N ASN C 239 9.59 52.32 -8.88
CA ASN C 239 10.50 53.45 -8.67
C ASN C 239 10.78 53.71 -7.19
N TYR C 240 9.98 53.14 -6.28
CA TYR C 240 10.20 53.38 -4.86
C TYR C 240 11.36 52.57 -4.31
N ILE C 241 11.70 51.45 -4.95
CA ILE C 241 12.76 50.58 -4.45
C ILE C 241 13.84 50.41 -5.51
N THR C 242 13.96 51.39 -6.42
CA THR C 242 14.98 51.34 -7.46
C THR C 242 15.71 52.67 -7.63
N GLU C 243 15.51 53.64 -6.74
CA GLU C 243 16.20 54.92 -6.82
C GLU C 243 17.49 54.95 -6.01
N GLU C 244 17.90 53.82 -5.42
CA GLU C 244 19.12 53.75 -4.63
C GLU C 244 20.13 52.78 -5.24
N LEU C 245 19.97 52.43 -6.51
CA LEU C 245 20.88 51.49 -7.17
C LEU C 245 21.91 52.23 -8.01
N ARG C 246 21.44 53.06 -8.95
CA ARG C 246 22.32 53.81 -9.84
C ARG C 246 21.55 55.00 -10.39
N ASN C 247 22.13 55.65 -11.39
CA ASN C 247 21.53 56.83 -12.00
C ASN C 247 20.22 56.44 -12.71
N PRO C 248 19.12 57.13 -12.45
CA PRO C 248 17.86 56.79 -13.12
C PRO C 248 17.74 57.41 -14.50
N TYR C 249 18.86 57.89 -15.05
CA TYR C 249 18.85 58.52 -16.37
C TYR C 249 18.43 57.51 -17.44
N ARG C 250 19.21 56.44 -17.60
CA ARG C 250 18.90 55.41 -18.59
C ARG C 250 19.03 54.00 -18.00
N ASN C 251 18.70 53.84 -16.73
CA ASN C 251 18.75 52.55 -16.06
C ASN C 251 17.38 52.09 -15.57
N LEU C 252 16.62 52.99 -14.94
CA LEU C 252 15.27 52.60 -14.51
C LEU C 252 14.32 52.40 -15.68
N PRO C 253 14.24 53.31 -16.67
CA PRO C 253 13.38 53.01 -17.83
C PRO C 253 13.90 51.86 -18.67
N LEU C 254 15.21 51.60 -18.63
CA LEU C 254 15.77 50.48 -19.40
C LEU C 254 15.49 49.14 -18.75
N ALA C 255 15.49 49.08 -17.42
CA ALA C 255 15.19 47.84 -16.71
C ALA C 255 13.71 47.51 -16.69
N ILE C 256 12.85 48.39 -17.19
CA ILE C 256 11.42 48.16 -17.25
C ILE C 256 10.97 47.75 -18.65
N ILE C 257 11.54 48.38 -19.68
CA ILE C 257 11.17 48.07 -21.06
C ILE C 257 11.63 46.69 -21.48
N ILE C 258 12.56 46.08 -20.75
CA ILE C 258 12.99 44.71 -21.01
C ILE C 258 12.87 43.82 -19.79
N GLY C 259 12.35 44.33 -18.68
CA GLY C 259 12.18 43.52 -17.48
C GLY C 259 10.76 43.02 -17.32
N ILE C 260 9.78 43.88 -17.59
CA ILE C 260 8.38 43.50 -17.51
C ILE C 260 7.99 42.64 -18.72
N PRO C 261 8.40 42.98 -19.96
CA PRO C 261 8.13 42.05 -21.07
C PRO C 261 8.81 40.70 -20.90
N LEU C 262 9.93 40.65 -20.18
CA LEU C 262 10.55 39.36 -19.88
C LEU C 262 9.64 38.51 -19.00
N VAL C 263 8.97 39.15 -18.03
CA VAL C 263 7.98 38.44 -17.22
C VAL C 263 6.76 38.08 -18.07
N THR C 264 6.40 38.95 -19.01
CA THR C 264 5.27 38.66 -19.89
C THR C 264 5.53 37.42 -20.73
N ALA C 265 6.72 37.33 -21.34
CA ALA C 265 7.10 36.12 -22.07
C ALA C 265 7.22 34.94 -21.12
N CYS C 266 7.62 35.20 -19.88
CA CYS C 266 7.68 34.13 -18.88
C CYS C 266 6.29 33.63 -18.53
N TYR C 267 5.31 34.53 -18.48
CA TYR C 267 3.94 34.12 -18.17
C TYR C 267 3.31 33.38 -19.34
N ILE C 268 3.63 33.79 -20.57
CA ILE C 268 3.09 33.11 -21.75
C ILE C 268 3.66 31.70 -21.85
N LEU C 269 4.98 31.56 -21.62
CA LEU C 269 5.59 30.24 -21.66
C LEU C 269 5.09 29.36 -20.52
N MET C 270 4.61 29.96 -19.43
CA MET C 270 4.06 29.19 -18.32
C MET C 270 2.61 28.81 -18.56
N ASN C 271 1.86 29.62 -19.31
CA ASN C 271 0.47 29.31 -19.58
C ASN C 271 0.32 28.23 -20.64
N VAL C 272 1.22 28.21 -21.63
CA VAL C 272 1.17 27.17 -22.65
C VAL C 272 1.58 25.82 -22.07
N SER C 273 2.25 25.80 -20.92
CA SER C 273 2.60 24.55 -20.27
C SER C 273 1.38 23.87 -19.64
N TYR C 274 0.30 24.62 -19.41
CA TYR C 274 -0.91 24.03 -18.87
C TYR C 274 -1.79 23.45 -19.97
N PHE C 275 -1.84 24.10 -21.12
CA PHE C 275 -2.73 23.68 -22.21
C PHE C 275 -2.21 22.47 -22.97
N THR C 276 -0.94 22.10 -22.80
CA THR C 276 -0.39 20.92 -23.46
C THR C 276 -0.50 19.67 -22.60
N VAL C 277 -0.82 19.81 -21.32
CA VAL C 277 -1.00 18.67 -20.41
C VAL C 277 -2.49 18.42 -20.15
N MET C 278 -3.22 19.45 -19.73
CA MET C 278 -4.65 19.36 -19.55
C MET C 278 -5.37 20.17 -20.63
N THR C 279 -6.54 19.70 -21.01
CA THR C 279 -7.30 20.36 -22.07
C THR C 279 -7.94 21.64 -21.55
N ALA C 280 -8.64 22.35 -22.44
CA ALA C 280 -9.23 23.63 -22.08
C ALA C 280 -10.37 23.46 -21.08
N THR C 281 -11.17 22.40 -21.23
CA THR C 281 -12.32 22.21 -20.35
C THR C 281 -11.93 21.77 -18.94
N GLU C 282 -10.73 21.22 -18.76
CA GLU C 282 -10.29 20.82 -17.43
C GLU C 282 -9.83 22.00 -16.59
N LEU C 283 -9.47 23.12 -17.23
CA LEU C 283 -9.00 24.29 -16.50
C LEU C 283 -10.13 24.99 -15.76
N LEU C 284 -11.38 24.84 -16.21
CA LEU C 284 -12.49 25.49 -15.52
C LEU C 284 -12.80 24.81 -14.19
N GLN C 285 -12.84 23.47 -14.19
CA GLN C 285 -13.12 22.71 -12.97
C GLN C 285 -11.83 22.36 -12.23
N SER C 286 -11.03 23.38 -11.94
CA SER C 286 -9.76 23.18 -11.23
C SER C 286 -9.44 24.49 -10.50
N GLN C 287 -9.67 24.51 -9.19
CA GLN C 287 -9.39 25.71 -8.40
C GLN C 287 -7.89 25.99 -8.38
N ALA C 288 -7.09 24.99 -8.09
CA ALA C 288 -5.63 25.10 -8.08
C ALA C 288 -5.10 24.41 -9.34
N VAL C 289 -4.73 25.20 -10.34
CA VAL C 289 -4.28 24.62 -11.60
C VAL C 289 -2.87 24.07 -11.50
N ALA C 290 -2.10 24.50 -10.49
CA ALA C 290 -0.72 24.03 -10.38
C ALA C 290 -0.64 22.67 -9.72
N VAL C 291 -1.57 22.35 -8.81
CA VAL C 291 -1.51 21.05 -8.14
C VAL C 291 -1.95 19.94 -9.08
N THR C 292 -2.83 20.24 -10.06
CA THR C 292 -3.22 19.26 -11.05
C THR C 292 -2.17 19.09 -12.14
N PHE C 293 -1.35 20.12 -12.38
CA PHE C 293 -0.23 19.99 -13.30
C PHE C 293 0.92 19.21 -12.66
N GLY C 294 0.99 19.20 -11.34
CA GLY C 294 2.08 18.52 -10.65
C GLY C 294 1.93 17.02 -10.56
N ASP C 295 0.71 16.50 -10.69
CA ASP C 295 0.49 15.05 -10.65
C ASP C 295 0.35 14.43 -12.02
N ARG C 296 0.07 15.22 -13.06
CA ARG C 296 -0.06 14.71 -14.41
C ARG C 296 1.26 14.67 -15.17
N VAL C 297 2.30 15.33 -14.65
CA VAL C 297 3.61 15.33 -15.29
C VAL C 297 4.62 14.67 -14.36
N LEU C 298 4.80 15.24 -13.17
CA LEU C 298 5.72 14.70 -12.18
C LEU C 298 4.95 13.83 -11.18
N TYR C 299 4.54 12.65 -11.67
CA TYR C 299 3.75 11.74 -10.84
C TYR C 299 4.48 11.25 -9.61
N PRO C 300 5.73 10.76 -9.67
CA PRO C 300 6.38 10.31 -8.43
C PRO C 300 6.63 11.43 -7.44
N ALA C 301 7.09 12.59 -7.90
CA ALA C 301 7.32 13.75 -7.05
C ALA C 301 6.26 14.79 -7.41
N SER C 302 5.10 14.67 -6.76
CA SER C 302 3.98 15.58 -7.02
C SER C 302 3.63 16.46 -5.83
N TRP C 303 4.27 16.29 -4.68
CA TRP C 303 4.01 17.10 -3.51
C TRP C 303 4.87 18.35 -3.44
N ILE C 304 5.84 18.50 -4.33
CA ILE C 304 6.73 19.66 -4.28
C ILE C 304 6.05 20.89 -4.88
N VAL C 305 5.09 20.69 -5.77
CA VAL C 305 4.40 21.81 -6.41
C VAL C 305 3.43 22.46 -5.42
N PRO C 306 2.51 21.72 -4.77
CA PRO C 306 1.61 22.39 -3.82
C PRO C 306 2.29 22.88 -2.56
N LEU C 307 3.52 22.44 -2.29
CA LEU C 307 4.24 22.88 -1.10
C LEU C 307 5.02 24.16 -1.35
N PHE C 308 5.71 24.26 -2.49
CA PHE C 308 6.50 25.45 -2.77
C PHE C 308 5.63 26.67 -3.05
N VAL C 309 4.56 26.49 -3.85
CA VAL C 309 3.69 27.60 -4.16
C VAL C 309 2.88 28.04 -2.94
N ALA C 310 2.76 27.20 -1.92
CA ALA C 310 2.09 27.61 -0.69
C ALA C 310 3.09 28.19 0.32
N PHE C 311 4.32 27.67 0.32
CA PHE C 311 5.36 28.21 1.19
C PHE C 311 5.81 29.59 0.74
N SER C 312 5.69 29.90 -0.56
CA SER C 312 6.05 31.21 -1.07
C SER C 312 4.88 32.20 -1.06
N THR C 313 3.65 31.69 -1.09
CA THR C 313 2.48 32.57 -1.07
C THR C 313 2.30 33.21 0.31
N ILE C 314 2.53 32.43 1.37
CA ILE C 314 2.38 32.95 2.72
C ILE C 314 3.43 34.00 3.04
N GLY C 315 4.55 34.02 2.31
CA GLY C 315 5.58 35.02 2.51
C GLY C 315 5.27 36.34 1.84
N ALA C 316 4.56 36.29 0.71
CA ALA C 316 4.21 37.49 0.00
C ALA C 316 3.12 38.30 0.69
N ALA C 317 2.34 37.67 1.58
CA ALA C 317 1.27 38.35 2.29
C ALA C 317 1.82 39.21 3.42
N PRO C 351 3.88 49.84 13.07
CA PRO C 351 2.51 50.36 12.96
C PRO C 351 1.47 49.39 13.52
N ALA C 352 1.24 49.46 14.83
CA ALA C 352 0.27 48.55 15.45
C ALA C 352 -1.17 48.88 15.09
N PRO C 353 -1.64 50.14 15.16
CA PRO C 353 -3.03 50.40 14.80
C PRO C 353 -3.31 50.19 13.32
N ALA C 354 -2.30 50.29 12.45
CA ALA C 354 -2.53 50.12 11.02
C ALA C 354 -2.68 48.64 10.66
N ILE C 355 -1.90 47.76 11.29
CA ILE C 355 -1.99 46.34 10.99
C ILE C 355 -3.27 45.75 11.55
N ILE C 356 -3.65 46.16 12.77
CA ILE C 356 -4.87 45.65 13.38
C ILE C 356 -6.09 46.09 12.57
N PHE C 357 -6.11 47.34 12.12
CA PHE C 357 -7.23 47.82 11.30
C PHE C 357 -7.25 47.15 9.94
N TYR C 358 -6.09 46.75 9.43
CA TYR C 358 -6.03 46.05 8.15
C TYR C 358 -6.35 44.57 8.27
N GLY C 359 -6.38 44.02 9.48
CA GLY C 359 -6.68 42.63 9.68
C GLY C 359 -8.08 42.39 10.21
N ILE C 360 -8.71 43.44 10.73
CA ILE C 360 -10.07 43.31 11.26
C ILE C 360 -11.09 43.44 10.15
N ILE C 361 -10.98 44.50 9.33
CA ILE C 361 -11.92 44.70 8.23
C ILE C 361 -11.65 43.80 7.04
N ALA C 362 -10.50 43.12 7.00
CA ALA C 362 -10.23 42.17 5.94
C ALA C 362 -10.88 40.82 6.19
N THR C 363 -11.19 40.50 7.45
CA THR C 363 -11.87 39.25 7.75
C THR C 363 -13.34 39.30 7.32
N ILE C 364 -13.97 40.48 7.40
CA ILE C 364 -15.35 40.62 6.95
C ILE C 364 -15.47 40.73 5.44
N TYR C 365 -14.35 40.70 4.72
CA TYR C 365 -14.38 40.74 3.26
C TYR C 365 -14.41 39.35 2.64
N ILE C 366 -14.02 38.31 3.38
CA ILE C 366 -14.02 36.95 2.86
C ILE C 366 -15.30 36.19 3.21
N ILE C 367 -16.13 36.72 4.10
CA ILE C 367 -17.37 36.04 4.49
C ILE C 367 -18.41 36.15 3.37
N PRO C 368 -18.73 37.34 2.85
CA PRO C 368 -19.73 37.41 1.77
C PRO C 368 -19.16 37.42 0.37
N GLY C 369 -17.85 37.27 0.21
CA GLY C 369 -17.23 37.30 -1.11
C GLY C 369 -16.22 36.19 -1.27
N ASP C 370 -16.21 35.60 -2.46
CA ASP C 370 -15.28 34.53 -2.79
C ASP C 370 -14.00 35.13 -3.37
N ILE C 371 -13.11 34.27 -3.86
CA ILE C 371 -11.86 34.75 -4.43
C ILE C 371 -12.08 35.40 -5.79
N ASN C 372 -13.21 35.13 -6.44
CA ASN C 372 -13.52 35.75 -7.73
C ASN C 372 -14.30 37.04 -7.57
N SER C 373 -15.10 37.18 -6.51
CA SER C 373 -15.87 38.39 -6.27
C SER C 373 -15.05 39.50 -5.65
N LEU C 374 -13.79 39.25 -5.31
CA LEU C 374 -12.93 40.28 -4.73
C LEU C 374 -11.92 40.84 -5.71
N VAL C 375 -11.54 40.08 -6.74
CA VAL C 375 -10.61 40.59 -7.74
C VAL C 375 -11.26 41.70 -8.56
N ASN C 376 -12.48 41.49 -9.01
CA ASN C 376 -13.23 42.53 -9.71
C ASN C 376 -13.72 43.63 -8.78
N TYR C 377 -13.63 43.43 -7.46
CA TYR C 377 -13.96 44.45 -6.49
C TYR C 377 -12.77 45.35 -6.15
N PHE C 378 -11.55 44.80 -6.17
CA PHE C 378 -10.37 45.60 -5.90
C PHE C 378 -9.88 46.29 -7.17
N SER C 379 -9.89 45.59 -8.31
CA SER C 379 -9.43 46.18 -9.56
C SER C 379 -10.36 47.26 -10.06
N PHE C 380 -11.61 47.31 -9.60
CA PHE C 380 -12.53 48.37 -10.00
C PHE C 380 -12.10 49.70 -9.39
N ALA C 381 -11.91 49.73 -8.07
CA ALA C 381 -11.51 50.97 -7.40
C ALA C 381 -10.06 51.32 -7.70
N ALA C 382 -9.20 50.32 -7.88
CA ALA C 382 -7.80 50.57 -8.14
C ALA C 382 -7.62 51.26 -9.50
N TRP C 383 -8.22 50.69 -10.54
CA TRP C 383 -8.08 51.27 -11.88
C TRP C 383 -8.88 52.55 -12.03
N LEU C 384 -9.87 52.76 -11.17
CA LEU C 384 -10.61 54.03 -11.19
C LEU C 384 -9.70 55.18 -10.78
N PHE C 385 -8.87 54.96 -9.76
CA PHE C 385 -7.93 56.01 -9.35
C PHE C 385 -6.69 56.02 -10.23
N TYR C 386 -6.37 54.91 -10.89
CA TYR C 386 -5.28 54.89 -11.85
C TYR C 386 -5.59 55.78 -13.03
N GLY C 387 -6.83 55.74 -13.52
CA GLY C 387 -7.22 56.62 -14.61
C GLY C 387 -7.21 58.08 -14.21
N LEU C 388 -7.61 58.37 -12.96
CA LEU C 388 -7.56 59.75 -12.48
C LEU C 388 -6.12 60.23 -12.34
N THR C 389 -5.19 59.32 -12.06
CA THR C 389 -3.79 59.69 -11.97
C THR C 389 -3.24 60.03 -13.35
N ILE C 390 -3.60 59.25 -14.38
CA ILE C 390 -3.16 59.56 -15.74
C ILE C 390 -3.83 60.82 -16.23
N LEU C 391 -5.10 61.01 -15.90
CA LEU C 391 -5.82 62.23 -16.31
C LEU C 391 -5.21 63.45 -15.62
N GLY C 392 -4.73 63.31 -14.39
CA GLY C 392 -4.11 64.43 -13.72
C GLY C 392 -2.79 64.83 -14.35
N LEU C 393 -2.08 63.87 -14.95
CA LEU C 393 -0.82 64.19 -15.62
C LEU C 393 -1.07 64.98 -16.91
N ILE C 394 -2.10 64.63 -17.66
CA ILE C 394 -2.42 65.34 -18.89
C ILE C 394 -2.82 66.78 -18.59
N VAL C 395 -3.66 66.97 -17.59
CA VAL C 395 -4.11 68.30 -17.20
C VAL C 395 -3.07 68.96 -16.30
N ILE C 413 2.00 56.89 -25.31
CA ILE C 413 1.62 56.16 -24.10
C ILE C 413 0.37 56.76 -23.43
N PRO C 414 0.33 58.08 -23.16
CA PRO C 414 -0.87 58.64 -22.52
C PRO C 414 -2.10 58.56 -23.39
N VAL C 415 -1.94 58.60 -24.72
CA VAL C 415 -3.09 58.49 -25.62
C VAL C 415 -3.69 57.10 -25.54
N LEU C 416 -2.89 56.08 -25.24
CA LEU C 416 -3.38 54.72 -25.11
C LEU C 416 -3.80 54.39 -23.69
N MET C 417 -3.09 54.94 -22.69
CA MET C 417 -3.44 54.70 -21.31
C MET C 417 -4.80 55.28 -20.96
N THR C 418 -5.19 56.37 -21.61
CA THR C 418 -6.47 57.00 -21.32
C THR C 418 -7.62 56.28 -22.03
N LEU C 419 -7.41 55.90 -23.29
CA LEU C 419 -8.48 55.23 -24.04
C LEU C 419 -8.76 53.83 -23.51
N ILE C 420 -7.77 53.20 -22.89
CA ILE C 420 -7.96 51.86 -22.34
C ILE C 420 -8.49 51.91 -20.91
N SER C 421 -8.28 53.03 -20.20
CA SER C 421 -8.79 53.13 -18.84
C SER C 421 -10.27 53.49 -18.82
N VAL C 422 -10.73 54.29 -19.77
CA VAL C 422 -12.15 54.64 -19.83
C VAL C 422 -12.98 53.43 -20.25
N PHE C 423 -12.39 52.55 -21.08
CA PHE C 423 -13.08 51.33 -21.47
C PHE C 423 -13.22 50.37 -20.30
N LEU C 424 -12.20 50.29 -19.45
CA LEU C 424 -12.24 49.40 -18.30
C LEU C 424 -13.27 49.83 -17.26
N VAL C 425 -13.76 51.06 -17.32
CA VAL C 425 -14.75 51.54 -16.37
C VAL C 425 -16.16 51.55 -16.95
N LEU C 426 -16.32 51.91 -18.23
CA LEU C 426 -17.64 51.97 -18.84
C LEU C 426 -18.15 50.62 -19.31
N ALA C 427 -17.28 49.62 -19.45
CA ALA C 427 -17.75 48.31 -19.89
C ALA C 427 -18.59 47.60 -18.83
N PRO C 428 -18.17 47.52 -17.56
CA PRO C 428 -19.06 46.92 -16.56
C PRO C 428 -20.31 47.72 -16.28
N ILE C 429 -20.31 49.01 -16.59
CA ILE C 429 -21.49 49.85 -16.36
C ILE C 429 -22.23 50.07 -17.67
N TYR C 437 -20.33 45.70 -8.04
CA TYR C 437 -20.06 47.11 -8.27
C TYR C 437 -21.04 47.99 -7.49
N LEU C 438 -22.27 47.49 -7.31
CA LEU C 438 -23.27 48.26 -6.58
C LEU C 438 -22.93 48.37 -5.10
N TYR C 439 -22.24 47.38 -4.55
CA TYR C 439 -21.82 47.40 -3.16
C TYR C 439 -20.48 48.11 -2.97
N CYS C 440 -19.99 48.81 -4.00
CA CYS C 440 -18.73 49.53 -3.93
C CYS C 440 -18.87 51.03 -3.98
N VAL C 441 -19.87 51.55 -4.70
CA VAL C 441 -20.05 52.99 -4.80
C VAL C 441 -20.62 53.61 -3.52
N LEU C 442 -21.13 52.79 -2.60
CA LEU C 442 -21.66 53.27 -1.33
C LEU C 442 -20.62 53.20 -0.22
N PHE C 443 -19.37 52.91 -0.57
CA PHE C 443 -18.30 52.80 0.41
C PHE C 443 -17.22 53.84 0.15
N ILE C 444 -16.95 54.12 -1.12
CA ILE C 444 -15.90 55.06 -1.51
C ILE C 444 -16.47 56.41 -1.91
N LEU C 445 -17.74 56.45 -2.31
CA LEU C 445 -18.40 57.68 -2.73
C LEU C 445 -19.49 58.12 -1.76
N SER C 446 -19.76 57.32 -0.73
CA SER C 446 -20.81 57.67 0.23
C SER C 446 -20.29 57.58 1.66
N GLY C 447 -19.28 56.73 1.89
CA GLY C 447 -18.80 56.53 3.24
C GLY C 447 -18.13 57.76 3.83
N LEU C 448 -17.21 58.37 3.08
CA LEU C 448 -16.45 59.50 3.61
C LEU C 448 -17.13 60.83 3.33
N LEU C 449 -17.98 60.92 2.30
CA LEU C 449 -18.64 62.18 1.99
C LEU C 449 -19.62 62.57 3.08
N PHE C 450 -20.09 61.60 3.86
CA PHE C 450 -20.89 61.92 5.04
C PHE C 450 -20.00 62.30 6.22
N TYR C 451 -18.74 61.86 6.20
CA TYR C 451 -17.79 62.18 7.27
C TYR C 451 -17.13 63.54 7.02
N PHE C 452 -16.80 63.82 5.76
CA PHE C 452 -16.14 65.07 5.40
C PHE C 452 -17.10 66.26 5.56
N GLY D 31 13.37 33.90 39.46
CA GLY D 31 14.51 33.91 40.35
C GLY D 31 15.16 32.55 40.53
N LEU D 32 14.68 31.80 41.53
CA LEU D 32 15.24 30.47 41.77
C LEU D 32 14.81 29.49 40.69
N ILE D 33 13.53 29.53 40.28
CA ILE D 33 13.06 28.61 39.25
C ILE D 33 13.74 28.91 37.92
N SER D 34 14.05 30.18 37.65
CA SER D 34 14.77 30.52 36.42
C SER D 34 16.17 29.92 36.43
N GLY D 35 16.88 30.02 37.56
CA GLY D 35 18.19 29.41 37.66
C GLY D 35 18.13 27.90 37.54
N ILE D 36 17.11 27.29 38.13
CA ILE D 36 16.94 25.84 38.03
C ILE D 36 16.71 25.44 36.57
N SER D 37 15.88 26.19 35.85
CA SER D 37 15.63 25.89 34.45
C SER D 37 16.88 26.07 33.61
N ILE D 38 17.67 27.11 33.90
CA ILE D 38 18.92 27.32 33.16
C ILE D 38 19.90 26.19 33.42
N ILE D 39 19.97 25.74 34.68
CA ILE D 39 20.87 24.63 35.02
C ILE D 39 20.43 23.34 34.32
N VAL D 40 19.12 23.08 34.31
CA VAL D 40 18.61 21.87 33.67
C VAL D 40 18.84 21.94 32.16
N GLY D 41 18.75 23.14 31.57
CA GLY D 41 18.91 23.25 30.13
C GLY D 41 20.31 22.95 29.66
N THR D 42 21.33 23.36 30.42
CA THR D 42 22.71 23.15 30.03
C THR D 42 23.26 21.80 30.49
N ILE D 43 22.43 20.95 31.12
CA ILE D 43 22.84 19.64 31.57
C ILE D 43 22.27 18.53 30.68
N ILE D 44 20.98 18.61 30.37
CA ILE D 44 20.33 17.61 29.51
C ILE D 44 20.79 17.88 28.08
N GLY D 45 21.76 17.10 27.61
CA GLY D 45 22.29 17.22 26.27
C GLY D 45 22.00 16.01 25.42
N SER D 46 22.75 15.90 24.33
CA SER D 46 22.61 14.76 23.40
C SER D 46 23.47 13.58 23.85
N GLY D 47 23.30 13.16 25.09
CA GLY D 47 24.05 12.07 25.64
C GLY D 47 23.21 11.09 26.43
N ILE D 48 21.90 11.37 26.53
CA ILE D 48 21.01 10.48 27.27
C ILE D 48 20.51 9.34 26.40
N PHE D 49 20.48 9.51 25.07
CA PHE D 49 20.06 8.45 24.16
C PHE D 49 21.23 7.83 23.41
N VAL D 50 22.46 8.03 23.89
CA VAL D 50 23.64 7.45 23.29
C VAL D 50 24.39 6.65 24.34
N SER D 51 24.19 7.01 25.61
CA SER D 51 24.89 6.40 26.74
C SER D 51 24.39 4.99 27.09
N PRO D 52 23.08 4.74 27.16
CA PRO D 52 22.63 3.41 27.64
C PRO D 52 23.22 2.23 26.86
N LYS D 53 23.38 2.36 25.54
CA LYS D 53 23.92 1.26 24.76
C LYS D 53 25.33 0.88 25.21
N SER D 54 26.14 1.87 25.60
CA SER D 54 27.49 1.61 26.05
C SER D 54 27.57 1.32 27.54
N VAL D 55 26.60 1.78 28.33
CA VAL D 55 26.62 1.52 29.76
C VAL D 55 26.00 0.17 30.12
N LEU D 56 25.20 -0.41 29.22
CA LEU D 56 24.67 -1.75 29.46
C LEU D 56 25.60 -2.84 28.95
N SER D 57 26.46 -2.53 27.97
CA SER D 57 27.42 -3.50 27.48
C SER D 57 28.53 -3.79 28.48
N ASN D 58 28.65 -3.01 29.54
CA ASN D 58 29.65 -3.23 30.59
C ASN D 58 29.05 -3.82 31.85
N THR D 59 27.86 -3.38 32.25
CA THR D 59 27.20 -3.93 33.43
C THR D 59 26.45 -5.22 33.11
N GLU D 60 25.94 -5.35 31.88
CA GLU D 60 25.25 -6.56 31.42
C GLU D 60 24.03 -6.87 32.29
N ALA D 61 23.34 -5.85 32.76
CA ALA D 61 22.17 -6.04 33.60
C ALA D 61 21.33 -4.76 33.58
N VAL D 62 20.21 -4.82 34.28
CA VAL D 62 19.28 -3.69 34.36
C VAL D 62 19.40 -2.97 35.70
N GLY D 63 19.39 -3.72 36.80
CA GLY D 63 19.53 -3.15 38.13
C GLY D 63 20.84 -2.42 38.32
N PRO D 64 21.96 -3.11 38.14
CA PRO D 64 23.26 -2.43 38.20
C PRO D 64 23.37 -1.25 37.24
N CYS D 65 22.69 -1.29 36.09
CA CYS D 65 22.71 -0.16 35.17
C CYS D 65 22.08 1.07 35.81
N LEU D 66 20.89 0.92 36.39
CA LEU D 66 20.24 2.03 37.08
C LEU D 66 21.04 2.48 38.30
N ILE D 67 21.69 1.55 38.99
CA ILE D 67 22.52 1.93 40.14
C ILE D 67 23.71 2.77 39.69
N ILE D 68 24.34 2.38 38.58
CA ILE D 68 25.46 3.16 38.04
C ILE D 68 24.99 4.52 37.58
N TRP D 69 23.79 4.58 36.99
CA TRP D 69 23.25 5.87 36.56
C TRP D 69 23.00 6.79 37.74
N ALA D 70 22.40 6.25 38.82
CA ALA D 70 22.17 7.06 40.01
C ALA D 70 23.48 7.50 40.66
N ALA D 71 24.49 6.63 40.64
CA ALA D 71 25.79 7.00 41.18
C ALA D 71 26.42 8.12 40.35
N CYS D 72 26.33 8.03 39.03
CA CYS D 72 26.84 9.09 38.18
C CYS D 72 26.10 10.40 38.43
N GLY D 73 24.78 10.31 38.63
CA GLY D 73 24.00 11.52 38.91
C GLY D 73 24.41 12.18 40.21
N VAL D 74 24.54 11.39 41.28
CA VAL D 74 24.93 11.97 42.56
C VAL D 74 26.37 12.47 42.52
N LEU D 75 27.23 11.82 41.72
CA LEU D 75 28.60 12.30 41.58
C LEU D 75 28.64 13.64 40.87
N ALA D 76 27.86 13.78 39.78
CA ALA D 76 27.77 15.07 39.10
C ALA D 76 27.18 16.13 40.01
N THR D 77 26.20 15.75 40.84
CA THR D 77 25.61 16.69 41.79
C THR D 77 26.66 17.20 42.77
N LEU D 78 27.43 16.28 43.36
CA LEU D 78 28.47 16.67 44.31
C LEU D 78 29.54 17.52 43.64
N GLY D 79 29.92 17.16 42.40
CA GLY D 79 30.91 17.96 41.69
C GLY D 79 30.44 19.36 41.40
N ALA D 80 29.18 19.52 40.97
CA ALA D 80 28.64 20.84 40.73
C ALA D 80 28.51 21.64 42.01
N LEU D 81 28.12 20.98 43.11
CA LEU D 81 28.03 21.67 44.39
C LEU D 81 29.39 22.13 44.87
N CYS D 82 30.45 21.36 44.61
CA CYS D 82 31.79 21.78 44.99
C CYS D 82 32.29 22.91 44.10
N PHE D 83 31.99 22.84 42.80
CA PHE D 83 32.38 23.91 41.88
C PHE D 83 31.65 25.21 42.20
N ALA D 84 30.43 25.12 42.74
CA ALA D 84 29.69 26.31 43.12
C ALA D 84 30.34 27.04 44.29
N GLU D 85 31.15 26.35 45.09
CA GLU D 85 31.88 26.97 46.19
C GLU D 85 33.34 27.24 45.84
N LEU D 86 33.86 26.60 44.79
CA LEU D 86 35.24 26.82 44.35
C LEU D 86 35.34 27.89 43.27
N GLY D 87 34.27 28.13 42.51
CA GLY D 87 34.32 29.09 41.42
C GLY D 87 33.95 30.50 41.84
N THR D 88 33.24 30.64 42.95
CA THR D 88 32.83 31.94 43.47
C THR D 88 33.76 32.44 44.58
N MET D 89 35.00 31.95 44.61
CA MET D 89 35.96 32.39 45.61
C MET D 89 37.33 32.69 45.01
N ILE D 90 37.54 32.41 43.73
CA ILE D 90 38.82 32.65 43.08
C ILE D 90 38.58 33.47 41.81
N THR D 91 37.34 33.90 41.61
CA THR D 91 36.98 34.68 40.43
C THR D 91 37.59 36.07 40.48
N TYR D 99 41.26 26.85 34.34
CA TYR D 99 42.45 27.68 34.40
C TYR D 99 42.37 28.67 35.55
N LEU D 100 41.19 29.26 35.75
CA LEU D 100 41.01 30.21 36.84
C LEU D 100 41.03 29.54 38.21
N MET D 101 40.75 28.24 38.27
CA MET D 101 40.74 27.53 39.54
C MET D 101 42.11 27.01 39.96
N GLU D 102 43.06 26.96 39.03
CA GLU D 102 44.40 26.49 39.34
C GLU D 102 45.45 27.17 38.46
N PRO D 106 49.67 28.16 36.12
CA PRO D 106 51.01 27.61 35.85
C PRO D 106 50.97 26.43 34.88
N ILE D 107 51.76 25.40 35.18
CA ILE D 107 51.83 24.23 34.30
C ILE D 107 50.49 23.53 34.17
N PRO D 108 49.76 23.37 35.28
CA PRO D 108 48.45 22.71 35.19
C PRO D 108 47.51 23.51 34.30
N ALA D 109 47.53 24.83 34.45
CA ALA D 109 46.67 25.68 33.65
C ALA D 109 47.03 25.55 32.17
N TYR D 110 48.32 25.51 31.88
CA TYR D 110 48.75 25.37 30.50
C TYR D 110 48.29 24.04 29.93
N LEU D 111 48.38 22.98 30.73
CA LEU D 111 47.95 21.67 30.27
C LEU D 111 46.46 21.68 29.98
N PHE D 112 45.68 22.33 30.86
CA PHE D 112 44.25 22.40 30.64
C PHE D 112 43.94 23.16 29.35
N SER D 113 44.67 24.24 29.10
CA SER D 113 44.47 25.03 27.88
C SER D 113 44.80 24.19 26.65
N TRP D 114 45.86 23.40 26.74
CA TRP D 114 46.31 22.55 25.65
C TRP D 114 45.38 21.38 25.40
N ALA D 115 44.83 20.81 26.48
CA ALA D 115 43.93 19.68 26.35
C ALA D 115 42.55 20.10 25.84
N SER D 116 42.08 21.28 26.26
CA SER D 116 40.77 21.77 25.83
C SER D 116 40.75 22.20 24.37
N LEU D 117 41.89 22.15 23.67
CA LEU D 117 41.95 22.54 22.27
C LEU D 117 42.00 21.38 21.31
N ILE D 118 42.26 20.15 21.81
CA ILE D 118 42.44 18.98 20.96
C ILE D 118 41.50 17.85 21.36
N VAL D 119 41.51 17.47 22.64
CA VAL D 119 40.86 16.24 23.09
C VAL D 119 39.58 16.51 23.88
N ILE D 120 39.25 17.76 24.16
CA ILE D 120 38.07 18.11 24.95
C ILE D 120 36.98 18.74 24.08
N LYS D 121 37.29 19.87 23.45
CA LYS D 121 36.31 20.56 22.62
C LYS D 121 36.14 19.88 21.27
N PRO D 122 37.21 19.55 20.53
CA PRO D 122 36.99 18.88 19.23
C PRO D 122 36.44 17.48 19.35
N THR D 123 36.82 16.74 20.41
CA THR D 123 36.32 15.38 20.57
C THR D 123 34.83 15.39 20.90
N SER D 124 34.42 16.23 21.84
CA SER D 124 33.00 16.35 22.15
C SER D 124 32.21 16.91 20.98
N PHE D 125 32.86 17.71 20.12
CA PHE D 125 32.21 18.22 18.93
C PHE D 125 31.97 17.12 17.90
N ALA D 126 32.83 16.08 17.90
CA ALA D 126 32.65 14.98 16.98
C ALA D 126 31.65 13.94 17.50
N ILE D 127 31.54 13.79 18.82
CA ILE D 127 30.60 12.83 19.37
C ILE D 127 29.17 13.29 19.12
N ILE D 128 28.92 14.59 19.22
CA ILE D 128 27.58 15.12 18.95
C ILE D 128 27.22 14.92 17.49
N CYS D 129 28.19 15.09 16.58
CA CYS D 129 27.92 14.89 15.17
C CYS D 129 27.78 13.40 14.83
N LEU D 130 28.53 12.54 15.51
CA LEU D 130 28.36 11.10 15.31
C LEU D 130 27.01 10.63 15.82
N SER D 131 26.53 11.22 16.92
CA SER D 131 25.20 10.88 17.42
C SER D 131 24.10 11.37 16.50
N PHE D 132 24.32 12.50 15.83
CA PHE D 132 23.33 12.98 14.86
C PHE D 132 23.33 12.13 13.60
N SER D 133 24.50 11.62 13.21
CA SER D 133 24.57 10.80 12.00
C SER D 133 23.92 9.44 12.21
N GLU D 134 24.13 8.83 13.39
CA GLU D 134 23.56 7.52 13.66
C GLU D 134 22.07 7.57 13.94
N TYR D 135 21.47 8.76 14.00
CA TYR D 135 20.05 8.90 14.26
C TYR D 135 19.25 9.42 13.07
N VAL D 136 19.90 10.09 12.12
CA VAL D 136 19.20 10.59 10.94
C VAL D 136 19.13 9.55 9.82
N CYS D 137 20.00 8.54 9.85
CA CYS D 137 20.00 7.48 8.84
C CYS D 137 19.63 6.13 9.43
N ALA D 138 19.09 6.11 10.65
CA ALA D 138 18.68 4.88 11.31
C ALA D 138 17.35 4.35 10.77
N PRO D 139 16.32 5.17 10.59
CA PRO D 139 15.06 4.64 10.05
C PRO D 139 15.19 4.10 8.63
N PHE D 140 16.20 4.53 7.87
CA PHE D 140 16.37 4.02 6.52
C PHE D 140 16.77 2.55 6.52
N TYR D 141 17.59 2.14 7.49
CA TYR D 141 18.01 0.75 7.64
C TYR D 141 17.22 0.16 8.80
N VAL D 142 16.03 -0.36 8.51
CA VAL D 142 15.20 -0.93 9.57
C VAL D 142 15.71 -2.28 10.11
N GLY D 143 15.77 -3.28 9.24
CA GLY D 143 16.21 -4.61 9.62
C GLY D 143 17.65 -4.79 10.08
N CYS D 144 18.56 -4.05 9.45
CA CYS D 144 19.98 -4.16 9.73
C CYS D 144 20.62 -2.83 10.08
N LYS D 145 21.79 -2.85 10.69
CA LYS D 145 22.51 -1.62 11.03
C LYS D 145 23.08 -0.96 9.77
N PRO D 146 23.22 0.38 9.80
CA PRO D 146 23.74 1.20 8.70
C PRO D 146 25.23 0.93 8.43
N PRO D 147 25.71 1.22 7.21
CA PRO D 147 27.13 0.95 6.97
C PRO D 147 28.01 1.98 7.66
N GLN D 148 29.24 1.57 7.97
CA GLN D 148 30.18 2.46 8.63
C GLN D 148 30.62 3.58 7.69
N ILE D 149 30.64 3.33 6.38
CA ILE D 149 31.04 4.36 5.43
C ILE D 149 29.98 5.45 5.36
N VAL D 150 28.69 5.06 5.40
CA VAL D 150 27.62 6.03 5.24
C VAL D 150 27.54 6.96 6.45
N VAL D 151 27.74 6.41 7.65
CA VAL D 151 27.59 7.23 8.85
C VAL D 151 28.78 8.17 9.03
N LYS D 152 29.95 7.82 8.48
CA LYS D 152 31.12 8.68 8.65
C LYS D 152 31.07 9.87 7.70
N CYS D 153 30.75 9.64 6.43
CA CYS D 153 30.64 10.74 5.49
C CYS D 153 29.48 11.66 5.83
N LEU D 154 28.40 11.10 6.38
CA LEU D 154 27.27 11.92 6.80
C LEU D 154 27.63 12.74 8.05
N ALA D 155 28.45 12.16 8.93
CA ALA D 155 28.90 12.92 10.10
C ALA D 155 29.92 13.98 9.70
N ALA D 156 30.81 13.65 8.75
CA ALA D 156 31.78 14.64 8.27
C ALA D 156 31.08 15.77 7.53
N ALA D 157 30.01 15.46 6.79
CA ALA D 157 29.25 16.52 6.12
C ALA D 157 28.54 17.39 7.13
N ALA D 158 28.09 16.81 8.24
CA ALA D 158 27.47 17.61 9.30
C ALA D 158 28.48 18.50 9.99
N ILE D 159 29.73 18.04 10.10
CA ILE D 159 30.78 18.85 10.72
C ILE D 159 31.09 20.06 9.84
N LEU D 160 31.28 19.83 8.54
CA LEU D 160 31.64 20.92 7.64
C LEU D 160 30.50 21.92 7.48
N PHE D 161 29.26 21.46 7.66
CA PHE D 161 28.11 22.35 7.48
C PHE D 161 28.01 23.35 8.62
N ILE D 162 28.02 22.86 9.87
CA ILE D 162 27.86 23.76 11.00
C ILE D 162 29.13 24.59 11.22
N SER D 163 30.29 24.06 10.82
CA SER D 163 31.51 24.86 10.91
C SER D 163 31.48 26.02 9.93
N THR D 164 30.78 25.86 8.80
CA THR D 164 30.65 26.96 7.85
C THR D 164 29.55 27.93 8.28
N VAL D 165 28.46 27.42 8.85
CA VAL D 165 27.38 28.29 9.30
C VAL D 165 27.83 29.14 10.47
N ASN D 166 28.54 28.54 11.44
CA ASN D 166 29.02 29.28 12.59
C ASN D 166 30.10 30.29 12.22
N SER D 167 30.78 30.10 11.09
CA SER D 167 31.82 31.02 10.63
C SER D 167 31.26 32.17 9.81
N LEU D 168 29.95 32.31 9.74
CA LEU D 168 29.33 33.40 8.98
C LEU D 168 28.38 34.20 9.86
N ASN D 178 17.14 28.54 20.96
CA ASN D 178 16.18 28.14 21.98
C ASN D 178 15.23 27.08 21.43
N ILE D 179 15.10 27.04 20.09
CA ILE D 179 14.22 26.06 19.47
C ILE D 179 14.81 24.66 19.60
N PHE D 180 16.12 24.54 19.61
CA PHE D 180 16.75 23.23 19.79
C PHE D 180 16.51 22.70 21.20
N THR D 181 16.51 23.58 22.20
CA THR D 181 16.30 23.15 23.58
C THR D 181 14.85 22.77 23.82
N ALA D 182 13.91 23.51 23.22
CA ALA D 182 12.49 23.20 23.41
C ALA D 182 12.14 21.85 22.81
N ALA D 183 12.62 21.56 21.60
CA ALA D 183 12.33 20.27 20.98
C ALA D 183 13.07 19.13 21.65
N LYS D 184 14.17 19.43 22.35
CA LYS D 184 14.93 18.39 23.03
C LYS D 184 14.21 17.92 24.28
N LEU D 185 13.59 18.85 25.02
CA LEU D 185 12.86 18.48 26.22
C LEU D 185 11.55 17.77 25.91
N VAL D 186 11.03 17.90 24.69
CA VAL D 186 9.78 17.24 24.33
C VAL D 186 10.00 15.72 24.25
N ILE D 187 11.09 15.29 23.61
CA ILE D 187 11.38 13.87 23.50
C ILE D 187 11.62 13.26 24.88
N VAL D 188 12.34 13.97 25.74
CA VAL D 188 12.59 13.47 27.09
C VAL D 188 11.28 13.37 27.88
N ALA D 189 10.36 14.30 27.64
CA ALA D 189 9.07 14.27 28.32
C ALA D 189 8.16 13.20 27.72
N ILE D 190 8.19 13.03 26.40
CA ILE D 190 7.32 12.04 25.75
C ILE D 190 7.73 10.63 26.15
N ILE D 191 9.04 10.34 26.13
CA ILE D 191 9.51 9.00 26.45
C ILE D 191 9.21 8.65 27.91
N ILE D 192 9.34 9.63 28.80
CA ILE D 192 9.06 9.38 30.21
C ILE D 192 7.56 9.18 30.43
N ILE D 193 6.74 10.06 29.84
CA ILE D 193 5.29 9.95 30.00
C ILE D 193 4.77 8.67 29.36
N SER D 194 5.17 8.41 28.12
CA SER D 194 4.71 7.20 27.44
C SER D 194 5.29 5.95 28.09
N GLY D 195 6.41 6.07 28.80
CA GLY D 195 6.97 4.92 29.49
C GLY D 195 6.25 4.58 30.78
N LEU D 196 5.53 5.55 31.35
CA LEU D 196 4.82 5.31 32.60
C LEU D 196 3.40 4.79 32.37
N VAL D 197 2.82 5.06 31.20
CA VAL D 197 1.46 4.63 30.91
C VAL D 197 1.46 3.14 30.57
N LEU D 198 2.66 2.56 30.41
CA LEU D 198 2.80 1.13 30.15
C LEU D 198 3.71 0.46 31.19
N LEU D 199 3.85 1.07 32.37
CA LEU D 199 4.64 0.49 33.44
C LEU D 199 3.81 0.16 34.67
N ALA D 200 2.87 1.02 35.06
CA ALA D 200 2.02 0.79 36.21
C ALA D 200 0.73 0.04 35.85
N GLY D 219 37.90 -2.48 35.67
CA GLY D 219 37.90 -2.80 34.25
C GLY D 219 36.58 -2.48 33.56
N ALA D 220 35.60 -3.36 33.72
CA ALA D 220 34.29 -3.17 33.12
C ALA D 220 33.42 -2.18 33.90
N ILE D 221 33.79 -1.85 35.13
CA ILE D 221 33.01 -0.89 35.92
C ILE D 221 33.45 0.55 35.66
N SER D 222 34.62 0.77 35.07
CA SER D 222 35.07 2.13 34.77
C SER D 222 34.48 2.64 33.47
N LEU D 223 34.29 1.74 32.49
CA LEU D 223 33.69 2.15 31.21
C LEU D 223 32.23 2.55 31.39
N ALA D 224 31.54 1.96 32.37
CA ALA D 224 30.16 2.34 32.63
C ALA D 224 30.06 3.78 33.11
N PHE D 225 31.05 4.23 33.90
CA PHE D 225 31.06 5.61 34.36
C PHE D 225 31.39 6.57 33.22
N TYR D 226 32.28 6.15 32.32
CA TYR D 226 32.65 7.01 31.20
C TYR D 226 31.46 7.27 30.28
N ASN D 227 30.71 6.22 29.95
CA ASN D 227 29.54 6.39 29.10
C ASN D 227 28.38 7.03 29.83
N GLY D 228 28.26 6.80 31.14
CA GLY D 228 27.18 7.40 31.90
C GLY D 228 27.38 8.87 32.20
N LEU D 229 28.64 9.30 32.36
CA LEU D 229 28.92 10.70 32.63
C LEU D 229 28.92 11.57 31.38
N TRP D 230 28.92 10.97 30.19
CA TRP D 230 28.84 11.76 28.98
C TRP D 230 27.49 12.46 28.85
N ALA D 231 26.43 11.84 29.38
CA ALA D 231 25.13 12.50 29.39
C ALA D 231 25.13 13.73 30.27
N TYR D 232 25.92 13.72 31.35
CA TYR D 232 26.08 14.89 32.21
C TYR D 232 27.27 15.70 31.68
N ASP D 233 27.03 16.42 30.60
CA ASP D 233 28.05 17.22 29.93
C ASP D 233 27.66 18.69 30.07
N GLY D 234 28.36 19.40 30.94
CA GLY D 234 28.09 20.81 31.16
C GLY D 234 27.99 21.18 32.62
N TRP D 235 28.33 20.26 33.51
CA TRP D 235 28.30 20.52 34.94
C TRP D 235 29.51 21.31 35.43
N ASN D 236 30.56 21.42 34.62
CA ASN D 236 31.75 22.17 35.00
C ASN D 236 31.71 23.62 34.53
N GLN D 237 30.72 24.00 33.73
CA GLN D 237 30.59 25.35 33.20
C GLN D 237 29.24 25.96 33.60
N LEU D 238 28.80 25.69 34.83
CA LEU D 238 27.55 26.22 35.33
C LEU D 238 27.71 27.60 35.95
N ASN D 239 28.78 27.83 36.71
CA ASN D 239 29.01 29.11 37.35
C ASN D 239 29.38 30.21 36.35
N TYR D 240 29.74 29.85 35.11
CA TYR D 240 30.12 30.85 34.12
C TYR D 240 28.91 31.56 33.54
N ILE D 241 27.74 30.93 33.54
CA ILE D 241 26.54 31.50 32.94
C ILE D 241 25.44 31.64 33.99
N THR D 242 25.82 31.73 35.27
CA THR D 242 24.84 31.88 36.33
C THR D 242 25.24 32.94 37.35
N GLU D 243 26.27 33.74 37.08
CA GLU D 243 26.69 34.81 37.98
C GLU D 243 26.05 36.15 37.65
N GLU D 244 25.14 36.19 36.68
CA GLU D 244 24.47 37.42 36.29
C GLU D 244 22.96 37.35 36.51
N LEU D 245 22.51 36.41 37.34
CA LEU D 245 21.09 36.26 37.60
C LEU D 245 20.70 36.90 38.93
N ARG D 246 21.34 36.48 40.01
CA ARG D 246 21.06 37.01 41.33
C ARG D 246 22.26 36.75 42.22
N ASN D 247 22.10 36.96 43.52
CA ASN D 247 23.16 36.79 44.49
C ASN D 247 23.58 35.32 44.56
N PRO D 248 24.87 35.02 44.45
CA PRO D 248 25.31 33.61 44.51
C PRO D 248 25.47 33.11 45.94
N TYR D 249 24.92 33.85 46.90
CA TYR D 249 25.03 33.45 48.31
C TYR D 249 24.34 32.12 48.55
N ARG D 250 23.03 32.06 48.31
CA ARG D 250 22.27 30.82 48.50
C ARG D 250 21.35 30.55 47.33
N ASN D 251 21.77 30.90 46.11
CA ASN D 251 21.00 30.64 44.90
C ASN D 251 21.72 29.72 43.94
N LEU D 252 23.02 29.95 43.71
CA LEU D 252 23.76 29.04 42.83
C LEU D 252 23.96 27.66 43.44
N PRO D 253 24.40 27.52 44.71
CA PRO D 253 24.47 26.18 45.28
C PRO D 253 23.10 25.55 45.50
N LEU D 254 22.06 26.36 45.65
CA LEU D 254 20.71 25.82 45.83
C LEU D 254 20.12 25.31 44.53
N ALA D 255 20.42 25.96 43.41
CA ALA D 255 19.92 25.53 42.11
C ALA D 255 20.69 24.33 41.56
N ILE D 256 21.75 23.90 42.23
CA ILE D 256 22.53 22.74 41.80
C ILE D 256 22.19 21.50 42.63
N ILE D 257 22.00 21.68 43.94
CA ILE D 257 21.68 20.55 44.81
C ILE D 257 20.29 19.99 44.55
N ILE D 258 19.43 20.73 43.85
CA ILE D 258 18.12 20.23 43.45
C ILE D 258 17.88 20.34 41.96
N GLY D 259 18.87 20.80 41.19
CA GLY D 259 18.72 20.91 39.76
C GLY D 259 19.36 19.75 39.01
N ILE D 260 20.54 19.34 39.45
CA ILE D 260 21.24 18.21 38.85
C ILE D 260 20.60 16.89 39.30
N PRO D 261 20.25 16.70 40.58
CA PRO D 261 19.50 15.48 40.93
C PRO D 261 18.15 15.40 40.25
N LEU D 262 17.53 16.54 39.90
CA LEU D 262 16.29 16.50 39.13
C LEU D 262 16.53 15.90 37.75
N VAL D 263 17.67 16.24 37.13
CA VAL D 263 18.04 15.62 35.86
C VAL D 263 18.39 14.16 36.07
N THR D 264 19.00 13.83 37.20
CA THR D 264 19.33 12.43 37.50
C THR D 264 18.07 11.58 37.60
N ALA D 265 17.07 12.06 38.35
CA ALA D 265 15.80 11.35 38.39
C ALA D 265 15.11 11.36 37.03
N CYS D 266 15.34 12.42 36.24
CA CYS D 266 14.79 12.45 34.88
C CYS D 266 15.47 11.42 34.00
N TYR D 267 16.78 11.19 34.20
CA TYR D 267 17.48 10.19 33.40
C TYR D 267 17.08 8.78 33.82
N ILE D 268 16.85 8.56 35.11
CA ILE D 268 16.44 7.24 35.59
C ILE D 268 15.04 6.92 35.07
N LEU D 269 14.12 7.88 35.12
CA LEU D 269 12.78 7.66 34.61
C LEU D 269 12.78 7.47 33.10
N MET D 270 13.81 7.99 32.42
CA MET D 270 13.91 7.81 30.98
C MET D 270 14.55 6.48 30.61
N ASN D 271 15.43 5.96 31.47
CA ASN D 271 16.08 4.69 31.19
C ASN D 271 15.15 3.51 31.46
N VAL D 272 14.30 3.62 32.48
CA VAL D 272 13.34 2.54 32.75
C VAL D 272 12.26 2.48 31.68
N SER D 273 12.09 3.54 30.89
CA SER D 273 11.15 3.51 29.77
C SER D 273 11.64 2.65 28.62
N TYR D 274 12.95 2.37 28.56
CA TYR D 274 13.48 1.52 27.51
C TYR D 274 13.38 0.04 27.89
N PHE D 275 13.59 -0.27 29.17
CA PHE D 275 13.61 -1.66 29.63
C PHE D 275 12.23 -2.29 29.73
N THR D 276 11.16 -1.48 29.71
CA THR D 276 9.81 -2.02 29.76
C THR D 276 9.22 -2.25 28.37
N VAL D 277 9.86 -1.74 27.32
CA VAL D 277 9.41 -1.94 25.94
C VAL D 277 10.29 -2.98 25.24
N MET D 278 11.60 -2.78 25.25
CA MET D 278 12.55 -3.74 24.72
C MET D 278 13.32 -4.40 25.85
N THR D 279 13.68 -5.66 25.65
CA THR D 279 14.38 -6.42 26.67
C THR D 279 15.84 -5.98 26.76
N ALA D 280 16.57 -6.59 27.68
CA ALA D 280 17.96 -6.20 27.92
C ALA D 280 18.85 -6.56 26.74
N THR D 281 18.60 -7.72 26.11
CA THR D 281 19.46 -8.16 25.02
C THR D 281 19.25 -7.37 23.73
N GLU D 282 18.10 -6.70 23.59
CA GLU D 282 17.87 -5.89 22.40
C GLU D 282 18.60 -4.55 22.45
N LEU D 283 18.98 -4.10 23.64
CA LEU D 283 19.67 -2.82 23.76
C LEU D 283 21.11 -2.88 23.25
N LEU D 284 21.72 -4.07 23.25
CA LEU D 284 23.09 -4.18 22.76
C LEU D 284 23.15 -4.04 21.24
N GLN D 285 22.25 -4.71 20.52
CA GLN D 285 22.21 -4.65 19.06
C GLN D 285 21.28 -3.53 18.58
N SER D 286 21.53 -2.32 19.08
CA SER D 286 20.73 -1.15 18.70
C SER D 286 21.61 0.08 18.87
N GLN D 287 22.12 0.61 17.75
CA GLN D 287 22.96 1.80 17.81
C GLN D 287 22.17 3.01 18.29
N ALA D 288 21.00 3.23 17.72
CA ALA D 288 20.10 4.32 18.13
C ALA D 288 18.95 3.70 18.91
N VAL D 289 18.99 3.83 20.24
CA VAL D 289 17.97 3.20 21.07
C VAL D 289 16.68 3.99 21.05
N ALA D 290 16.71 5.26 20.63
CA ALA D 290 15.50 6.06 20.63
C ALA D 290 14.65 5.79 19.38
N VAL D 291 15.28 5.46 18.26
CA VAL D 291 14.50 5.21 17.04
C VAL D 291 13.78 3.88 17.13
N THR D 292 14.33 2.91 17.87
CA THR D 292 13.65 1.64 18.07
C THR D 292 12.56 1.73 19.12
N PHE D 293 12.67 2.67 20.05
CA PHE D 293 11.60 2.92 21.01
C PHE D 293 10.45 3.69 20.37
N GLY D 294 10.72 4.42 19.29
CA GLY D 294 9.69 5.21 18.64
C GLY D 294 8.76 4.42 17.74
N ASP D 295 9.18 3.24 17.29
CA ASP D 295 8.34 2.42 16.44
C ASP D 295 7.64 1.29 17.19
N ARG D 296 8.12 0.94 18.39
CA ARG D 296 7.51 -0.10 19.19
C ARG D 296 6.40 0.42 20.11
N VAL D 297 6.31 1.74 20.28
CA VAL D 297 5.27 2.33 21.12
C VAL D 297 4.37 3.21 20.26
N LEU D 298 4.96 4.22 19.63
CA LEU D 298 4.20 5.12 18.75
C LEU D 298 4.36 4.67 17.30
N TYR D 299 3.69 3.57 16.98
CA TYR D 299 3.79 2.99 15.65
C TYR D 299 3.26 3.92 14.55
N PRO D 300 2.07 4.52 14.65
CA PRO D 300 1.63 5.40 13.55
C PRO D 300 2.51 6.63 13.39
N ALA D 301 2.88 7.29 14.49
CA ALA D 301 3.76 8.46 14.46
C ALA D 301 5.11 8.03 15.03
N SER D 302 5.96 7.50 14.17
CA SER D 302 7.27 7.01 14.58
C SER D 302 8.44 7.80 13.99
N TRP D 303 8.16 8.77 13.12
CA TRP D 303 9.21 9.58 12.52
C TRP D 303 9.53 10.83 13.32
N ILE D 304 8.74 11.13 14.37
CA ILE D 304 8.99 12.34 15.15
C ILE D 304 10.14 12.15 16.12
N VAL D 305 10.43 10.91 16.51
CA VAL D 305 11.52 10.64 17.45
C VAL D 305 12.87 10.79 16.76
N PRO D 306 13.13 10.12 15.62
CA PRO D 306 14.44 10.30 14.97
C PRO D 306 14.63 11.67 14.36
N LEU D 307 13.57 12.46 14.20
CA LEU D 307 13.70 13.81 13.64
C LEU D 307 14.02 14.85 14.70
N PHE D 308 13.34 14.79 15.85
CA PHE D 308 13.57 15.78 16.89
C PHE D 308 14.93 15.61 17.56
N VAL D 309 15.32 14.36 17.85
CA VAL D 309 16.61 14.12 18.47
C VAL D 309 17.76 14.40 17.52
N ALA D 310 17.51 14.44 16.22
CA ALA D 310 18.55 14.81 15.26
C ALA D 310 18.54 16.31 14.99
N PHE D 311 17.36 16.92 15.00
CA PHE D 311 17.26 18.37 14.83
C PHE D 311 17.82 19.12 16.03
N SER D 312 17.79 18.52 17.22
CA SER D 312 18.34 19.14 18.42
C SER D 312 19.80 18.80 18.64
N THR D 313 20.26 17.67 18.11
CA THR D 313 21.67 17.29 18.26
C THR D 313 22.57 18.18 17.43
N ILE D 314 22.15 18.52 16.20
CA ILE D 314 22.96 19.37 15.34
C ILE D 314 23.07 20.79 15.89
N GLY D 315 22.15 21.20 16.77
CA GLY D 315 22.21 22.51 17.36
C GLY D 315 23.17 22.59 18.53
N ALA D 316 23.32 21.48 19.26
CA ALA D 316 24.23 21.45 20.40
C ALA D 316 25.70 21.43 19.98
N ALA D 317 25.99 21.04 18.74
CA ALA D 317 27.36 20.98 18.26
C ALA D 317 27.89 22.38 17.92
N PRO D 351 35.15 33.36 15.42
CA PRO D 351 36.42 32.64 15.46
C PRO D 351 36.62 31.72 14.25
N ALA D 352 37.15 32.29 13.16
CA ALA D 352 37.35 31.48 11.96
C ALA D 352 38.48 30.49 12.09
N PRO D 353 39.68 30.86 12.59
CA PRO D 353 40.74 29.85 12.70
C PRO D 353 40.44 28.77 13.73
N ALA D 354 39.60 29.06 14.73
CA ALA D 354 39.30 28.07 15.75
C ALA D 354 38.32 27.02 15.24
N ILE D 355 37.33 27.43 14.45
CA ILE D 355 36.35 26.48 13.92
C ILE D 355 36.98 25.60 12.85
N ILE D 356 37.81 26.18 11.99
CA ILE D 356 38.47 25.41 10.94
C ILE D 356 39.41 24.38 11.54
N PHE D 357 40.16 24.78 12.58
CA PHE D 357 41.07 23.84 13.23
C PHE D 357 40.31 22.77 14.00
N TYR D 358 39.10 23.08 14.48
CA TYR D 358 38.28 22.10 15.17
C TYR D 358 37.54 21.18 14.21
N GLY D 359 37.47 21.52 12.94
CA GLY D 359 36.78 20.70 11.96
C GLY D 359 37.72 19.89 11.08
N ILE D 360 38.99 20.28 11.05
CA ILE D 360 39.97 19.56 10.24
C ILE D 360 40.51 18.35 10.99
N ILE D 361 40.94 18.54 12.24
CA ILE D 361 41.48 17.43 13.02
C ILE D 361 40.40 16.54 13.58
N ALA D 362 39.13 16.96 13.53
CA ALA D 362 38.04 16.09 13.96
C ALA D 362 37.65 15.08 12.89
N THR D 363 37.94 15.37 11.62
CA THR D 363 37.64 14.42 10.56
C THR D 363 38.59 13.22 10.61
N ILE D 364 39.84 13.44 11.01
CA ILE D 364 40.79 12.34 11.13
C ILE D 364 40.59 11.53 12.40
N TYR D 365 39.62 11.90 13.24
CA TYR D 365 39.31 11.13 14.44
C TYR D 365 38.24 10.07 14.22
N ILE D 366 37.45 10.19 13.15
CA ILE D 366 36.40 9.23 12.86
C ILE D 366 36.85 8.14 11.88
N ILE D 367 38.00 8.31 11.24
CA ILE D 367 38.51 7.33 10.28
C ILE D 367 39.03 6.09 11.00
N PRO D 368 39.94 6.20 11.98
CA PRO D 368 40.43 5.01 12.68
C PRO D 368 39.69 4.67 13.97
N GLY D 369 38.65 5.39 14.31
CA GLY D 369 37.93 5.15 15.56
C GLY D 369 36.42 5.18 15.34
N ASP D 370 35.73 4.26 16.01
CA ASP D 370 34.28 4.17 15.93
C ASP D 370 33.66 5.06 17.01
N ILE D 371 32.34 4.96 17.17
CA ILE D 371 31.66 5.76 18.19
C ILE D 371 31.94 5.23 19.59
N ASN D 372 32.38 3.98 19.71
CA ASN D 372 32.71 3.42 21.01
C ASN D 372 34.17 3.63 21.39
N SER D 373 35.06 3.71 20.41
CA SER D 373 36.47 3.93 20.67
C SER D 373 36.81 5.39 20.93
N LEU D 374 35.85 6.29 20.81
CA LEU D 374 36.08 7.71 21.08
C LEU D 374 35.53 8.18 22.41
N VAL D 375 34.50 7.50 22.95
CA VAL D 375 33.96 7.89 24.24
C VAL D 375 34.96 7.59 25.35
N ASN D 376 35.58 6.41 25.32
CA ASN D 376 36.63 6.06 26.27
C ASN D 376 37.94 6.79 25.97
N TYR D 377 38.06 7.42 24.81
CA TYR D 377 39.21 8.24 24.48
C TYR D 377 39.07 9.67 24.95
N PHE D 378 37.85 10.22 24.95
CA PHE D 378 37.63 11.58 25.43
C PHE D 378 37.46 11.61 26.95
N SER D 379 36.72 10.65 27.50
CA SER D 379 36.50 10.60 28.94
C SER D 379 37.77 10.27 29.72
N PHE D 380 38.77 9.68 29.06
CA PHE D 380 40.04 9.40 29.74
C PHE D 380 40.79 10.69 30.04
N ALA D 381 40.99 11.52 29.02
CA ALA D 381 41.71 12.77 29.22
C ALA D 381 40.86 13.79 29.99
N ALA D 382 39.54 13.76 29.79
CA ALA D 382 38.68 14.72 30.47
C ALA D 382 38.69 14.48 31.98
N TRP D 383 38.48 13.24 32.40
CA TRP D 383 38.46 12.93 33.83
C TRP D 383 39.84 12.97 34.45
N LEU D 384 40.89 12.84 33.62
CA LEU D 384 42.25 12.99 34.14
C LEU D 384 42.50 14.41 34.62
N PHE D 385 42.02 15.40 33.86
CA PHE D 385 42.17 16.78 34.28
C PHE D 385 41.11 17.18 35.31
N TYR D 386 39.98 16.47 35.32
CA TYR D 386 38.98 16.72 36.35
C TYR D 386 39.52 16.34 37.73
N GLY D 387 40.23 15.22 37.81
CA GLY D 387 40.85 14.84 39.07
C GLY D 387 41.92 15.81 39.52
N LEU D 388 42.69 16.33 38.56
CA LEU D 388 43.70 17.33 38.90
C LEU D 388 43.07 18.62 39.37
N THR D 389 41.87 18.93 38.88
CA THR D 389 41.16 20.12 39.33
C THR D 389 40.68 19.96 40.76
N ILE D 390 40.16 18.78 41.11
CA ILE D 390 39.74 18.52 42.48
C ILE D 390 40.94 18.46 43.41
N LEU D 391 42.04 17.87 42.93
CA LEU D 391 43.26 17.80 43.74
C LEU D 391 43.84 19.19 43.96
N GLY D 392 43.70 20.08 42.99
CA GLY D 392 44.18 21.44 43.17
C GLY D 392 43.39 22.21 44.20
N LEU D 393 42.11 21.88 44.36
CA LEU D 393 41.28 22.55 45.36
C LEU D 393 41.68 22.13 46.77
N ILE D 394 41.99 20.84 46.95
CA ILE D 394 42.39 20.36 48.27
C ILE D 394 43.71 20.97 48.69
N VAL D 395 44.68 21.02 47.77
CA VAL D 395 45.98 21.61 48.05
C VAL D 395 45.91 23.13 47.91
N ILE D 413 32.34 12.88 53.17
CA ILE D 413 32.32 13.17 51.74
C ILE D 413 33.72 13.10 51.12
N PRO D 414 34.72 13.79 51.69
CA PRO D 414 36.05 13.72 51.07
C PRO D 414 36.69 12.35 51.19
N VAL D 415 36.34 11.58 52.22
CA VAL D 415 36.88 10.24 52.37
C VAL D 415 36.34 9.32 51.27
N LEU D 416 35.14 9.60 50.79
CA LEU D 416 34.55 8.80 49.71
C LEU D 416 34.88 9.36 48.34
N MET D 417 34.97 10.68 48.22
CA MET D 417 35.30 11.29 46.93
C MET D 417 36.72 10.94 46.50
N THR D 418 37.62 10.72 47.45
CA THR D 418 39.00 10.38 47.11
C THR D 418 39.16 8.91 46.77
N LEU D 419 38.50 8.02 47.52
CA LEU D 419 38.62 6.59 47.28
C LEU D 419 37.94 6.19 45.97
N ILE D 420 36.92 6.95 45.55
CA ILE D 420 36.23 6.63 44.30
C ILE D 420 36.91 7.28 43.10
N SER D 421 37.67 8.35 43.32
CA SER D 421 38.37 8.99 42.20
C SER D 421 39.64 8.24 41.81
N VAL D 422 40.34 7.66 42.79
CA VAL D 422 41.54 6.90 42.48
C VAL D 422 41.17 5.60 41.76
N PHE D 423 40.00 5.04 42.07
CA PHE D 423 39.55 3.83 41.39
C PHE D 423 39.20 4.12 39.94
N LEU D 424 38.60 5.30 39.68
CA LEU D 424 38.23 5.67 38.31
C LEU D 424 39.44 5.90 37.42
N VAL D 425 40.63 6.07 37.99
CA VAL D 425 41.83 6.31 37.20
C VAL D 425 42.69 5.05 37.09
N LEU D 426 42.81 4.25 38.14
CA LEU D 426 43.64 3.06 38.12
C LEU D 426 42.96 1.86 37.47
N ALA D 427 41.63 1.89 37.34
CA ALA D 427 40.94 0.75 36.71
C ALA D 427 41.23 0.65 35.21
N PRO D 428 41.14 1.72 34.42
CA PRO D 428 41.52 1.59 33.00
C PRO D 428 43.00 1.33 32.79
N ILE D 429 43.85 1.67 33.76
CA ILE D 429 45.28 1.46 33.63
C ILE D 429 45.69 0.21 34.40
N TYR D 437 44.30 3.63 23.13
CA TYR D 437 45.13 3.99 24.26
C TYR D 437 46.56 4.28 23.82
N LEU D 438 47.00 3.60 22.75
CA LEU D 438 48.36 3.81 22.25
C LEU D 438 48.51 5.18 21.61
N TYR D 439 47.45 5.74 21.05
CA TYR D 439 47.46 7.07 20.47
C TYR D 439 47.19 8.15 21.49
N CYS D 440 47.20 7.82 22.78
CA CYS D 440 46.94 8.78 23.85
C CYS D 440 48.17 9.07 24.71
N VAL D 441 49.03 8.08 24.93
CA VAL D 441 50.21 8.30 25.76
C VAL D 441 51.28 9.14 25.07
N LEU D 442 51.17 9.35 23.76
CA LEU D 442 52.13 10.17 23.01
C LEU D 442 51.62 11.60 22.85
N PHE D 443 50.55 11.95 23.55
CA PHE D 443 50.00 13.30 23.47
C PHE D 443 50.02 13.98 24.84
N ILE D 444 49.81 13.22 25.90
CA ILE D 444 49.79 13.77 27.25
C ILE D 444 51.08 13.49 28.00
N LEU D 445 51.83 12.47 27.59
CA LEU D 445 53.09 12.12 28.23
C LEU D 445 54.30 12.38 27.35
N SER D 446 54.08 12.81 26.11
CA SER D 446 55.19 13.06 25.19
C SER D 446 55.07 14.45 24.56
N GLY D 447 53.85 14.96 24.45
CA GLY D 447 53.66 16.24 23.78
C GLY D 447 54.27 17.41 24.54
N LEU D 448 53.99 17.51 25.83
CA LEU D 448 54.47 18.65 26.60
C LEU D 448 55.85 18.42 27.21
N LEU D 449 56.23 17.15 27.43
CA LEU D 449 57.53 16.88 28.03
C LEU D 449 58.67 17.29 27.09
N PHE D 450 58.39 17.36 25.79
CA PHE D 450 59.37 17.93 24.86
C PHE D 450 59.33 19.44 24.86
N TYR D 451 58.20 20.02 25.28
CA TYR D 451 58.04 21.48 25.35
C TYR D 451 58.60 22.01 26.66
N PHE D 452 58.35 21.30 27.75
CA PHE D 452 58.81 21.74 29.07
C PHE D 452 60.32 21.64 29.19
C1 NAG E . -9.87 -50.97 -12.85
C2 NAG E . -11.09 -51.90 -12.85
C3 NAG E . -11.29 -52.56 -14.16
C4 NAG E . -10.01 -53.09 -14.74
C5 NAG E . -8.97 -51.98 -14.91
C6 NAG E . -8.77 -51.72 -16.38
C7 NAG E . -12.04 -53.57 -11.14
C8 NAG E . -11.82 -54.65 -10.08
N2 NAG E . -10.88 -52.96 -11.80
O3 NAG E . -11.86 -51.60 -15.09
O4 NAG E . -9.49 -54.10 -13.88
O5 NAG E . -9.37 -50.73 -14.25
O6 NAG E . -7.40 -51.57 -16.64
O7 NAG E . -13.14 -53.23 -11.44
C1 NAG F . 30.34 -43.97 27.53
C2 NAG F . 31.00 -45.32 27.84
C3 NAG F . 32.18 -45.21 28.73
C4 NAG F . 33.16 -44.19 28.25
C5 NAG F . 32.51 -42.83 28.05
C6 NAG F . 33.50 -41.87 27.47
C7 NAG F . 29.12 -47.07 27.70
C8 NAG F . 28.10 -47.97 28.39
N2 NAG F . 29.99 -46.20 28.51
O3 NAG F . 32.85 -46.51 28.77
O4 NAG F . 34.21 -44.05 29.23
O5 NAG F . 31.36 -42.93 27.12
O6 NAG F . 33.33 -41.78 26.08
O7 NAG F . 29.23 -47.09 26.52
C1 NAG G . 19.64 -35.02 -19.51
C2 NAG G . 20.08 -36.46 -19.79
C3 NAG G . 19.41 -37.04 -20.99
C4 NAG G . 17.92 -36.90 -20.91
C5 NAG G . 17.50 -35.45 -20.71
C6 NAG G . 16.01 -35.39 -20.52
C7 NAG G . 22.45 -37.12 -19.07
C8 NAG G . 23.96 -37.13 -19.29
N2 NAG G . 21.56 -36.46 -20.02
O3 NAG G . 19.74 -38.46 -21.06
O4 NAG G . 17.35 -37.38 -22.13
O5 NAG G . 18.14 -34.85 -19.52
O6 NAG G . 15.70 -35.24 -19.17
O7 NAG G . 21.99 -37.65 -18.10
C1 NAG H . -13.35 -49.09 6.34
C2 NAG H . -11.87 -49.10 6.75
C3 NAG H . -11.49 -50.40 7.37
C4 NAG H . -12.37 -50.78 8.52
C5 NAG H . -13.86 -50.75 8.14
C6 NAG H . -14.67 -50.93 9.39
C7 NAG H . -9.70 -48.32 5.62
C8 NAG H . -8.86 -48.12 4.36
N2 NAG H . -11.05 -48.90 5.52
O3 NAG H . -10.11 -50.30 7.85
O4 NAG H . -12.03 -52.12 8.92
O5 NAG H . -14.23 -49.48 7.50
O6 NAG H . -14.01 -50.35 10.48
O7 NAG H . -9.27 -48.00 6.68
CA CA I . -11.93 -28.37 5.78
C1 NAG J . -32.86 -38.13 -17.80
C2 NAG J . -32.71 -39.43 -18.60
C3 NAG J . -33.39 -40.57 -17.93
C4 NAG J . -34.75 -40.22 -17.42
C5 NAG J . -34.70 -39.05 -16.43
C6 NAG J . -35.01 -39.55 -15.06
C7 NAG J . -32.84 -39.99 -21.10
C8 NAG J . -33.47 -39.78 -22.48
N2 NAG J . -33.34 -39.22 -19.95
O3 NAG J . -32.57 -41.01 -16.82
O4 NAG J . -35.59 -39.87 -18.52
O5 NAG J . -33.37 -38.39 -16.40
O6 NAG J . -35.88 -38.67 -14.41
O7 NAG J . -31.96 -40.76 -20.96
C1 NAG K . -44.10 14.90 -36.73
C2 NAG K . -45.40 14.89 -37.51
C3 NAG K . -45.88 16.25 -37.89
C4 NAG K . -45.93 17.18 -36.72
C5 NAG K . -44.58 17.24 -36.01
C6 NAG K . -44.71 18.09 -34.78
C7 NAG K . -45.45 12.67 -38.81
C8 NAG K . -45.24 11.88 -40.11
N2 NAG K . -45.19 14.11 -38.79
O3 NAG K . -47.23 16.14 -38.45
O4 NAG K . -46.27 18.49 -37.17
O5 NAG K . -44.13 15.89 -35.59
O6 NAG K . -44.87 17.29 -33.65
O7 NAG K . -45.83 12.11 -37.84
C1 NAG L . -42.69 -13.20 3.44
C2 NAG L . -44.08 -13.72 3.05
C3 NAG L . -44.35 -15.10 3.53
C4 NAG L . -43.26 -16.05 3.17
C5 NAG L . -41.90 -15.55 3.67
C6 NAG L . -40.83 -16.49 3.17
C7 NAG L . -45.92 -11.97 2.70
C8 NAG L . -46.98 -11.03 3.27
N2 NAG L . -45.11 -12.80 3.61
O3 NAG L . -45.59 -15.57 2.93
O4 NAG L . -43.53 -17.32 3.77
O5 NAG L . -41.59 -14.20 3.18
O6 NAG L . -40.17 -15.92 2.07
O7 NAG L . -45.76 -12.05 1.53
C1 NAG M . -24.35 -29.62 -33.26
C2 NAG M . -25.22 -28.37 -33.23
C3 NAG M . -26.24 -28.38 -34.31
C4 NAG M . -25.63 -28.58 -35.67
C5 NAG M . -24.74 -29.81 -35.72
C6 NAG M . -24.01 -29.82 -37.04
C7 NAG M . -26.39 -27.06 -31.35
C8 NAG M . -27.12 -27.03 -30.01
N2 NAG M . -25.94 -28.33 -31.91
O3 NAG M . -26.95 -27.11 -34.31
O4 NAG M . -26.70 -28.75 -36.62
O5 NAG M . -23.75 -29.83 -34.64
O6 NAG M . -23.76 -28.50 -37.44
O7 NAG M . -26.18 -26.04 -31.93
CA CA N . -10.61 -19.09 -21.56
#